data_6Z8O
#
_entry.id   6Z8O
#
_cell.length_a   63.716
_cell.length_b   97.022
_cell.length_c   121.318
_cell.angle_alpha   90.000
_cell.angle_beta   104.656
_cell.angle_gamma   90.000
#
_symmetry.space_group_name_H-M   'P 1 21 1'
#
loop_
_entity.id
_entity.type
_entity.pdbx_description
1 polymer 'Periplasmic [NiFeSe] hydrogenase, small subunit'
2 polymer 'Periplasmic [NiFeSe] hydrogenase, large subunit, selenocysteine-containing'
3 non-polymer 'IRON/SULFUR CLUSTER'
4 non-polymer 'oxygen-damaged SF4'
5 non-polymer KRYPTON
6 non-polymer 'CARBONMONOXIDE-(DICYANO) IRON'
7 non-polymer 'NICKEL (II) ION'
8 non-polymer 'FE (II) ION'
9 non-polymer 'HYDROSULFURIC ACID'
10 non-polymer 'CHLORIDE ION'
11 water water
#
loop_
_entity_poly.entity_id
_entity_poly.type
_entity_poly.pdbx_seq_one_letter_code
_entity_poly.pdbx_strand_id
1 'polypeptide(L)'
;GTLTGERPPVFWLQGQGCTGCSVTLLNSVHPSIADVLLKVISLEFHPTVMAWEGEHAIEHMRKVAEKFKGKFFLVIEGSV
PVEADGKYCIIGEANHHEISMVDALKEFGPNAAAVLAVGTCAAYGGIPAAEGSETGATAVSKFLGDNGIKTPVVNIPGCP
PHPDWIVGTVVLALDAIKKNGLEGGLAEVVKVLDSDGRPTPFFGRNIHENCPYLDKYDEGVMSATFTDKVGCRYDLGCKG
PMTMADCFERKWNGGVNWCVQNAVCIGCVEPDFPDGKSPFYQA
;
A,C
2 'polypeptide(L)'
;GATGRTTIAIDPVTRIEGHLKAEVVVENGKVVDARLSGGMYRGFETILRGRDPRDASQIVQRICGVCPTAHSTASVLALD
EAFGAKVPNNGRITRNLIFGANYLQSHILHFYHLSAQDFVQGPDTAPFVPRFPKSDLRLSKELNKAGVDQYIEALEVRRI
CHEMVALFGGRMPHVQGQVVGGATEIPTKEKLVEYAARFKKVRDFVEQKYVPVVYTIGSKYKDMFKVGQGFKAALCVGAF
PLDNSGKKHLFMPGVYAKGKDMPFDPSKIKEYVKYSWFAEETTGLNYKEGKTIPAPDKAGAYSFVKAPRYDGLSLEVGPL
ARMWVNNPELSPVGKKLLKDLFGISAKKFRDLGEEAAFSLMGRHVARAEETYYMLGAIEGWLKEIKAGEDTVVMPAVPAS
AEGTGFTEAPRGSLLHYVKVKDSKIDNYQIVSASLWNCNPRDDMGQRGAVEEALIGIPVDDIQNPVNVARLIRAFDPULA
CAVH
;
B,D
#
# COMPACT_ATOMS: atom_id res chain seq x y z
N ARG A 7 -29.46 10.71 30.15
CA ARG A 7 -29.56 10.36 28.74
C ARG A 7 -31.00 9.96 28.43
N PRO A 8 -31.65 10.61 27.47
CA PRO A 8 -33.06 10.31 27.20
C PRO A 8 -33.20 8.98 26.46
N PRO A 9 -34.33 8.29 26.63
CA PRO A 9 -34.48 6.96 26.07
C PRO A 9 -34.89 7.02 24.61
N VAL A 10 -34.28 6.17 23.79
CA VAL A 10 -34.54 6.16 22.36
C VAL A 10 -34.94 4.76 21.91
N PHE A 11 -36.03 4.68 21.15
CA PHE A 11 -36.43 3.47 20.45
C PHE A 11 -36.16 3.67 18.96
N TRP A 12 -35.57 2.66 18.33
CA TRP A 12 -35.24 2.70 16.91
C TRP A 12 -36.01 1.58 16.22
N LEU A 13 -37.00 1.97 15.42
CA LEU A 13 -37.93 1.03 14.80
C LEU A 13 -37.73 1.03 13.29
N GLN A 14 -37.36 -0.11 12.74
CA GLN A 14 -37.24 -0.25 11.30
C GLN A 14 -38.55 -0.74 10.72
N GLY A 15 -38.88 -0.20 9.55
CA GLY A 15 -39.98 -0.72 8.75
C GLY A 15 -39.42 -1.14 7.41
N GLN A 16 -39.92 -0.55 6.33
CA GLN A 16 -39.46 -0.93 5.01
C GLN A 16 -38.11 -0.29 4.71
N GLY A 17 -37.16 -0.50 5.62
CA GLY A 17 -35.84 0.05 5.48
C GLY A 17 -34.89 -0.99 4.93
N CYS A 18 -33.75 -0.51 4.43
CA CYS A 18 -32.66 -1.37 4.01
C CYS A 18 -31.55 -1.44 5.05
N THR A 19 -31.85 -1.08 6.30
CA THR A 19 -30.86 -0.93 7.36
C THR A 19 -29.76 0.06 6.98
N GLY A 20 -30.00 0.91 5.99
CA GLY A 20 -29.00 1.90 5.61
C GLY A 20 -28.83 3.00 6.64
N CYS A 21 -29.92 3.46 7.23
N CYS A 21 -29.94 3.52 7.15
CA CYS A 21 -29.87 4.60 8.12
CA CYS A 21 -29.89 4.58 8.16
C CYS A 21 -29.34 4.25 9.51
C CYS A 21 -29.03 4.18 9.34
N SER A 22 -29.20 2.96 9.83
CA SER A 22 -28.40 2.52 10.97
C SER A 22 -26.93 2.49 10.61
N VAL A 23 -26.60 1.99 9.42
CA VAL A 23 -25.20 1.75 9.06
C VAL A 23 -24.46 3.07 8.89
N THR A 24 -25.07 4.01 8.17
CA THR A 24 -24.43 5.32 8.03
C THR A 24 -24.19 5.97 9.39
N LEU A 25 -25.04 5.69 10.38
CA LEU A 25 -24.84 6.26 11.70
C LEU A 25 -23.63 5.65 12.40
N LEU A 26 -23.34 4.38 12.12
CA LEU A 26 -22.15 3.76 12.69
C LEU A 26 -20.87 4.39 12.15
N ASN A 27 -20.94 5.14 11.06
CA ASN A 27 -19.76 5.80 10.51
C ASN A 27 -19.57 7.20 11.05
N SER A 28 -20.43 7.67 11.95
CA SER A 28 -20.22 8.97 12.56
C SER A 28 -18.83 8.98 13.18
N VAL A 29 -18.03 9.97 12.80
CA VAL A 29 -16.63 10.02 13.22
C VAL A 29 -16.51 10.70 14.56
N HIS A 30 -16.92 11.96 14.66
CA HIS A 30 -16.88 12.72 15.90
C HIS A 30 -18.25 13.35 16.09
N PRO A 31 -19.07 12.88 17.04
CA PRO A 31 -18.72 11.76 17.95
C PRO A 31 -18.79 10.40 17.27
N SER A 32 -17.86 9.50 17.60
CA SER A 32 -18.02 8.15 17.09
C SER A 32 -19.33 7.58 17.62
N ILE A 33 -19.80 6.50 17.00
CA ILE A 33 -21.09 5.96 17.42
C ILE A 33 -21.02 5.55 18.89
N ALA A 34 -19.86 5.04 19.32
CA ALA A 34 -19.72 4.60 20.70
C ALA A 34 -19.99 5.75 21.67
N ASP A 35 -19.48 6.95 21.37
CA ASP A 35 -19.74 8.09 22.25
C ASP A 35 -21.23 8.44 22.24
N VAL A 36 -21.83 8.46 21.05
CA VAL A 36 -23.26 8.70 20.93
C VAL A 36 -24.04 7.78 21.86
N LEU A 37 -23.70 6.49 21.85
CA LEU A 37 -24.53 5.50 22.55
C LEU A 37 -24.37 5.60 24.06
N LEU A 38 -23.15 5.89 24.54
CA LEU A 38 -22.86 5.82 25.96
C LEU A 38 -23.01 7.14 26.69
N LYS A 39 -22.91 8.27 25.98
CA LYS A 39 -22.87 9.59 26.61
C LYS A 39 -23.96 10.54 26.16
N VAL A 40 -24.60 10.28 25.02
CA VAL A 40 -25.60 11.18 24.46
C VAL A 40 -27.01 10.68 24.71
N ILE A 41 -27.30 9.43 24.31
CA ILE A 41 -28.62 8.85 24.38
C ILE A 41 -28.56 7.52 25.11
N SER A 42 -29.70 7.11 25.66
CA SER A 42 -29.91 5.73 26.08
C SER A 42 -30.69 5.04 24.97
N LEU A 43 -30.02 4.16 24.25
CA LEU A 43 -30.67 3.39 23.19
C LEU A 43 -31.33 2.18 23.83
N GLU A 44 -32.67 2.18 23.89
CA GLU A 44 -33.39 1.14 24.62
C GLU A 44 -33.94 0.05 23.72
N PHE A 45 -34.16 0.34 22.44
CA PHE A 45 -34.61 -0.69 21.52
C PHE A 45 -34.09 -0.37 20.12
N HIS A 46 -33.41 -1.35 19.53
CA HIS A 46 -32.92 -1.30 18.16
C HIS A 46 -32.74 -2.74 17.69
N PRO A 47 -33.62 -3.24 16.82
CA PRO A 47 -33.59 -4.68 16.54
C PRO A 47 -32.26 -5.19 16.02
N THR A 48 -31.39 -4.33 15.50
CA THR A 48 -30.18 -4.80 14.84
C THR A 48 -28.99 -4.93 15.78
N VAL A 49 -28.91 -4.13 16.84
CA VAL A 49 -27.72 -4.10 17.69
C VAL A 49 -27.96 -4.63 19.10
N MET A 50 -29.22 -4.80 19.51
CA MET A 50 -29.50 -5.01 20.91
C MET A 50 -29.35 -6.47 21.32
N ALA A 51 -29.08 -6.67 22.61
CA ALA A 51 -28.81 -8.00 23.13
C ALA A 51 -30.06 -8.87 23.14
N TRP A 52 -31.11 -8.42 23.81
CA TRP A 52 -32.28 -9.27 23.98
C TRP A 52 -33.07 -9.35 22.68
N GLU A 53 -34.06 -10.24 22.67
CA GLU A 53 -34.78 -10.56 21.43
C GLU A 53 -36.24 -10.86 21.75
N GLY A 54 -37.03 -11.00 20.69
CA GLY A 54 -38.34 -11.61 20.75
C GLY A 54 -39.30 -10.86 21.64
N GLU A 55 -40.27 -11.61 22.19
CA GLU A 55 -41.26 -10.99 23.06
C GLU A 55 -40.60 -10.28 24.24
N HIS A 56 -39.44 -10.77 24.67
CA HIS A 56 -38.70 -10.06 25.72
C HIS A 56 -38.29 -8.68 25.24
N ALA A 57 -37.77 -8.59 24.01
CA ALA A 57 -37.25 -7.33 23.52
C ALA A 57 -38.35 -6.29 23.34
N ILE A 58 -39.55 -6.72 22.96
CA ILE A 58 -40.68 -5.81 22.90
C ILE A 58 -41.11 -5.41 24.30
N GLU A 59 -41.23 -6.38 25.20
CA GLU A 59 -41.72 -6.07 26.53
C GLU A 59 -40.86 -5.01 27.19
N HIS A 60 -39.53 -5.12 27.08
CA HIS A 60 -38.68 -4.09 27.65
C HIS A 60 -38.99 -2.72 27.06
N MET A 61 -39.48 -2.67 25.83
CA MET A 61 -39.76 -1.37 25.22
C MET A 61 -41.05 -0.80 25.78
N ARG A 62 -42.13 -1.59 25.80
CA ARG A 62 -43.39 -1.12 26.35
C ARG A 62 -43.21 -0.65 27.78
N LYS A 63 -42.38 -1.36 28.56
CA LYS A 63 -42.06 -0.91 29.90
C LYS A 63 -41.45 0.49 29.87
N VAL A 64 -40.31 0.63 29.20
CA VAL A 64 -39.66 1.94 29.12
C VAL A 64 -40.61 2.96 28.51
N ALA A 65 -41.38 2.54 27.50
CA ALA A 65 -42.34 3.45 26.89
C ALA A 65 -43.38 3.91 27.91
N GLU A 66 -43.88 2.97 28.72
CA GLU A 66 -44.85 3.32 29.75
C GLU A 66 -44.18 4.04 30.91
N LYS A 67 -42.90 3.76 31.16
CA LYS A 67 -42.15 4.47 32.19
C LYS A 67 -41.99 5.94 31.84
N PHE A 68 -41.54 6.23 30.61
CA PHE A 68 -41.13 7.57 30.19
C PHE A 68 -42.12 8.20 29.21
N LYS A 69 -43.41 7.89 29.37
CA LYS A 69 -44.48 8.50 28.58
C LYS A 69 -44.23 9.97 28.36
N GLY A 70 -44.14 10.39 27.10
CA GLY A 70 -43.86 11.77 26.77
C GLY A 70 -42.40 12.15 26.83
N LYS A 71 -41.50 11.21 27.16
CA LYS A 71 -40.09 11.51 27.30
C LYS A 71 -39.17 10.57 26.52
N PHE A 72 -39.71 9.65 25.73
CA PHE A 72 -38.88 8.83 24.87
C PHE A 72 -38.89 9.38 23.45
N PHE A 73 -37.79 9.17 22.74
CA PHE A 73 -37.63 9.64 21.37
C PHE A 73 -37.72 8.45 20.44
N LEU A 74 -38.46 8.61 19.35
CA LEU A 74 -38.88 7.50 18.51
C LEU A 74 -38.32 7.67 17.11
N VAL A 75 -37.40 6.79 16.74
CA VAL A 75 -36.72 6.84 15.46
C VAL A 75 -37.36 5.83 14.52
N ILE A 76 -37.70 6.26 13.32
CA ILE A 76 -38.32 5.42 12.32
C ILE A 76 -37.41 5.41 11.10
N GLU A 77 -36.93 4.21 10.75
CA GLU A 77 -36.21 3.97 9.52
C GLU A 77 -37.12 3.18 8.59
N GLY A 78 -37.20 3.61 7.34
CA GLY A 78 -38.03 2.92 6.37
C GLY A 78 -39.48 3.39 6.42
N SER A 79 -40.18 3.17 5.32
CA SER A 79 -41.54 3.66 5.17
C SER A 79 -42.54 2.68 5.80
N VAL A 80 -43.80 3.10 5.87
CA VAL A 80 -44.83 2.38 6.61
C VAL A 80 -45.82 1.81 5.59
N PRO A 81 -45.81 0.48 5.34
CA PRO A 81 -46.69 -0.08 4.31
C PRO A 81 -48.08 -0.38 4.86
N VAL A 82 -49.07 0.42 4.45
CA VAL A 82 -50.39 0.30 5.05
C VAL A 82 -51.22 -0.79 4.40
N GLU A 83 -50.99 -1.08 3.12
CA GLU A 83 -51.78 -2.08 2.41
C GLU A 83 -51.80 -3.43 3.14
N ALA A 84 -52.70 -4.32 2.70
CA ALA A 84 -52.81 -5.68 3.24
C ALA A 84 -52.85 -5.66 4.77
N ASP A 85 -53.49 -4.64 5.32
CA ASP A 85 -53.71 -4.54 6.76
C ASP A 85 -52.39 -4.40 7.51
N GLY A 86 -51.34 -3.95 6.82
CA GLY A 86 -50.01 -3.83 7.38
C GLY A 86 -49.15 -5.07 7.25
N LYS A 87 -49.61 -6.09 6.53
CA LYS A 87 -48.90 -7.37 6.49
C LYS A 87 -47.54 -7.28 5.80
N TYR A 88 -47.33 -6.30 4.94
CA TYR A 88 -46.08 -6.18 4.21
C TYR A 88 -44.90 -5.75 5.08
N CYS A 89 -45.08 -5.63 6.39
CA CYS A 89 -43.99 -5.23 7.28
C CYS A 89 -44.38 -5.59 8.72
N ILE A 90 -44.11 -6.83 9.11
CA ILE A 90 -44.29 -7.27 10.48
C ILE A 90 -42.99 -7.10 11.24
N ILE A 91 -43.07 -6.55 12.45
CA ILE A 91 -41.88 -6.20 13.22
C ILE A 91 -41.70 -7.07 14.45
N GLY A 92 -42.74 -7.75 14.94
CA GLY A 92 -42.58 -8.49 16.18
C GLY A 92 -43.79 -9.32 16.50
N GLU A 93 -43.71 -10.00 17.65
CA GLU A 93 -44.85 -10.71 18.20
C GLU A 93 -44.75 -10.65 19.71
N ALA A 94 -45.86 -10.31 20.36
CA ALA A 94 -45.93 -10.25 21.81
C ALA A 94 -47.35 -10.58 22.24
N ASN A 95 -47.49 -11.49 23.20
CA ASN A 95 -48.79 -11.98 23.62
C ASN A 95 -49.50 -12.67 22.45
N HIS A 96 -48.73 -13.43 21.70
CA HIS A 96 -49.22 -14.25 20.59
C HIS A 96 -49.98 -13.44 19.54
N HIS A 97 -49.78 -12.12 19.49
CA HIS A 97 -50.31 -11.31 18.40
C HIS A 97 -49.17 -10.59 17.69
N GLU A 98 -49.17 -10.67 16.36
CA GLU A 98 -48.10 -10.12 15.54
C GLU A 98 -48.34 -8.64 15.29
N ILE A 99 -47.24 -7.89 15.19
CA ILE A 99 -47.27 -6.44 15.20
C ILE A 99 -46.81 -5.93 13.83
N SER A 100 -47.70 -5.22 13.15
CA SER A 100 -47.32 -4.52 11.94
C SER A 100 -46.55 -3.26 12.29
N MET A 101 -45.96 -2.63 11.27
CA MET A 101 -45.42 -1.31 11.50
C MET A 101 -46.56 -0.31 11.76
N VAL A 102 -47.69 -0.50 11.08
CA VAL A 102 -48.89 0.29 11.39
C VAL A 102 -49.25 0.16 12.86
N ASP A 103 -49.43 -1.08 13.33
CA ASP A 103 -49.76 -1.31 14.73
C ASP A 103 -48.77 -0.62 15.66
N ALA A 104 -47.48 -0.77 15.35
CA ALA A 104 -46.44 -0.24 16.24
C ALA A 104 -46.46 1.28 16.25
N LEU A 105 -46.52 1.89 15.06
CA LEU A 105 -46.52 3.35 14.99
C LEU A 105 -47.73 3.93 15.73
N LYS A 106 -48.87 3.21 15.74
CA LYS A 106 -50.02 3.62 16.53
C LYS A 106 -49.71 3.53 18.03
N GLU A 107 -49.27 2.36 18.48
CA GLU A 107 -49.00 2.18 19.91
C GLU A 107 -48.09 3.27 20.45
N PHE A 108 -46.98 3.54 19.76
CA PHE A 108 -45.90 4.33 20.33
C PHE A 108 -45.89 5.79 19.86
N GLY A 109 -46.30 6.06 18.63
CA GLY A 109 -46.25 7.39 18.08
C GLY A 109 -46.83 8.46 18.99
N PRO A 110 -48.04 8.24 19.49
CA PRO A 110 -48.71 9.28 20.30
C PRO A 110 -47.91 9.68 21.54
N ASN A 111 -47.28 8.70 22.19
CA ASN A 111 -46.72 8.87 23.52
C ASN A 111 -45.26 9.28 23.50
N ALA A 112 -44.78 9.81 22.38
CA ALA A 112 -43.39 10.15 22.22
C ALA A 112 -43.18 11.65 22.35
N ALA A 113 -42.02 12.03 22.91
CA ALA A 113 -41.62 13.43 22.89
C ALA A 113 -41.64 13.95 21.46
N ALA A 114 -40.94 13.24 20.57
CA ALA A 114 -40.87 13.59 19.16
C ALA A 114 -40.63 12.32 18.37
N VAL A 115 -40.73 12.44 17.05
CA VAL A 115 -40.52 11.32 16.15
C VAL A 115 -39.51 11.76 15.11
N LEU A 116 -38.42 11.02 14.99
CA LEU A 116 -37.38 11.30 14.01
C LEU A 116 -37.56 10.31 12.85
N ALA A 117 -38.00 10.82 11.70
CA ALA A 117 -38.06 10.03 10.47
C ALA A 117 -36.69 10.12 9.81
N VAL A 118 -35.98 8.99 9.76
CA VAL A 118 -34.62 8.97 9.24
C VAL A 118 -34.62 8.19 7.92
N GLY A 119 -33.80 8.66 6.98
CA GLY A 119 -33.84 8.20 5.61
C GLY A 119 -34.94 8.85 4.81
N THR A 120 -34.76 8.82 3.49
CA THR A 120 -35.77 9.37 2.59
C THR A 120 -37.00 8.46 2.54
N CYS A 121 -36.83 7.17 2.80
CA CYS A 121 -37.97 6.27 2.88
C CYS A 121 -38.94 6.71 3.96
N ALA A 122 -38.47 6.83 5.20
CA ALA A 122 -39.33 7.25 6.30
C ALA A 122 -39.88 8.66 6.06
N ALA A 123 -39.00 9.61 5.77
CA ALA A 123 -39.41 11.00 5.65
C ALA A 123 -40.46 11.16 4.55
N TYR A 124 -40.10 10.79 3.33
CA TYR A 124 -40.92 11.07 2.16
C TYR A 124 -41.49 9.83 1.49
N GLY A 125 -41.10 8.63 1.91
CA GLY A 125 -41.63 7.41 1.33
C GLY A 125 -40.64 6.71 0.41
N GLY A 126 -40.02 7.49 -0.48
CA GLY A 126 -38.89 7.00 -1.26
C GLY A 126 -39.17 5.73 -2.04
N ILE A 127 -38.17 4.85 -2.04
CA ILE A 127 -38.05 3.77 -3.02
C ILE A 127 -39.17 2.74 -2.90
N PRO A 128 -39.55 2.29 -1.71
CA PRO A 128 -40.68 1.35 -1.61
C PRO A 128 -42.01 2.00 -1.94
N ALA A 129 -42.06 3.32 -1.99
CA ALA A 129 -43.23 4.07 -2.39
C ALA A 129 -43.20 4.48 -3.86
N ALA A 130 -42.17 4.08 -4.60
CA ALA A 130 -41.93 4.59 -5.93
C ALA A 130 -42.78 3.88 -6.98
N GLU A 131 -42.66 4.35 -8.22
CA GLU A 131 -43.43 3.89 -9.37
C GLU A 131 -43.12 2.40 -9.59
N GLY A 132 -44.11 1.55 -9.36
CA GLY A 132 -43.94 0.10 -9.44
C GLY A 132 -44.14 -0.63 -8.13
N SER A 133 -44.53 0.08 -7.07
CA SER A 133 -44.71 -0.49 -5.75
C SER A 133 -46.19 -0.74 -5.51
N GLU A 134 -46.51 -1.83 -4.81
CA GLU A 134 -47.90 -2.17 -4.51
C GLU A 134 -48.07 -2.49 -3.04
N THR A 135 -47.35 -1.76 -2.18
CA THR A 135 -47.44 -1.94 -0.74
C THR A 135 -48.12 -0.79 -0.03
N GLY A 136 -48.41 0.31 -0.72
CA GLY A 136 -48.94 1.48 -0.03
C GLY A 136 -47.94 2.09 0.91
N ALA A 137 -46.65 1.92 0.62
CA ALA A 137 -45.60 2.46 1.46
C ALA A 137 -45.81 3.95 1.67
N THR A 138 -45.87 4.35 2.94
CA THR A 138 -46.22 5.71 3.33
C THR A 138 -45.13 6.33 4.17
N ALA A 139 -44.90 7.62 3.96
CA ALA A 139 -43.99 8.38 4.81
C ALA A 139 -44.55 8.46 6.23
N VAL A 140 -43.63 8.63 7.19
CA VAL A 140 -44.03 8.74 8.59
C VAL A 140 -45.01 9.89 8.78
N SER A 141 -44.56 11.12 8.51
CA SER A 141 -45.36 12.30 8.82
C SER A 141 -46.78 12.16 8.26
N LYS A 142 -46.92 11.65 7.05
CA LYS A 142 -48.27 11.50 6.49
C LYS A 142 -49.06 10.45 7.27
N PHE A 143 -48.43 9.30 7.55
CA PHE A 143 -49.12 8.26 8.30
C PHE A 143 -49.71 8.80 9.61
N LEU A 144 -48.92 9.57 10.37
CA LEU A 144 -49.36 9.99 11.70
C LEU A 144 -50.58 10.92 11.61
N GLY A 145 -50.49 11.98 10.81
CA GLY A 145 -51.63 12.85 10.64
C GLY A 145 -52.89 12.10 10.28
N ASP A 146 -52.79 11.19 9.30
CA ASP A 146 -53.94 10.42 8.84
C ASP A 146 -54.45 9.45 9.89
N ASN A 147 -53.81 9.37 11.06
CA ASN A 147 -54.34 8.60 12.18
C ASN A 147 -54.53 9.49 13.41
N GLY A 148 -54.65 10.80 13.21
CA GLY A 148 -54.97 11.74 14.28
C GLY A 148 -53.83 12.13 15.17
N ILE A 149 -52.75 11.35 15.20
CA ILE A 149 -51.63 11.63 16.09
C ILE A 149 -51.01 12.97 15.74
N LYS A 150 -50.71 13.75 16.77
CA LYS A 150 -50.16 15.10 16.62
C LYS A 150 -48.70 15.18 17.05
N THR A 151 -48.07 14.04 17.34
CA THR A 151 -46.68 14.06 17.79
C THR A 151 -45.80 14.81 16.79
N PRO A 152 -44.91 15.70 17.25
CA PRO A 152 -43.96 16.35 16.34
C PRO A 152 -43.08 15.35 15.60
N VAL A 153 -42.77 15.68 14.34
CA VAL A 153 -41.95 14.84 13.47
C VAL A 153 -40.84 15.70 12.87
N VAL A 154 -39.60 15.19 12.91
CA VAL A 154 -38.44 15.82 12.30
C VAL A 154 -37.93 14.86 11.24
N ASN A 155 -37.80 15.34 10.01
CA ASN A 155 -37.30 14.54 8.91
C ASN A 155 -35.81 14.78 8.74
N ILE A 156 -35.03 13.70 8.73
CA ILE A 156 -33.60 13.77 8.49
C ILE A 156 -33.32 12.92 7.25
N PRO A 157 -33.67 13.39 6.06
CA PRO A 157 -33.65 12.54 4.88
C PRO A 157 -32.23 12.32 4.37
N GLY A 158 -32.17 11.60 3.25
CA GLY A 158 -30.95 11.00 2.76
C GLY A 158 -31.27 9.58 2.35
N CYS A 159 -30.47 9.02 1.45
CA CYS A 159 -30.56 7.61 1.10
C CYS A 159 -29.15 7.09 0.83
N PRO A 160 -28.36 6.89 1.90
CA PRO A 160 -28.69 7.15 3.30
C PRO A 160 -28.36 8.57 3.71
N PRO A 161 -28.84 9.01 4.88
CA PRO A 161 -28.36 10.30 5.39
C PRO A 161 -26.92 10.19 5.85
N HIS A 162 -26.20 11.31 5.74
CA HIS A 162 -24.87 11.40 6.30
C HIS A 162 -24.95 11.30 7.82
N PRO A 163 -24.06 10.56 8.48
CA PRO A 163 -24.15 10.45 9.95
C PRO A 163 -24.31 11.80 10.62
N ASP A 164 -23.61 12.82 10.15
CA ASP A 164 -23.66 14.12 10.80
C ASP A 164 -25.06 14.71 10.76
N TRP A 165 -25.82 14.48 9.67
CA TRP A 165 -27.17 15.01 9.61
C TRP A 165 -28.05 14.43 10.71
N ILE A 166 -27.78 13.19 11.13
CA ILE A 166 -28.57 12.55 12.18
C ILE A 166 -28.07 13.01 13.54
N VAL A 167 -26.88 12.53 13.93
CA VAL A 167 -26.23 12.95 15.16
C VAL A 167 -26.48 14.45 15.34
N GLY A 168 -26.09 15.22 14.33
CA GLY A 168 -26.40 16.64 14.28
C GLY A 168 -27.81 16.97 14.72
N THR A 169 -28.81 16.26 14.20
CA THR A 169 -30.19 16.60 14.51
C THR A 169 -30.56 16.24 15.94
N VAL A 170 -30.02 15.12 16.46
CA VAL A 170 -30.33 14.74 17.84
C VAL A 170 -29.87 15.83 18.80
N VAL A 171 -28.59 16.17 18.73
CA VAL A 171 -27.97 17.18 19.58
C VAL A 171 -28.81 18.45 19.60
N LEU A 172 -28.87 19.15 18.46
CA LEU A 172 -29.52 20.45 18.36
C LEU A 172 -30.96 20.45 18.86
N ALA A 173 -31.50 19.26 19.16
CA ALA A 173 -32.82 19.14 19.79
C ALA A 173 -32.73 18.92 21.30
N LEU A 174 -31.77 18.10 21.75
CA LEU A 174 -31.52 18.00 23.18
C LEU A 174 -31.03 19.32 23.74
N ASP A 175 -30.10 19.98 23.03
CA ASP A 175 -29.66 21.32 23.44
C ASP A 175 -30.78 22.34 23.32
N ALA A 176 -31.71 22.14 22.39
CA ALA A 176 -32.90 22.99 22.39
C ALA A 176 -33.80 22.66 23.57
N ILE A 177 -33.70 21.45 24.10
CA ILE A 177 -34.52 21.05 25.23
C ILE A 177 -33.84 21.40 26.55
N LYS A 178 -32.52 21.18 26.65
CA LYS A 178 -31.80 21.69 27.80
C LYS A 178 -32.11 23.17 28.00
N LYS A 179 -31.88 23.99 26.98
CA LYS A 179 -32.06 25.43 27.17
C LYS A 179 -33.47 25.79 27.61
N ASN A 180 -34.50 25.23 26.95
CA ASN A 180 -35.88 25.72 27.11
C ASN A 180 -36.86 24.68 27.65
N GLY A 181 -36.39 23.58 28.22
CA GLY A 181 -37.30 22.51 28.59
C GLY A 181 -37.85 21.82 27.36
N LEU A 182 -38.74 20.85 27.60
CA LEU A 182 -39.12 19.95 26.51
C LEU A 182 -39.91 20.62 25.40
N GLU A 183 -41.23 20.78 25.56
CA GLU A 183 -42.01 21.40 24.49
C GLU A 183 -41.46 22.76 24.09
N GLY A 184 -40.63 23.38 24.92
CA GLY A 184 -39.96 24.60 24.50
C GLY A 184 -38.86 24.30 23.48
N GLY A 185 -37.99 23.33 23.80
CA GLY A 185 -37.01 22.90 22.83
C GLY A 185 -37.63 22.36 21.56
N LEU A 186 -38.72 21.60 21.71
CA LEU A 186 -39.39 21.03 20.54
C LEU A 186 -39.94 22.12 19.63
N ALA A 187 -40.41 23.23 20.21
CA ALA A 187 -40.84 24.35 19.37
C ALA A 187 -39.65 24.98 18.65
N GLU A 188 -38.53 25.15 19.36
CA GLU A 188 -37.32 25.64 18.71
C GLU A 188 -36.87 24.69 17.61
N VAL A 189 -36.99 23.39 17.85
CA VAL A 189 -36.61 22.39 16.85
C VAL A 189 -37.49 22.50 15.62
N VAL A 190 -38.81 22.61 15.82
CA VAL A 190 -39.72 22.74 14.69
C VAL A 190 -39.46 24.04 13.92
N LYS A 191 -38.87 25.06 14.57
CA LYS A 191 -38.68 26.34 13.92
C LYS A 191 -37.53 26.34 12.92
N VAL A 192 -36.52 25.49 13.11
CA VAL A 192 -35.33 25.48 12.25
C VAL A 192 -35.52 24.53 11.07
N LEU A 193 -36.77 24.22 10.74
CA LEU A 193 -37.11 23.33 9.64
C LEU A 193 -37.58 24.10 8.41
N ASP A 194 -37.16 23.65 7.23
CA ASP A 194 -37.71 24.18 5.99
C ASP A 194 -39.08 23.53 5.78
N SER A 195 -39.69 23.74 4.60
CA SER A 195 -41.06 23.27 4.38
C SER A 195 -41.16 21.75 4.33
N ASP A 196 -40.05 21.06 4.08
CA ASP A 196 -40.05 19.61 3.95
C ASP A 196 -39.66 18.90 5.24
N GLY A 197 -39.84 19.55 6.39
CA GLY A 197 -39.51 18.95 7.67
C GLY A 197 -38.03 18.68 7.89
N ARG A 198 -37.16 19.29 7.09
CA ARG A 198 -35.71 19.09 7.21
C ARG A 198 -35.07 20.20 8.04
N PRO A 199 -34.06 19.89 8.86
CA PRO A 199 -33.32 20.96 9.53
C PRO A 199 -32.48 21.75 8.54
N THR A 200 -32.64 23.08 8.57
CA THR A 200 -31.88 23.94 7.66
C THR A 200 -30.39 23.97 7.97
N PRO A 201 -29.93 23.62 9.17
CA PRO A 201 -28.47 23.49 9.36
C PRO A 201 -27.77 22.66 8.30
N PHE A 202 -28.44 21.61 7.81
CA PHE A 202 -27.84 20.64 6.90
C PHE A 202 -28.38 20.72 5.48
N PHE A 203 -29.68 21.00 5.33
CA PHE A 203 -30.35 20.99 4.03
C PHE A 203 -30.74 22.39 3.57
N GLY A 204 -30.18 23.43 4.20
CA GLY A 204 -30.51 24.80 3.86
C GLY A 204 -29.74 25.39 2.70
N ARG A 205 -28.72 24.68 2.20
CA ARG A 205 -27.92 25.15 1.07
C ARG A 205 -28.03 24.17 -0.08
N ASN A 206 -27.95 24.70 -1.29
CA ASN A 206 -28.06 23.91 -2.50
C ASN A 206 -26.69 23.41 -2.96
N ILE A 207 -26.68 22.24 -3.59
CA ILE A 207 -25.43 21.64 -4.06
C ILE A 207 -24.84 22.49 -5.19
N HIS A 208 -25.63 22.68 -6.25
CA HIS A 208 -25.19 23.43 -7.41
C HIS A 208 -24.59 24.78 -7.00
N GLU A 209 -25.40 25.60 -6.34
CA GLU A 209 -24.99 26.96 -5.97
C GLU A 209 -23.66 26.98 -5.24
N ASN A 210 -23.23 25.86 -4.66
CA ASN A 210 -21.96 25.78 -3.96
C ASN A 210 -21.03 24.74 -4.57
N CYS A 211 -21.38 24.19 -5.73
CA CYS A 211 -20.52 23.19 -6.33
C CYS A 211 -19.21 23.83 -6.76
N PRO A 212 -18.08 23.13 -6.61
CA PRO A 212 -16.81 23.67 -7.12
C PRO A 212 -16.65 23.57 -8.63
N TYR A 213 -17.50 22.81 -9.31
CA TYR A 213 -17.47 22.73 -10.77
C TYR A 213 -18.46 23.70 -11.39
N LEU A 214 -19.03 24.61 -10.60
CA LEU A 214 -20.00 25.56 -11.11
C LEU A 214 -19.42 26.40 -12.23
N ASP A 215 -18.13 26.74 -12.11
CA ASP A 215 -17.45 27.42 -13.21
C ASP A 215 -17.55 26.62 -14.50
N LYS A 216 -17.24 25.31 -14.44
CA LYS A 216 -17.34 24.48 -15.63
C LYS A 216 -18.77 24.45 -16.16
N TYR A 217 -19.75 24.48 -15.25
CA TYR A 217 -21.14 24.58 -15.65
C TYR A 217 -21.36 25.85 -16.48
N ASP A 218 -20.96 27.00 -15.93
CA ASP A 218 -21.19 28.26 -16.61
C ASP A 218 -20.40 28.36 -17.91
N GLU A 219 -19.20 27.79 -17.96
CA GLU A 219 -18.45 27.75 -19.22
C GLU A 219 -19.14 26.86 -20.26
N GLY A 220 -19.97 25.93 -19.83
CA GLY A 220 -20.51 24.93 -20.73
C GLY A 220 -19.54 23.84 -21.10
N VAL A 221 -18.53 23.60 -20.28
CA VAL A 221 -17.64 22.45 -20.43
C VAL A 221 -18.20 21.32 -19.57
N MET A 222 -18.56 20.22 -20.22
CA MET A 222 -19.15 19.07 -19.56
C MET A 222 -18.26 17.85 -19.78
N SER A 223 -18.36 16.89 -18.86
CA SER A 223 -17.61 15.65 -19.00
C SER A 223 -18.34 14.70 -19.93
N ALA A 224 -17.57 13.98 -20.75
CA ALA A 224 -18.12 13.01 -21.68
C ALA A 224 -18.05 11.59 -21.15
N THR A 225 -17.05 11.29 -20.33
CA THR A 225 -16.97 10.05 -19.58
C THR A 225 -16.92 10.39 -18.10
N PHE A 226 -17.39 9.46 -17.25
CA PHE A 226 -17.40 9.74 -15.82
C PHE A 226 -16.00 10.02 -15.30
N THR A 227 -15.02 9.22 -15.72
CA THR A 227 -13.68 9.32 -15.19
C THR A 227 -13.04 10.66 -15.49
N ASP A 228 -13.64 11.46 -16.36
CA ASP A 228 -13.17 12.82 -16.67
C ASP A 228 -13.62 13.75 -15.55
N LYS A 229 -12.71 14.06 -14.63
CA LYS A 229 -13.02 14.85 -13.45
C LYS A 229 -12.84 16.34 -13.71
N VAL A 230 -12.61 16.73 -14.97
CA VAL A 230 -12.32 18.12 -15.30
C VAL A 230 -13.60 18.95 -15.37
N GLY A 231 -14.61 18.44 -16.08
CA GLY A 231 -15.78 19.22 -16.41
C GLY A 231 -16.88 19.13 -15.37
N CYS A 232 -17.97 19.82 -15.66
CA CYS A 232 -19.19 19.69 -14.89
C CYS A 232 -19.90 18.41 -15.29
N ARG A 233 -20.67 17.86 -14.35
CA ARG A 233 -21.28 16.54 -14.53
C ARG A 233 -22.73 16.59 -15.01
N TYR A 234 -23.29 17.77 -15.25
CA TYR A 234 -24.70 17.88 -15.58
C TYR A 234 -25.12 16.94 -16.72
N ASP A 235 -24.28 16.81 -17.75
CA ASP A 235 -24.68 15.98 -18.89
C ASP A 235 -24.68 14.50 -18.54
N LEU A 236 -23.84 14.11 -17.59
CA LEU A 236 -23.86 12.74 -17.10
C LEU A 236 -25.06 12.46 -16.21
N GLY A 237 -25.77 13.51 -15.77
CA GLY A 237 -26.99 13.36 -15.01
C GLY A 237 -26.96 13.89 -13.59
N CYS A 238 -25.97 14.73 -13.25
CA CYS A 238 -25.94 15.30 -11.91
C CYS A 238 -27.25 16.03 -11.63
N LYS A 239 -27.74 15.88 -10.40
CA LYS A 239 -28.99 16.51 -9.98
C LYS A 239 -28.73 17.59 -8.94
N GLY A 240 -27.48 18.07 -8.82
CA GLY A 240 -27.18 19.17 -7.95
C GLY A 240 -28.07 20.37 -8.12
N PRO A 241 -28.47 20.72 -9.34
CA PRO A 241 -29.33 21.91 -9.51
C PRO A 241 -30.58 21.92 -8.64
N MET A 242 -31.20 20.77 -8.36
CA MET A 242 -32.46 20.74 -7.63
CA MET A 242 -32.47 20.72 -7.64
C MET A 242 -32.37 19.97 -6.31
N THR A 243 -31.16 19.87 -5.72
CA THR A 243 -30.95 19.17 -4.46
C THR A 243 -30.46 20.12 -3.39
N MET A 244 -30.97 19.93 -2.16
CA MET A 244 -30.69 20.80 -1.01
C MET A 244 -29.92 20.01 0.04
N ALA A 245 -28.59 20.12 0.06
CA ALA A 245 -27.82 19.39 1.05
C ALA A 245 -26.39 19.92 1.11
N ASP A 246 -25.76 19.78 2.29
CA ASP A 246 -24.41 20.28 2.52
C ASP A 246 -23.34 19.23 2.24
N CYS A 247 -23.52 18.34 1.27
CA CYS A 247 -22.52 17.31 1.03
C CYS A 247 -21.25 17.90 0.45
N PHE A 248 -21.37 18.99 -0.32
CA PHE A 248 -20.19 19.64 -0.89
C PHE A 248 -19.20 20.05 0.20
N GLU A 249 -19.71 20.38 1.39
CA GLU A 249 -18.83 20.83 2.47
C GLU A 249 -18.19 19.64 3.18
N ARG A 250 -19.01 18.85 3.88
CA ARG A 250 -18.50 17.84 4.79
C ARG A 250 -18.10 16.55 4.10
N LYS A 251 -18.61 16.30 2.90
CA LYS A 251 -18.24 15.10 2.15
C LYS A 251 -18.56 13.84 2.96
N TRP A 252 -18.12 12.69 2.48
CA TRP A 252 -18.63 11.41 2.96
C TRP A 252 -17.50 10.52 3.46
N ASN A 253 -17.84 9.67 4.43
CA ASN A 253 -16.92 8.67 4.95
C ASN A 253 -15.59 9.32 5.37
N GLY A 254 -15.70 10.13 6.41
CA GLY A 254 -14.53 10.84 6.90
C GLY A 254 -13.96 11.85 5.92
N GLY A 255 -14.72 12.22 4.91
CA GLY A 255 -14.27 13.21 3.94
C GLY A 255 -13.51 12.67 2.74
N VAL A 256 -13.50 11.35 2.52
CA VAL A 256 -12.61 10.75 1.53
C VAL A 256 -13.12 10.87 0.11
N ASN A 257 -14.32 11.40 -0.11
CA ASN A 257 -14.88 11.55 -1.45
C ASN A 257 -16.27 12.14 -1.32
N TRP A 258 -16.96 12.34 -2.43
CA TRP A 258 -18.41 12.52 -2.38
C TRP A 258 -18.97 12.37 -3.78
N CYS A 259 -20.30 12.47 -3.87
CA CYS A 259 -21.02 11.94 -5.02
C CYS A 259 -20.73 12.71 -6.31
N VAL A 260 -20.66 14.04 -6.25
CA VAL A 260 -20.39 14.80 -7.48
C VAL A 260 -18.97 14.54 -7.94
N GLN A 261 -18.01 14.57 -7.00
CA GLN A 261 -16.63 14.31 -7.35
C GLN A 261 -16.49 12.92 -7.96
N ASN A 262 -17.14 11.93 -7.35
CA ASN A 262 -16.96 10.54 -7.76
C ASN A 262 -17.71 10.19 -9.04
N ALA A 263 -18.94 10.67 -9.20
CA ALA A 263 -19.73 10.37 -10.39
C ALA A 263 -20.81 11.41 -10.60
N VAL A 264 -21.98 11.24 -9.97
CA VAL A 264 -23.06 12.22 -10.08
C VAL A 264 -23.79 12.31 -8.74
N CYS A 265 -24.59 13.36 -8.63
CA CYS A 265 -25.55 13.52 -7.54
C CYS A 265 -26.91 13.08 -8.04
N ILE A 266 -27.61 12.31 -7.21
CA ILE A 266 -28.94 11.82 -7.55
C ILE A 266 -30.00 12.46 -6.67
N GLY A 267 -29.62 13.48 -5.89
CA GLY A 267 -30.57 14.22 -5.08
C GLY A 267 -31.29 13.36 -4.07
N CYS A 268 -30.57 12.44 -3.42
CA CYS A 268 -31.23 11.45 -2.58
C CYS A 268 -31.97 12.08 -1.41
N VAL A 269 -31.64 13.33 -1.05
CA VAL A 269 -32.29 13.99 0.08
C VAL A 269 -33.65 14.59 -0.25
N GLU A 270 -34.09 14.52 -1.52
CA GLU A 270 -35.26 15.31 -1.88
C GLU A 270 -36.53 14.47 -1.74
N PRO A 271 -37.67 15.13 -1.51
CA PRO A 271 -38.93 14.38 -1.30
C PRO A 271 -39.33 13.49 -2.46
N ASP A 272 -39.05 13.89 -3.71
CA ASP A 272 -39.47 13.10 -4.84
C ASP A 272 -38.53 11.95 -5.16
N PHE A 273 -37.39 11.84 -4.48
CA PHE A 273 -36.49 10.75 -4.77
C PHE A 273 -37.24 9.43 -4.55
N PRO A 274 -37.07 8.45 -5.44
CA PRO A 274 -36.24 8.36 -6.66
C PRO A 274 -36.90 8.78 -7.97
N ASP A 275 -38.23 8.73 -8.03
CA ASP A 275 -38.92 8.85 -9.31
C ASP A 275 -38.67 10.21 -9.96
N GLY A 276 -38.81 11.29 -9.18
CA GLY A 276 -38.59 12.61 -9.73
C GLY A 276 -37.16 12.89 -10.14
N LYS A 277 -36.21 12.12 -9.60
CA LYS A 277 -34.80 12.30 -9.90
C LYS A 277 -34.28 11.30 -10.93
N SER A 278 -35.12 10.32 -11.38
CA SER A 278 -34.72 9.38 -12.42
C SER A 278 -35.12 9.90 -13.80
N PRO A 279 -34.37 9.58 -14.86
CA PRO A 279 -33.19 8.71 -14.85
C PRO A 279 -32.04 9.38 -14.13
N PHE A 280 -31.20 8.58 -13.47
CA PHE A 280 -30.13 9.15 -12.69
C PHE A 280 -28.98 9.65 -13.56
N TYR A 281 -28.84 9.09 -14.75
CA TYR A 281 -27.66 9.31 -15.58
C TYR A 281 -27.99 9.98 -16.92
N GLN A 282 -29.05 10.80 -16.96
CA GLN A 282 -29.27 11.71 -18.08
C GLN A 282 -29.71 13.07 -17.57
N ALA A 283 -29.28 14.11 -18.28
CA ALA A 283 -29.25 15.49 -17.79
C ALA A 283 -30.36 15.87 -16.80
N GLY B 4 -41.91 -33.34 26.19
CA GLY B 4 -43.05 -33.00 25.36
C GLY B 4 -42.75 -31.89 24.37
N ARG B 5 -43.77 -31.42 23.66
CA ARG B 5 -43.62 -30.49 22.56
C ARG B 5 -44.07 -29.09 22.95
N THR B 6 -43.11 -28.19 23.19
CA THR B 6 -43.37 -26.79 23.50
C THR B 6 -42.89 -25.92 22.34
N THR B 7 -43.71 -24.94 21.97
CA THR B 7 -43.43 -24.05 20.85
C THR B 7 -42.89 -22.73 21.38
N ILE B 8 -41.67 -22.37 20.96
CA ILE B 8 -41.10 -21.06 21.23
C ILE B 8 -41.18 -20.24 19.94
N ALA B 9 -41.41 -18.95 20.10
CA ALA B 9 -41.39 -18.02 18.97
C ALA B 9 -40.45 -16.88 19.31
N ILE B 10 -39.54 -16.57 18.38
CA ILE B 10 -38.64 -15.43 18.51
C ILE B 10 -38.95 -14.48 17.36
N ASP B 11 -39.63 -13.38 17.68
CA ASP B 11 -39.92 -12.32 16.72
C ASP B 11 -39.87 -10.99 17.45
N PRO B 12 -38.89 -10.11 17.16
CA PRO B 12 -37.87 -10.20 16.12
C PRO B 12 -36.59 -10.86 16.58
N VAL B 13 -35.97 -11.65 15.71
CA VAL B 13 -34.60 -12.08 15.91
C VAL B 13 -33.71 -10.86 15.77
N THR B 14 -33.02 -10.49 16.85
CA THR B 14 -32.18 -9.30 16.83
C THR B 14 -30.76 -9.66 16.44
N ARG B 15 -29.92 -8.64 16.34
CA ARG B 15 -28.54 -8.80 15.90
C ARG B 15 -28.48 -9.68 14.65
N ILE B 16 -29.36 -9.33 13.71
CA ILE B 16 -29.27 -9.72 12.31
C ILE B 16 -29.59 -8.44 11.54
N GLU B 17 -29.71 -8.54 10.24
CA GLU B 17 -30.24 -7.46 9.43
C GLU B 17 -31.63 -7.87 8.97
N GLY B 18 -32.63 -7.15 9.44
CA GLY B 18 -33.95 -7.20 8.86
C GLY B 18 -34.93 -7.94 9.74
N HIS B 19 -36.11 -8.16 9.17
CA HIS B 19 -37.25 -8.70 9.89
C HIS B 19 -37.26 -10.22 9.72
N LEU B 20 -37.00 -10.94 10.81
CA LEU B 20 -37.03 -12.40 10.80
C LEU B 20 -37.79 -12.88 12.02
N LYS B 21 -38.79 -13.72 11.81
CA LYS B 21 -39.36 -14.52 12.88
C LYS B 21 -38.89 -15.95 12.72
N ALA B 22 -38.45 -16.54 13.82
CA ALA B 22 -38.09 -17.95 13.88
C ALA B 22 -39.05 -18.64 14.83
N GLU B 23 -39.52 -19.81 14.44
CA GLU B 23 -40.44 -20.61 15.23
C GLU B 23 -39.86 -22.00 15.41
N VAL B 24 -39.64 -22.42 16.65
CA VAL B 24 -39.18 -23.77 16.92
C VAL B 24 -40.13 -24.49 17.87
N VAL B 25 -40.26 -25.80 17.65
CA VAL B 25 -40.97 -26.72 18.53
C VAL B 25 -39.92 -27.58 19.23
N VAL B 26 -40.04 -27.73 20.55
CA VAL B 26 -39.01 -28.37 21.37
C VAL B 26 -39.59 -29.57 22.08
N GLU B 27 -38.97 -30.74 21.89
CA GLU B 27 -39.21 -31.92 22.71
C GLU B 27 -37.86 -32.55 23.06
N ASN B 28 -37.74 -33.03 24.30
CA ASN B 28 -36.52 -33.69 24.79
C ASN B 28 -35.32 -32.72 24.83
N GLY B 29 -35.59 -31.42 24.97
CA GLY B 29 -34.50 -30.47 25.06
C GLY B 29 -33.73 -30.27 23.77
N LYS B 30 -34.37 -30.47 22.63
CA LYS B 30 -33.73 -30.25 21.33
C LYS B 30 -34.78 -29.73 20.37
N VAL B 31 -34.35 -28.94 19.40
CA VAL B 31 -35.25 -28.53 18.34
C VAL B 31 -35.58 -29.74 17.48
N VAL B 32 -36.84 -29.84 17.06
CA VAL B 32 -37.26 -30.91 16.17
C VAL B 32 -38.04 -30.40 14.96
N ASP B 33 -38.56 -29.18 14.99
CA ASP B 33 -39.06 -28.54 13.79
C ASP B 33 -38.89 -27.03 13.90
N ALA B 34 -38.68 -26.40 12.75
CA ALA B 34 -38.46 -24.96 12.67
C ALA B 34 -39.28 -24.38 11.53
N ARG B 35 -39.53 -23.08 11.63
CA ARG B 35 -40.19 -22.34 10.56
C ARG B 35 -39.66 -20.90 10.61
N LEU B 36 -39.16 -20.42 9.47
CA LEU B 36 -38.59 -19.09 9.36
C LEU B 36 -39.47 -18.21 8.51
N SER B 37 -39.84 -17.05 9.05
CA SER B 37 -40.74 -16.10 8.41
CA SER B 37 -40.73 -16.11 8.40
C SER B 37 -39.98 -14.81 8.10
N GLY B 38 -40.11 -14.33 6.88
CA GLY B 38 -39.60 -13.02 6.52
C GLY B 38 -40.78 -12.08 6.46
N GLY B 39 -40.84 -11.11 7.37
CA GLY B 39 -42.06 -10.39 7.65
C GLY B 39 -42.22 -9.05 6.99
N MET B 40 -41.30 -8.66 6.11
CA MET B 40 -41.34 -7.36 5.46
C MET B 40 -40.96 -7.50 4.00
N TYR B 41 -41.71 -6.84 3.13
CA TYR B 41 -41.60 -6.97 1.69
C TYR B 41 -41.70 -5.61 1.02
N ARG B 42 -40.86 -5.39 0.02
CA ARG B 42 -40.90 -4.17 -0.77
C ARG B 42 -41.13 -4.42 -2.25
N GLY B 43 -40.57 -5.48 -2.81
CA GLY B 43 -40.78 -5.81 -4.20
C GLY B 43 -39.99 -4.93 -5.16
N PHE B 44 -38.67 -4.89 -5.00
CA PHE B 44 -37.85 -4.22 -6.00
C PHE B 44 -38.02 -4.85 -7.37
N GLU B 45 -38.49 -6.09 -7.42
CA GLU B 45 -38.55 -6.82 -8.67
C GLU B 45 -39.64 -6.26 -9.59
N THR B 46 -40.68 -5.63 -9.03
CA THR B 46 -41.63 -4.88 -9.83
C THR B 46 -41.28 -3.39 -9.92
N ILE B 47 -40.85 -2.79 -8.81
CA ILE B 47 -40.45 -1.39 -8.80
C ILE B 47 -39.49 -1.09 -9.94
N LEU B 48 -38.57 -2.00 -10.23
CA LEU B 48 -37.54 -1.73 -11.22
C LEU B 48 -38.08 -1.76 -12.65
N ARG B 49 -39.26 -2.33 -12.87
CA ARG B 49 -39.78 -2.48 -14.21
C ARG B 49 -40.11 -1.12 -14.82
N GLY B 50 -39.70 -0.92 -16.07
CA GLY B 50 -40.02 0.27 -16.84
C GLY B 50 -38.95 1.33 -16.86
N ARG B 51 -37.87 1.17 -16.11
CA ARG B 51 -36.87 2.21 -15.93
C ARG B 51 -35.73 2.05 -16.91
N ASP B 52 -35.08 3.18 -17.23
CA ASP B 52 -33.78 3.15 -17.86
C ASP B 52 -32.96 2.06 -17.20
N PRO B 53 -32.38 1.13 -17.95
CA PRO B 53 -31.62 0.04 -17.30
C PRO B 53 -30.53 0.55 -16.38
N ARG B 54 -29.94 1.69 -16.69
CA ARG B 54 -28.83 2.22 -15.89
C ARG B 54 -29.28 2.74 -14.53
N ASP B 55 -30.59 2.84 -14.29
CA ASP B 55 -31.05 3.17 -12.96
C ASP B 55 -30.83 2.00 -12.00
N ALA B 56 -30.89 0.78 -12.51
CA ALA B 56 -30.77 -0.40 -11.66
C ALA B 56 -29.54 -0.32 -10.75
N SER B 57 -28.42 0.17 -11.28
CA SER B 57 -27.19 0.14 -10.51
C SER B 57 -27.26 0.99 -9.24
N GLN B 58 -28.26 1.87 -9.12
CA GLN B 58 -28.53 2.56 -7.86
C GLN B 58 -29.69 1.93 -7.10
N ILE B 59 -30.84 1.76 -7.76
CA ILE B 59 -32.03 1.25 -7.07
C ILE B 59 -31.70 0.01 -6.27
N VAL B 60 -30.96 -0.93 -6.87
CA VAL B 60 -30.88 -2.26 -6.28
C VAL B 60 -29.97 -2.27 -5.06
N GLN B 61 -29.15 -1.24 -4.86
CA GLN B 61 -28.40 -1.17 -3.61
C GLN B 61 -29.33 -0.89 -2.43
N ARG B 62 -30.41 -0.14 -2.65
CA ARG B 62 -31.32 0.17 -1.56
C ARG B 62 -32.11 -1.05 -1.09
N ILE B 63 -31.94 -2.18 -1.74
CA ILE B 63 -32.38 -3.46 -1.20
C ILE B 63 -31.81 -3.65 0.20
N CYS B 64 -30.49 -3.59 0.31
CA CYS B 64 -29.78 -3.78 1.57
C CYS B 64 -28.73 -2.71 1.82
N GLY B 65 -28.67 -2.26 3.07
CA GLY B 65 -27.76 -1.20 3.45
C GLY B 65 -26.38 -1.67 3.89
N VAL B 66 -26.27 -2.98 4.12
CA VAL B 66 -25.04 -3.58 4.61
C VAL B 66 -24.15 -4.03 3.46
N CYS B 67 -24.77 -4.65 2.47
CA CYS B 67 -24.12 -5.24 1.31
C CYS B 67 -24.60 -4.60 0.01
N PRO B 68 -24.61 -3.27 -0.09
CA PRO B 68 -25.04 -2.66 -1.35
C PRO B 68 -24.07 -2.88 -2.51
N THR B 69 -22.76 -2.99 -2.24
CA THR B 69 -21.81 -3.16 -3.32
C THR B 69 -21.89 -4.54 -3.95
N ALA B 70 -22.33 -5.54 -3.18
CA ALA B 70 -22.64 -6.83 -3.78
C ALA B 70 -23.79 -6.70 -4.78
N HIS B 71 -24.74 -5.81 -4.49
CA HIS B 71 -25.86 -5.58 -5.41
C HIS B 71 -25.44 -4.72 -6.59
N SER B 72 -24.80 -3.58 -6.34
CA SER B 72 -24.24 -2.80 -7.44
C SER B 72 -23.42 -3.70 -8.37
N THR B 73 -22.63 -4.60 -7.78
CA THR B 73 -21.75 -5.44 -8.58
C THR B 73 -22.54 -6.46 -9.41
N ALA B 74 -23.41 -7.23 -8.77
CA ALA B 74 -24.26 -8.14 -9.52
C ALA B 74 -24.96 -7.39 -10.64
N SER B 75 -25.44 -6.19 -10.34
CA SER B 75 -26.25 -5.44 -11.28
C SER B 75 -25.47 -5.03 -12.52
N VAL B 76 -24.34 -4.33 -12.33
CA VAL B 76 -23.57 -3.87 -13.49
C VAL B 76 -23.11 -5.05 -14.32
N LEU B 77 -22.75 -6.17 -13.68
CA LEU B 77 -22.37 -7.35 -14.42
C LEU B 77 -23.46 -7.73 -15.40
N ALA B 78 -24.70 -7.80 -14.93
CA ALA B 78 -25.83 -8.05 -15.83
C ALA B 78 -25.93 -6.99 -16.91
N LEU B 79 -26.00 -5.71 -16.51
CA LEU B 79 -26.05 -4.62 -17.49
C LEU B 79 -24.90 -4.72 -18.49
N ASP B 80 -23.68 -4.94 -18.00
CA ASP B 80 -22.54 -5.14 -18.89
C ASP B 80 -22.90 -6.13 -20.00
N GLU B 81 -23.36 -7.32 -19.61
CA GLU B 81 -23.77 -8.31 -20.60
C GLU B 81 -24.86 -7.76 -21.51
N ALA B 82 -25.89 -7.13 -20.94
CA ALA B 82 -27.02 -6.68 -21.74
C ALA B 82 -26.63 -5.55 -22.69
N PHE B 83 -25.73 -4.65 -22.27
CA PHE B 83 -25.32 -3.54 -23.13
C PHE B 83 -24.21 -3.94 -24.10
N GLY B 84 -23.58 -5.10 -23.91
CA GLY B 84 -22.39 -5.42 -24.68
C GLY B 84 -21.19 -4.58 -24.35
N ALA B 85 -21.08 -4.13 -23.09
CA ALA B 85 -19.96 -3.27 -22.73
C ALA B 85 -18.73 -4.10 -22.41
N LYS B 86 -17.56 -3.53 -22.71
CA LYS B 86 -16.27 -4.09 -22.39
C LYS B 86 -15.69 -3.26 -21.26
N VAL B 87 -15.48 -3.88 -20.10
CA VAL B 87 -15.01 -3.16 -18.92
C VAL B 87 -13.49 -3.02 -19.00
N PRO B 88 -12.95 -1.81 -19.04
CA PRO B 88 -11.49 -1.64 -19.03
C PRO B 88 -10.85 -2.50 -17.95
N ASN B 89 -9.70 -3.10 -18.29
CA ASN B 89 -8.97 -3.89 -17.30
C ASN B 89 -8.80 -3.13 -15.99
N ASN B 90 -8.43 -1.85 -16.06
CA ASN B 90 -8.19 -1.12 -14.83
C ASN B 90 -9.50 -0.75 -14.13
N GLY B 91 -10.61 -0.78 -14.86
CA GLY B 91 -11.90 -0.68 -14.19
C GLY B 91 -12.24 -1.94 -13.41
N ARG B 92 -12.02 -3.11 -14.02
CA ARG B 92 -12.25 -4.37 -13.34
C ARG B 92 -11.63 -4.39 -11.94
N ILE B 93 -10.36 -3.99 -11.85
CA ILE B 93 -9.67 -4.02 -10.56
C ILE B 93 -10.33 -3.03 -9.60
N THR B 94 -10.50 -1.78 -10.04
CA THR B 94 -11.14 -0.78 -9.21
C THR B 94 -12.45 -1.32 -8.62
N ARG B 95 -13.22 -2.05 -9.41
CA ARG B 95 -14.47 -2.63 -8.90
C ARG B 95 -14.18 -3.61 -7.78
N ASN B 96 -13.20 -4.48 -7.97
CA ASN B 96 -12.86 -5.47 -6.95
C ASN B 96 -12.37 -4.79 -5.68
N LEU B 97 -11.70 -3.64 -5.81
CA LEU B 97 -11.24 -2.90 -4.65
C LEU B 97 -12.39 -2.22 -3.90
N ILE B 98 -13.42 -1.77 -4.62
CA ILE B 98 -14.58 -1.18 -3.96
C ILE B 98 -15.37 -2.25 -3.22
N PHE B 99 -15.56 -3.41 -3.86
CA PHE B 99 -16.37 -4.48 -3.29
C PHE B 99 -15.62 -5.19 -2.16
N GLY B 100 -14.36 -5.56 -2.41
CA GLY B 100 -13.59 -6.27 -1.40
C GLY B 100 -13.55 -5.56 -0.06
N ALA B 101 -13.44 -4.24 -0.06
CA ALA B 101 -13.26 -3.52 1.20
C ALA B 101 -14.49 -3.65 2.09
N ASN B 102 -15.64 -4.02 1.53
CA ASN B 102 -16.86 -4.16 2.30
C ASN B 102 -17.10 -5.59 2.78
N TYR B 103 -16.58 -6.60 2.06
CA TYR B 103 -16.45 -7.92 2.65
C TYR B 103 -15.83 -7.82 4.04
N LEU B 104 -14.65 -7.19 4.10
CA LEU B 104 -13.98 -6.96 5.38
C LEU B 104 -14.91 -6.26 6.35
N GLN B 105 -15.56 -5.19 5.89
CA GLN B 105 -16.45 -4.43 6.76
C GLN B 105 -17.63 -5.28 7.20
N SER B 106 -18.22 -6.02 6.27
CA SER B 106 -19.38 -6.84 6.62
C SER B 106 -19.01 -7.91 7.64
N HIS B 107 -17.91 -8.63 7.39
CA HIS B 107 -17.56 -9.75 8.27
C HIS B 107 -17.12 -9.27 9.65
N ILE B 108 -16.35 -8.19 9.73
CA ILE B 108 -16.05 -7.64 11.06
C ILE B 108 -17.35 -7.24 11.75
N LEU B 109 -18.20 -6.53 11.02
CA LEU B 109 -19.48 -6.09 11.59
C LEU B 109 -20.26 -7.27 12.15
N HIS B 110 -20.39 -8.34 11.37
CA HIS B 110 -21.21 -9.45 11.80
C HIS B 110 -20.75 -9.99 13.15
N PHE B 111 -19.48 -10.43 13.22
CA PHE B 111 -19.04 -11.09 14.45
C PHE B 111 -19.13 -10.14 15.64
N TYR B 112 -18.46 -8.99 15.54
CA TYR B 112 -18.27 -8.15 16.70
C TYR B 112 -19.59 -7.58 17.19
N HIS B 113 -20.36 -7.00 16.28
CA HIS B 113 -21.51 -6.20 16.65
C HIS B 113 -22.83 -6.95 16.53
N LEU B 114 -22.87 -8.04 15.76
CA LEU B 114 -24.07 -8.88 15.68
C LEU B 114 -23.94 -10.15 16.52
N SER B 115 -22.94 -11.01 16.25
CA SER B 115 -22.88 -12.29 16.96
C SER B 115 -22.25 -12.17 18.35
N ALA B 116 -21.09 -11.52 18.45
CA ALA B 116 -20.22 -11.72 19.62
C ALA B 116 -21.00 -11.64 20.93
N GLN B 117 -22.04 -10.82 21.00
CA GLN B 117 -22.82 -10.74 22.22
C GLN B 117 -23.47 -12.08 22.57
N ASP B 118 -23.58 -12.99 21.60
CA ASP B 118 -23.92 -14.38 21.90
C ASP B 118 -22.97 -14.97 22.93
N PHE B 119 -21.77 -14.41 23.06
CA PHE B 119 -20.71 -15.00 23.85
C PHE B 119 -20.05 -14.01 24.79
N VAL B 120 -20.51 -12.77 24.80
CA VAL B 120 -19.83 -11.69 25.52
C VAL B 120 -20.88 -10.79 26.14
N GLN B 121 -20.70 -10.46 27.42
CA GLN B 121 -21.54 -9.51 28.12
C GLN B 121 -20.95 -8.12 27.93
N GLY B 122 -21.60 -7.30 27.10
CA GLY B 122 -21.23 -5.91 26.98
C GLY B 122 -21.32 -5.17 28.29
N PRO B 123 -21.39 -3.84 28.23
CA PRO B 123 -21.46 -3.04 29.46
C PRO B 123 -22.87 -3.00 30.05
N ASP B 124 -22.98 -2.29 31.17
CA ASP B 124 -24.26 -2.11 31.88
C ASP B 124 -24.93 -0.80 31.47
N THR B 125 -25.24 -0.73 30.18
CA THR B 125 -25.93 0.41 29.60
C THR B 125 -26.72 -0.12 28.41
N ALA B 126 -27.94 0.36 28.27
CA ALA B 126 -28.73 -0.07 27.13
C ALA B 126 -28.03 0.39 25.85
N PRO B 127 -28.01 -0.43 24.80
CA PRO B 127 -28.82 -1.63 24.54
C PRO B 127 -28.21 -2.99 24.88
N PHE B 128 -27.16 -3.04 25.70
CA PHE B 128 -26.52 -4.30 26.05
C PHE B 128 -27.11 -4.95 27.29
N VAL B 129 -28.07 -4.28 27.92
CA VAL B 129 -29.02 -4.91 28.84
C VAL B 129 -30.34 -4.18 28.69
N PRO B 130 -31.49 -4.81 28.99
CA PRO B 130 -31.68 -6.11 29.64
C PRO B 130 -31.53 -7.33 28.72
N ARG B 131 -30.92 -8.40 29.23
CA ARG B 131 -30.74 -9.63 28.45
C ARG B 131 -31.04 -10.86 29.30
N PHE B 132 -31.32 -11.97 28.60
CA PHE B 132 -31.66 -13.27 29.19
C PHE B 132 -30.91 -13.47 30.50
N PRO B 133 -31.59 -13.92 31.56
CA PRO B 133 -30.85 -14.25 32.80
C PRO B 133 -29.84 -15.37 32.61
N LYS B 134 -30.26 -16.50 32.06
CA LYS B 134 -29.39 -17.67 31.86
C LYS B 134 -28.91 -17.63 30.41
N SER B 135 -27.95 -16.74 30.16
CA SER B 135 -27.54 -16.42 28.80
C SER B 135 -26.53 -17.42 28.24
N ASP B 136 -25.75 -18.06 29.12
CA ASP B 136 -24.70 -19.00 28.72
C ASP B 136 -23.47 -18.25 28.20
N LEU B 137 -22.96 -17.30 28.98
CA LEU B 137 -21.79 -16.51 28.60
C LEU B 137 -20.60 -17.04 29.40
N ARG B 138 -19.79 -17.88 28.76
CA ARG B 138 -18.79 -18.69 29.46
C ARG B 138 -17.41 -18.07 29.50
N LEU B 139 -17.21 -16.86 28.99
CA LEU B 139 -15.87 -16.29 28.96
C LEU B 139 -15.49 -15.77 30.33
N SER B 140 -14.20 -15.82 30.64
CA SER B 140 -13.70 -15.28 31.89
C SER B 140 -13.97 -13.78 31.97
N LYS B 141 -13.92 -13.26 33.20
CA LYS B 141 -13.97 -11.82 33.37
C LYS B 141 -12.91 -11.13 32.53
N GLU B 142 -11.75 -11.78 32.35
CA GLU B 142 -10.69 -11.22 31.52
C GLU B 142 -10.99 -11.35 30.03
N LEU B 143 -11.24 -12.57 29.56
CA LEU B 143 -11.51 -12.76 28.13
C LEU B 143 -12.75 -11.97 27.71
N ASN B 144 -13.72 -11.84 28.61
CA ASN B 144 -14.93 -11.09 28.28
C ASN B 144 -14.64 -9.59 28.19
N LYS B 145 -13.84 -9.06 29.11
CA LYS B 145 -13.40 -7.67 28.98
C LYS B 145 -12.47 -7.47 27.79
N ALA B 146 -11.79 -8.52 27.32
CA ALA B 146 -11.06 -8.41 26.06
C ALA B 146 -12.03 -8.50 24.88
N GLY B 147 -13.04 -9.36 24.98
CA GLY B 147 -14.07 -9.38 23.97
C GLY B 147 -14.69 -8.02 23.77
N VAL B 148 -14.92 -7.29 24.87
CA VAL B 148 -15.55 -5.98 24.81
C VAL B 148 -14.61 -4.95 24.21
N ASP B 149 -13.36 -4.89 24.70
CA ASP B 149 -12.41 -3.91 24.19
C ASP B 149 -12.32 -3.93 22.66
N GLN B 150 -12.46 -5.12 22.06
CA GLN B 150 -12.29 -5.25 20.62
C GLN B 150 -13.53 -4.81 19.85
N TYR B 151 -14.72 -5.24 20.29
CA TYR B 151 -15.98 -4.72 19.79
C TYR B 151 -15.88 -3.20 19.63
N ILE B 152 -15.52 -2.52 20.71
CA ILE B 152 -15.37 -1.07 20.69
C ILE B 152 -14.38 -0.66 19.60
N GLU B 153 -13.39 -1.51 19.35
CA GLU B 153 -12.37 -1.24 18.34
C GLU B 153 -12.89 -1.51 16.93
N ALA B 154 -13.64 -2.59 16.75
CA ALA B 154 -14.26 -2.87 15.46
C ALA B 154 -15.12 -1.70 14.98
N LEU B 155 -15.64 -0.89 15.90
CA LEU B 155 -16.45 0.25 15.50
C LEU B 155 -15.68 1.18 14.60
N GLU B 156 -14.39 1.35 14.87
CA GLU B 156 -13.56 2.20 14.00
C GLU B 156 -12.92 1.43 12.84
N VAL B 157 -12.69 0.13 12.98
CA VAL B 157 -12.15 -0.62 11.85
C VAL B 157 -13.18 -0.70 10.73
N ARG B 158 -14.41 -1.10 11.06
CA ARG B 158 -15.44 -1.21 10.03
C ARG B 158 -15.77 0.17 9.47
N ARG B 159 -15.74 1.21 10.31
CA ARG B 159 -15.93 2.57 9.82
C ARG B 159 -14.87 2.95 8.81
N ILE B 160 -13.66 2.39 8.95
CA ILE B 160 -12.57 2.71 8.04
C ILE B 160 -12.76 1.97 6.72
N CYS B 161 -13.10 0.68 6.79
CA CYS B 161 -13.41 -0.07 5.59
C CYS B 161 -14.38 0.70 4.69
N HIS B 162 -15.33 1.42 5.30
CA HIS B 162 -16.25 2.23 4.52
C HIS B 162 -15.61 3.50 3.98
N GLU B 163 -14.41 3.86 4.44
CA GLU B 163 -13.66 4.92 3.79
C GLU B 163 -12.80 4.36 2.66
N MET B 164 -12.36 3.10 2.79
CA MET B 164 -11.74 2.40 1.67
C MET B 164 -12.71 2.27 0.51
N VAL B 165 -13.91 1.76 0.78
CA VAL B 165 -14.96 1.71 -0.22
C VAL B 165 -15.14 3.09 -0.84
N ALA B 166 -15.35 4.10 0.01
CA ALA B 166 -15.78 5.41 -0.45
C ALA B 166 -14.73 6.14 -1.28
N LEU B 167 -13.45 5.75 -1.18
CA LEU B 167 -12.42 6.44 -1.95
C LEU B 167 -12.71 6.33 -3.45
N PHE B 168 -13.00 5.12 -3.93
CA PHE B 168 -13.29 4.89 -5.34
C PHE B 168 -14.77 4.69 -5.63
N GLY B 169 -15.60 4.44 -4.61
CA GLY B 169 -17.02 4.30 -4.83
C GLY B 169 -17.81 5.58 -4.67
N GLY B 170 -17.26 6.55 -3.94
CA GLY B 170 -17.90 7.85 -3.80
C GLY B 170 -18.48 8.03 -2.41
N ARG B 171 -19.32 7.09 -1.99
CA ARG B 171 -19.78 7.03 -0.62
C ARG B 171 -20.14 5.61 -0.26
N MET B 172 -20.42 5.40 1.01
CA MET B 172 -20.91 4.15 1.56
C MET B 172 -21.66 4.49 2.86
N PRO B 173 -22.88 3.99 3.05
CA PRO B 173 -23.54 3.03 2.17
C PRO B 173 -24.03 3.64 0.87
N HIS B 174 -24.12 2.79 -0.15
CA HIS B 174 -24.68 3.13 -1.45
C HIS B 174 -23.69 3.90 -2.30
N VAL B 175 -22.77 3.14 -2.90
CA VAL B 175 -21.73 3.69 -3.74
C VAL B 175 -22.34 4.38 -4.95
N GLN B 176 -21.63 5.39 -5.44
CA GLN B 176 -21.90 6.04 -6.71
C GLN B 176 -20.97 5.58 -7.82
N GLY B 177 -19.94 4.81 -7.47
CA GLY B 177 -18.80 4.58 -8.34
C GLY B 177 -18.89 3.45 -9.33
N GLN B 178 -19.79 2.49 -9.10
CA GLN B 178 -19.90 1.34 -9.99
C GLN B 178 -21.07 1.56 -10.94
N VAL B 179 -20.79 1.50 -12.23
CA VAL B 179 -21.73 1.79 -13.28
C VAL B 179 -21.50 0.75 -14.37
N VAL B 180 -22.36 0.77 -15.38
CA VAL B 180 -22.14 -0.08 -16.55
C VAL B 180 -20.94 0.45 -17.31
N GLY B 181 -20.00 -0.44 -17.65
CA GLY B 181 -18.74 -0.08 -18.25
C GLY B 181 -17.56 -0.10 -17.31
N GLY B 182 -17.79 -0.01 -16.00
CA GLY B 182 -16.71 -0.18 -15.05
C GLY B 182 -16.88 0.61 -13.75
N ALA B 183 -15.94 1.51 -13.49
CA ALA B 183 -15.91 2.35 -12.30
C ALA B 183 -15.72 3.79 -12.72
N THR B 184 -16.39 4.72 -12.01
CA THR B 184 -16.49 6.10 -12.48
C THR B 184 -15.32 7.00 -12.06
N GLU B 185 -14.39 6.53 -11.23
CA GLU B 185 -13.26 7.34 -10.80
C GLU B 185 -11.98 6.54 -10.94
N ILE B 186 -10.99 7.12 -11.61
CA ILE B 186 -9.72 6.44 -11.81
C ILE B 186 -8.88 6.57 -10.55
N PRO B 187 -8.32 5.48 -10.03
CA PRO B 187 -7.43 5.59 -8.85
C PRO B 187 -6.22 6.47 -9.16
N THR B 188 -6.04 7.51 -8.36
CA THR B 188 -4.80 8.26 -8.38
C THR B 188 -3.78 7.61 -7.45
N LYS B 189 -2.50 7.83 -7.75
CA LYS B 189 -1.44 7.46 -6.82
C LYS B 189 -1.78 7.96 -5.41
N GLU B 190 -2.22 9.22 -5.32
CA GLU B 190 -2.53 9.82 -4.02
C GLU B 190 -3.51 8.94 -3.23
N LYS B 191 -4.63 8.57 -3.84
CA LYS B 191 -5.67 7.86 -3.10
C LYS B 191 -5.37 6.36 -2.94
N LEU B 192 -4.62 5.76 -3.87
CA LEU B 192 -4.16 4.40 -3.65
C LEU B 192 -3.32 4.28 -2.38
N VAL B 193 -2.69 5.38 -1.96
CA VAL B 193 -2.08 5.45 -0.64
C VAL B 193 -3.14 5.52 0.44
N GLU B 194 -4.04 6.50 0.33
CA GLU B 194 -5.15 6.65 1.27
C GLU B 194 -5.77 5.30 1.58
N TYR B 195 -6.03 4.52 0.54
CA TYR B 195 -6.57 3.17 0.69
C TYR B 195 -5.58 2.25 1.39
N ALA B 196 -4.33 2.23 0.90
CA ALA B 196 -3.33 1.33 1.47
C ALA B 196 -3.00 1.66 2.91
N ALA B 197 -3.01 2.94 3.28
CA ALA B 197 -2.79 3.31 4.67
C ALA B 197 -3.83 2.65 5.55
N ARG B 198 -5.10 2.93 5.26
CA ARG B 198 -6.21 2.28 5.98
C ARG B 198 -6.14 0.76 5.86
N PHE B 199 -5.85 0.24 4.66
CA PHE B 199 -5.81 -1.21 4.51
C PHE B 199 -4.84 -1.85 5.49
N LYS B 200 -3.72 -1.18 5.76
CA LYS B 200 -2.72 -1.76 6.66
C LYS B 200 -3.24 -1.81 8.09
N LYS B 201 -3.88 -0.74 8.55
CA LYS B 201 -4.52 -0.75 9.85
C LYS B 201 -5.52 -1.90 9.95
N VAL B 202 -6.24 -2.17 8.86
CA VAL B 202 -7.24 -3.24 8.87
C VAL B 202 -6.57 -4.60 8.77
N ARG B 203 -5.62 -4.75 7.84
CA ARG B 203 -4.81 -5.95 7.77
C ARG B 203 -4.36 -6.36 9.17
N ASP B 204 -3.86 -5.41 9.93
CA ASP B 204 -3.31 -5.70 11.25
C ASP B 204 -4.39 -6.16 12.22
N PHE B 205 -5.53 -5.45 12.26
CA PHE B 205 -6.58 -5.83 13.19
C PHE B 205 -7.08 -7.25 12.90
N VAL B 206 -7.34 -7.57 11.64
CA VAL B 206 -7.89 -8.88 11.29
C VAL B 206 -6.89 -9.98 11.66
N GLU B 207 -5.61 -9.78 11.30
CA GLU B 207 -4.62 -10.81 11.59
C GLU B 207 -4.41 -10.95 13.09
N GLN B 208 -4.35 -9.81 13.80
CA GLN B 208 -3.98 -9.78 15.21
C GLN B 208 -5.14 -9.98 16.17
N LYS B 209 -6.32 -9.41 15.91
CA LYS B 209 -7.43 -9.45 16.86
C LYS B 209 -8.59 -10.33 16.45
N TYR B 210 -9.08 -10.21 15.20
CA TYR B 210 -10.37 -10.85 14.87
C TYR B 210 -10.21 -12.35 14.69
N VAL B 211 -9.33 -12.79 13.78
CA VAL B 211 -9.12 -14.23 13.61
C VAL B 211 -8.75 -14.90 14.91
N PRO B 212 -7.75 -14.43 15.67
CA PRO B 212 -7.48 -15.03 16.98
C PRO B 212 -8.71 -15.21 17.85
N VAL B 213 -9.45 -14.12 18.09
CA VAL B 213 -10.53 -14.19 19.08
C VAL B 213 -11.66 -15.11 18.66
N VAL B 214 -11.81 -15.41 17.37
CA VAL B 214 -12.83 -16.38 16.97
C VAL B 214 -12.43 -17.77 17.43
N TYR B 215 -11.16 -18.14 17.26
CA TYR B 215 -10.68 -19.40 17.80
C TYR B 215 -10.65 -19.36 19.33
N THR B 216 -10.07 -18.31 19.90
CA THR B 216 -10.05 -18.16 21.34
C THR B 216 -11.44 -18.42 21.92
N ILE B 217 -12.45 -17.70 21.42
CA ILE B 217 -13.81 -17.91 21.92
C ILE B 217 -14.33 -19.28 21.53
N GLY B 218 -14.07 -19.70 20.28
CA GLY B 218 -14.53 -21.01 19.83
C GLY B 218 -14.14 -22.15 20.75
N SER B 219 -12.88 -22.14 21.23
CA SER B 219 -12.37 -23.27 21.99
C SER B 219 -13.03 -23.38 23.36
N LYS B 220 -13.61 -22.30 23.87
CA LYS B 220 -14.45 -22.40 25.06
C LYS B 220 -15.82 -22.99 24.74
N TYR B 221 -16.26 -22.87 23.49
CA TYR B 221 -17.56 -23.37 23.06
C TYR B 221 -17.35 -24.49 22.03
N LYS B 222 -16.63 -25.55 22.42
CA LYS B 222 -16.33 -26.61 21.48
C LYS B 222 -17.54 -27.49 21.21
N ASP B 223 -18.53 -27.47 22.11
CA ASP B 223 -19.76 -28.21 21.88
C ASP B 223 -20.54 -27.66 20.69
N MET B 224 -20.31 -26.40 20.32
CA MET B 224 -21.06 -25.76 19.24
C MET B 224 -20.64 -26.23 17.85
N PHE B 225 -19.50 -26.90 17.72
CA PHE B 225 -19.11 -27.45 16.43
C PHE B 225 -19.85 -28.74 16.10
N LYS B 226 -20.75 -29.17 17.00
CA LYS B 226 -21.43 -30.45 16.90
C LYS B 226 -22.89 -30.29 16.52
N VAL B 227 -23.36 -29.07 16.25
CA VAL B 227 -24.74 -28.81 15.91
C VAL B 227 -24.80 -27.84 14.74
N GLY B 228 -25.96 -27.79 14.08
CA GLY B 228 -26.16 -26.91 12.96
C GLY B 228 -25.77 -27.48 11.61
N GLN B 229 -25.55 -28.78 11.53
CA GLN B 229 -25.00 -29.37 10.30
C GLN B 229 -25.94 -29.17 9.11
N GLY B 230 -27.26 -29.18 9.34
CA GLY B 230 -28.22 -29.08 8.26
C GLY B 230 -27.95 -30.03 7.12
N PHE B 231 -28.42 -29.71 5.90
CA PHE B 231 -28.24 -30.60 4.76
C PHE B 231 -26.78 -30.83 4.39
N LYS B 232 -25.84 -30.14 5.03
CA LYS B 232 -24.43 -30.19 4.65
C LYS B 232 -24.24 -30.13 3.14
N ALA B 233 -24.86 -29.12 2.53
CA ALA B 233 -24.69 -28.82 1.12
C ALA B 233 -24.39 -27.34 0.97
N ALA B 234 -23.55 -27.00 0.00
CA ALA B 234 -23.01 -25.65 -0.12
C ALA B 234 -23.06 -25.19 -1.57
N LEU B 235 -23.14 -23.87 -1.75
CA LEU B 235 -23.17 -23.28 -3.08
C LEU B 235 -22.17 -22.13 -3.18
N CYS B 236 -21.50 -22.05 -4.32
CA CYS B 236 -20.68 -20.90 -4.71
C CYS B 236 -20.85 -20.66 -6.20
N VAL B 237 -20.88 -19.38 -6.61
CA VAL B 237 -21.12 -19.04 -8.00
C VAL B 237 -20.03 -18.16 -8.59
N GLY B 238 -18.97 -17.91 -7.84
CA GLY B 238 -17.86 -17.14 -8.39
C GLY B 238 -17.98 -15.66 -8.11
N ALA B 239 -16.82 -15.02 -7.92
CA ALA B 239 -16.81 -13.63 -7.49
C ALA B 239 -15.43 -13.04 -7.69
N PHE B 240 -15.39 -11.72 -7.93
CA PHE B 240 -14.13 -10.99 -8.00
C PHE B 240 -13.32 -11.56 -9.17
N PRO B 241 -13.67 -11.20 -10.40
CA PRO B 241 -12.97 -11.73 -11.57
C PRO B 241 -11.50 -11.33 -11.59
N LEU B 242 -10.65 -12.28 -11.95
CA LEU B 242 -9.21 -12.06 -12.00
C LEU B 242 -8.68 -11.81 -13.41
N ASP B 243 -9.40 -12.23 -14.43
CA ASP B 243 -9.05 -11.93 -15.82
C ASP B 243 -10.20 -11.17 -16.47
N ASN B 244 -9.94 -10.60 -17.63
CA ASN B 244 -10.97 -9.90 -18.39
C ASN B 244 -11.79 -10.83 -19.27
N SER B 245 -11.55 -12.14 -19.19
CA SER B 245 -12.24 -13.11 -20.02
C SER B 245 -13.42 -13.78 -19.34
N GLY B 246 -13.42 -13.84 -18.00
CA GLY B 246 -14.47 -14.53 -17.28
C GLY B 246 -14.19 -16.01 -17.11
N LYS B 247 -12.96 -16.34 -16.71
CA LYS B 247 -12.57 -17.73 -16.53
C LYS B 247 -11.99 -17.97 -15.14
N LYS B 248 -11.00 -17.17 -14.74
CA LYS B 248 -10.40 -17.27 -13.41
C LYS B 248 -11.06 -16.27 -12.48
N HIS B 249 -11.41 -16.73 -11.27
CA HIS B 249 -12.09 -15.89 -10.29
C HIS B 249 -11.55 -16.16 -8.90
N LEU B 250 -11.70 -15.17 -8.01
CA LEU B 250 -11.21 -15.33 -6.64
C LEU B 250 -11.85 -16.54 -5.98
N PHE B 251 -13.18 -16.59 -5.99
CA PHE B 251 -13.92 -17.80 -5.68
C PHE B 251 -14.36 -18.41 -7.00
N MET B 252 -14.04 -19.68 -7.22
CA MET B 252 -14.54 -20.29 -8.44
C MET B 252 -15.82 -21.07 -8.14
N PRO B 253 -16.74 -21.20 -9.09
CA PRO B 253 -18.05 -21.78 -8.79
C PRO B 253 -17.94 -23.26 -8.46
N GLY B 254 -19.05 -23.81 -8.00
CA GLY B 254 -19.11 -25.21 -7.62
C GLY B 254 -20.18 -25.49 -6.57
N VAL B 255 -20.65 -26.73 -6.58
CA VAL B 255 -21.66 -27.24 -5.66
C VAL B 255 -21.09 -28.44 -4.92
N TYR B 256 -21.56 -28.64 -3.69
CA TYR B 256 -21.17 -29.80 -2.88
C TYR B 256 -22.41 -30.29 -2.15
N ALA B 257 -22.85 -31.51 -2.48
CA ALA B 257 -24.04 -32.08 -1.88
C ALA B 257 -23.88 -33.60 -1.84
N LYS B 258 -24.07 -34.17 -0.65
CA LYS B 258 -23.91 -35.62 -0.44
C LYS B 258 -22.47 -36.05 -0.70
N GLY B 259 -21.56 -35.53 0.12
CA GLY B 259 -20.15 -35.84 -0.01
C GLY B 259 -19.57 -35.64 -1.40
N LYS B 260 -20.37 -35.10 -2.32
CA LYS B 260 -20.11 -35.19 -3.76
C LYS B 260 -20.01 -33.79 -4.34
N ASP B 261 -18.82 -33.45 -4.85
CA ASP B 261 -18.61 -32.21 -5.57
C ASP B 261 -19.17 -32.31 -6.99
N MET B 262 -19.65 -31.19 -7.51
CA MET B 262 -20.18 -31.15 -8.86
CA MET B 262 -20.24 -31.13 -8.83
C MET B 262 -20.02 -29.72 -9.38
N PRO B 263 -20.32 -29.49 -10.66
CA PRO B 263 -20.21 -28.14 -11.21
C PRO B 263 -21.50 -27.34 -11.02
N PHE B 264 -21.38 -26.02 -11.21
CA PHE B 264 -22.51 -25.11 -11.01
C PHE B 264 -23.17 -24.77 -12.34
N ASP B 265 -24.47 -25.01 -12.41
CA ASP B 265 -25.27 -24.83 -13.63
C ASP B 265 -26.45 -23.92 -13.32
N PRO B 266 -26.36 -22.62 -13.63
CA PRO B 266 -27.43 -21.69 -13.20
C PRO B 266 -28.80 -22.08 -13.72
N SER B 267 -28.87 -22.83 -14.81
CA SER B 267 -30.17 -23.23 -15.35
C SER B 267 -30.86 -24.26 -14.48
N LYS B 268 -30.16 -24.90 -13.55
CA LYS B 268 -30.78 -25.79 -12.57
C LYS B 268 -31.30 -25.01 -11.37
N ILE B 269 -31.71 -23.76 -11.56
CA ILE B 269 -32.19 -22.91 -10.48
C ILE B 269 -33.69 -22.67 -10.67
N LYS B 270 -34.47 -22.90 -9.61
CA LYS B 270 -35.89 -22.65 -9.63
C LYS B 270 -36.32 -22.16 -8.25
N GLU B 271 -37.24 -21.20 -8.22
CA GLU B 271 -37.72 -20.58 -6.99
C GLU B 271 -39.16 -21.02 -6.74
N TYR B 272 -39.35 -21.81 -5.68
CA TYR B 272 -40.66 -22.31 -5.29
C TYR B 272 -41.29 -21.36 -4.27
N VAL B 273 -42.63 -21.28 -4.30
CA VAL B 273 -43.33 -20.32 -3.45
C VAL B 273 -44.54 -20.91 -2.73
N LYS B 274 -44.60 -22.23 -2.59
CA LYS B 274 -45.76 -22.82 -1.91
C LYS B 274 -46.01 -22.15 -0.57
N TYR B 275 -44.95 -21.96 0.22
CA TYR B 275 -45.07 -21.46 1.58
C TYR B 275 -44.68 -19.99 1.72
N SER B 276 -44.58 -19.27 0.60
CA SER B 276 -44.32 -17.84 0.61
C SER B 276 -45.57 -17.11 0.11
N TRP B 277 -45.74 -15.87 0.55
CA TRP B 277 -46.93 -15.08 0.20
C TRP B 277 -46.81 -14.54 -1.22
N PHE B 278 -46.70 -15.47 -2.17
CA PHE B 278 -46.70 -15.13 -3.59
C PHE B 278 -47.64 -16.07 -4.33
N ALA B 279 -48.44 -15.48 -5.22
CA ALA B 279 -49.36 -16.17 -6.12
C ALA B 279 -48.93 -17.58 -6.50
N GLU B 280 -49.80 -18.55 -6.21
CA GLU B 280 -49.54 -19.96 -6.51
C GLU B 280 -49.07 -20.17 -7.95
N GLU B 281 -49.63 -19.41 -8.90
CA GLU B 281 -49.38 -19.63 -10.33
C GLU B 281 -47.96 -19.22 -10.77
N THR B 282 -47.07 -18.82 -9.86
CA THR B 282 -45.71 -18.44 -10.20
C THR B 282 -44.66 -19.41 -9.69
N THR B 283 -45.07 -20.41 -8.91
CA THR B 283 -44.11 -21.28 -8.25
C THR B 283 -43.26 -22.05 -9.26
N GLY B 284 -42.05 -22.41 -8.84
CA GLY B 284 -41.20 -23.34 -9.57
C GLY B 284 -40.42 -22.76 -10.75
N LEU B 285 -40.62 -21.50 -11.11
CA LEU B 285 -39.98 -20.97 -12.30
C LEU B 285 -38.47 -20.83 -12.10
N ASN B 286 -37.77 -20.62 -13.22
CA ASN B 286 -36.37 -20.21 -13.24
C ASN B 286 -36.25 -18.69 -13.37
N TYR B 287 -35.10 -18.17 -12.95
CA TYR B 287 -34.95 -16.73 -12.83
C TYR B 287 -35.26 -16.01 -14.15
N LYS B 288 -34.87 -16.60 -15.27
CA LYS B 288 -35.09 -15.94 -16.56
C LYS B 288 -36.57 -15.83 -16.92
N GLU B 289 -37.44 -16.67 -16.34
CA GLU B 289 -38.88 -16.61 -16.57
C GLU B 289 -39.63 -16.09 -15.35
N GLY B 290 -38.93 -15.44 -14.42
CA GLY B 290 -39.51 -15.11 -13.15
C GLY B 290 -40.60 -14.06 -13.23
N LYS B 291 -41.50 -14.11 -12.24
CA LYS B 291 -42.51 -13.11 -11.99
C LYS B 291 -42.63 -12.98 -10.48
N THR B 292 -43.09 -11.83 -10.00
CA THR B 292 -43.24 -11.59 -8.56
C THR B 292 -44.63 -11.02 -8.33
N ILE B 293 -45.52 -11.85 -7.79
CA ILE B 293 -46.90 -11.46 -7.55
C ILE B 293 -47.22 -11.71 -6.07
N PRO B 294 -47.12 -10.69 -5.23
CA PRO B 294 -47.34 -10.90 -3.80
C PRO B 294 -48.76 -11.34 -3.49
N ALA B 295 -48.88 -12.36 -2.65
CA ALA B 295 -50.16 -12.91 -2.22
C ALA B 295 -50.12 -12.93 -0.69
N PRO B 296 -50.30 -11.76 -0.06
CA PRO B 296 -50.06 -11.67 1.40
C PRO B 296 -51.10 -12.39 2.25
N ASP B 297 -52.23 -12.79 1.67
CA ASP B 297 -53.28 -13.49 2.41
C ASP B 297 -53.33 -14.97 2.06
N LYS B 298 -52.34 -15.48 1.33
CA LYS B 298 -52.35 -16.88 0.93
C LYS B 298 -52.30 -17.77 2.16
N ALA B 299 -53.24 -18.72 2.24
CA ALA B 299 -53.26 -19.67 3.33
C ALA B 299 -52.01 -20.54 3.29
N GLY B 300 -51.44 -20.82 4.46
CA GLY B 300 -50.34 -21.74 4.58
C GLY B 300 -48.98 -21.13 4.34
N ALA B 301 -48.90 -20.09 3.52
CA ALA B 301 -47.63 -19.39 3.34
C ALA B 301 -47.23 -18.71 4.63
N TYR B 302 -45.92 -18.63 4.89
CA TYR B 302 -45.49 -18.08 6.17
C TYR B 302 -44.20 -17.25 6.07
N SER B 303 -43.86 -16.74 4.88
CA SER B 303 -42.63 -16.00 4.71
C SER B 303 -42.75 -15.18 3.43
N PHE B 304 -42.08 -14.03 3.40
CA PHE B 304 -41.93 -13.30 2.15
C PHE B 304 -40.75 -13.78 1.33
N VAL B 305 -39.90 -14.63 1.91
CA VAL B 305 -38.74 -15.16 1.19
C VAL B 305 -39.19 -16.34 0.33
N LYS B 306 -38.87 -16.29 -0.95
CA LYS B 306 -39.12 -17.42 -1.84
C LYS B 306 -38.28 -18.63 -1.41
N ALA B 307 -38.60 -19.80 -1.98
CA ALA B 307 -37.93 -21.05 -1.65
C ALA B 307 -37.07 -21.51 -2.82
N PRO B 308 -35.78 -21.16 -2.85
CA PRO B 308 -34.93 -21.59 -3.96
C PRO B 308 -34.40 -23.00 -3.75
N ARG B 309 -34.28 -23.73 -4.85
CA ARG B 309 -33.62 -25.02 -4.85
C ARG B 309 -32.76 -25.13 -6.09
N TYR B 310 -31.66 -25.86 -5.98
CA TYR B 310 -30.72 -26.08 -7.08
C TYR B 310 -30.81 -27.55 -7.48
N ASP B 311 -31.54 -27.83 -8.56
CA ASP B 311 -31.77 -29.20 -8.98
C ASP B 311 -32.44 -29.97 -7.86
N GLY B 312 -33.45 -29.34 -7.26
CA GLY B 312 -34.19 -29.92 -6.17
C GLY B 312 -33.51 -29.83 -4.82
N LEU B 313 -32.22 -29.51 -4.77
CA LEU B 313 -31.52 -29.41 -3.51
C LEU B 313 -31.81 -28.10 -2.79
N SER B 314 -31.84 -28.18 -1.47
CA SER B 314 -31.83 -27.01 -0.60
C SER B 314 -30.39 -26.81 -0.15
N LEU B 315 -29.74 -25.79 -0.69
CA LEU B 315 -28.34 -25.53 -0.41
C LEU B 315 -28.19 -24.40 0.60
N GLU B 316 -26.95 -24.14 0.97
CA GLU B 316 -26.60 -23.01 1.81
C GLU B 316 -25.44 -22.28 1.17
N VAL B 317 -25.28 -21.01 1.55
CA VAL B 317 -24.36 -20.11 0.88
C VAL B 317 -23.60 -19.32 1.93
N GLY B 318 -22.48 -18.73 1.52
CA GLY B 318 -21.74 -17.83 2.35
C GLY B 318 -20.29 -18.22 2.53
N PRO B 319 -19.65 -17.70 3.58
CA PRO B 319 -18.22 -18.00 3.80
C PRO B 319 -17.91 -19.48 3.84
N LEU B 320 -18.50 -20.21 4.79
CA LEU B 320 -18.34 -21.66 4.83
C LEU B 320 -18.55 -22.26 3.44
N ALA B 321 -19.71 -21.96 2.84
CA ALA B 321 -20.04 -22.53 1.53
C ALA B 321 -18.98 -22.19 0.49
N ARG B 322 -18.44 -20.97 0.53
CA ARG B 322 -17.38 -20.61 -0.41
C ARG B 322 -16.07 -21.29 -0.05
N MET B 323 -15.65 -21.17 1.21
CA MET B 323 -14.38 -21.74 1.63
C MET B 323 -14.37 -23.27 1.48
N TRP B 324 -15.53 -23.91 1.56
CA TRP B 324 -15.58 -25.36 1.38
C TRP B 324 -15.34 -25.74 -0.08
N VAL B 325 -16.11 -25.13 -0.99
CA VAL B 325 -16.02 -25.48 -2.41
C VAL B 325 -14.61 -25.24 -2.93
N ASN B 326 -13.95 -24.16 -2.51
CA ASN B 326 -12.63 -23.82 -3.02
C ASN B 326 -11.51 -24.52 -2.27
N ASN B 327 -11.74 -24.89 -1.00
CA ASN B 327 -10.78 -25.56 -0.15
C ASN B 327 -9.38 -24.92 -0.22
N PRO B 328 -9.26 -23.63 0.06
CA PRO B 328 -7.93 -22.99 0.05
C PRO B 328 -7.13 -23.36 1.29
N GLU B 329 -5.85 -22.98 1.26
CA GLU B 329 -4.93 -23.31 2.34
C GLU B 329 -5.22 -22.40 3.54
N LEU B 330 -5.30 -23.00 4.71
CA LEU B 330 -5.66 -22.27 5.92
C LEU B 330 -4.64 -21.19 6.24
N SER B 331 -5.12 -20.12 6.90
CA SER B 331 -4.26 -19.01 7.29
C SER B 331 -3.20 -19.44 8.30
N PRO B 332 -2.13 -18.63 8.47
CA PRO B 332 -1.17 -18.91 9.54
C PRO B 332 -1.78 -18.88 10.94
N VAL B 333 -2.36 -17.75 11.36
CA VAL B 333 -2.87 -17.64 12.73
C VAL B 333 -3.83 -18.78 13.04
N GLY B 334 -4.48 -19.33 12.02
CA GLY B 334 -5.46 -20.37 12.23
C GLY B 334 -4.84 -21.74 12.43
N LYS B 335 -3.76 -22.05 11.70
CA LYS B 335 -3.11 -23.34 11.89
C LYS B 335 -2.50 -23.44 13.28
N LYS B 336 -1.98 -22.34 13.82
CA LYS B 336 -1.42 -22.34 15.16
C LYS B 336 -2.47 -22.70 16.21
N LEU B 337 -3.50 -21.84 16.34
CA LEU B 337 -4.45 -22.00 17.44
C LEU B 337 -5.34 -23.23 17.28
N LEU B 338 -5.46 -23.78 16.07
CA LEU B 338 -6.06 -25.11 15.96
C LEU B 338 -5.19 -26.15 16.66
N LYS B 339 -3.87 -26.05 16.48
CA LYS B 339 -2.96 -26.87 17.27
C LYS B 339 -3.06 -26.51 18.75
N ASP B 340 -2.86 -25.22 19.07
CA ASP B 340 -2.70 -24.82 20.45
C ASP B 340 -3.96 -25.03 21.28
N LEU B 341 -5.13 -24.73 20.73
CA LEU B 341 -6.36 -24.73 21.51
C LEU B 341 -7.30 -25.89 21.22
N PHE B 342 -7.37 -26.33 19.96
CA PHE B 342 -8.18 -27.50 19.61
C PHE B 342 -7.37 -28.77 19.50
N GLY B 343 -6.04 -28.67 19.39
CA GLY B 343 -5.19 -29.83 19.21
C GLY B 343 -5.45 -30.54 17.90
N ILE B 344 -5.45 -29.81 16.79
CA ILE B 344 -5.88 -30.33 15.50
C ILE B 344 -4.89 -29.87 14.44
N SER B 345 -4.65 -30.73 13.45
CA SER B 345 -3.69 -30.45 12.39
C SER B 345 -4.42 -30.42 11.05
N ALA B 346 -4.37 -29.27 10.39
CA ALA B 346 -5.05 -29.04 9.13
C ALA B 346 -4.28 -28.00 8.33
N LYS B 347 -4.17 -28.22 7.02
CA LYS B 347 -3.47 -27.28 6.14
C LYS B 347 -4.36 -26.66 5.07
N LYS B 348 -5.39 -27.36 4.60
CA LYS B 348 -6.43 -26.80 3.74
C LYS B 348 -7.71 -26.67 4.55
N PHE B 349 -8.77 -26.13 3.93
CA PHE B 349 -10.00 -25.92 4.68
C PHE B 349 -10.68 -27.23 5.05
N ARG B 350 -10.90 -28.10 4.06
CA ARG B 350 -11.66 -29.31 4.30
C ARG B 350 -11.03 -30.23 5.33
N ASP B 351 -9.80 -29.95 5.77
CA ASP B 351 -9.23 -30.67 6.90
C ASP B 351 -9.98 -30.40 8.21
N LEU B 352 -10.94 -29.48 8.20
CA LEU B 352 -11.87 -29.33 9.31
C LEU B 352 -12.97 -30.38 9.30
N GLY B 353 -13.09 -31.15 8.21
CA GLY B 353 -14.09 -32.20 8.14
C GLY B 353 -15.48 -31.66 7.97
N GLU B 354 -16.39 -32.50 7.48
CA GLU B 354 -17.73 -32.03 7.11
C GLU B 354 -18.50 -31.54 8.33
N GLU B 355 -18.40 -32.26 9.45
CA GLU B 355 -19.25 -31.95 10.60
C GLU B 355 -18.85 -30.63 11.27
N ALA B 356 -17.55 -30.45 11.53
CA ALA B 356 -17.13 -29.25 12.26
C ALA B 356 -17.23 -28.01 11.39
N ALA B 357 -16.71 -28.10 10.16
CA ALA B 357 -16.87 -27.00 9.21
C ALA B 357 -18.33 -26.57 9.13
N PHE B 358 -19.22 -27.53 8.83
CA PHE B 358 -20.66 -27.27 8.79
C PHE B 358 -21.27 -27.26 10.19
N SER B 359 -20.81 -26.36 11.04
CA SER B 359 -21.37 -26.26 12.38
C SER B 359 -21.58 -24.79 12.74
N LEU B 360 -22.50 -24.57 13.70
CA LEU B 360 -22.77 -23.22 14.19
C LEU B 360 -21.50 -22.42 14.32
N MET B 361 -20.50 -22.99 14.99
CA MET B 361 -19.24 -22.30 15.20
C MET B 361 -18.25 -22.51 14.07
N GLY B 362 -18.55 -23.40 13.12
CA GLY B 362 -17.69 -23.55 11.95
C GLY B 362 -17.93 -22.51 10.89
N ARG B 363 -19.15 -21.94 10.84
CA ARG B 363 -19.45 -20.87 9.88
C ARG B 363 -18.89 -19.54 10.35
N HIS B 364 -19.06 -19.21 11.63
CA HIS B 364 -18.36 -18.08 12.22
C HIS B 364 -16.89 -18.08 11.83
N VAL B 365 -16.30 -19.26 11.69
CA VAL B 365 -14.86 -19.40 11.48
C VAL B 365 -14.50 -19.25 10.01
N ALA B 366 -15.18 -20.00 9.14
CA ALA B 366 -15.16 -19.70 7.70
C ALA B 366 -15.16 -18.20 7.47
N ARG B 367 -16.04 -17.49 8.18
CA ARG B 367 -16.15 -16.05 7.99
C ARG B 367 -14.92 -15.32 8.49
N ALA B 368 -14.29 -15.83 9.55
CA ALA B 368 -13.05 -15.24 10.02
C ALA B 368 -11.87 -15.68 9.16
N GLU B 369 -11.92 -16.90 8.63
CA GLU B 369 -10.89 -17.35 7.71
C GLU B 369 -11.03 -16.69 6.34
N GLU B 370 -12.26 -16.63 5.82
CA GLU B 370 -12.47 -15.99 4.53
C GLU B 370 -11.98 -14.54 4.53
N THR B 371 -12.09 -13.86 5.67
CA THR B 371 -11.65 -12.48 5.74
C THR B 371 -10.14 -12.39 5.48
N TYR B 372 -9.37 -13.27 6.13
CA TYR B 372 -7.94 -13.35 5.86
C TYR B 372 -7.66 -13.55 4.37
N TYR B 373 -8.32 -14.54 3.77
CA TYR B 373 -8.22 -14.78 2.33
C TYR B 373 -8.38 -13.49 1.54
N MET B 374 -9.23 -12.58 2.04
CA MET B 374 -9.48 -11.32 1.34
CA MET B 374 -9.48 -11.32 1.34
C MET B 374 -8.36 -10.31 1.58
N LEU B 375 -7.72 -10.35 2.76
CA LEU B 375 -6.53 -9.55 2.97
C LEU B 375 -5.53 -9.83 1.86
N GLY B 376 -5.44 -11.09 1.44
CA GLY B 376 -4.53 -11.50 0.40
C GLY B 376 -4.99 -11.07 -0.98
N ALA B 377 -6.29 -11.17 -1.24
CA ALA B 377 -6.81 -10.71 -2.53
C ALA B 377 -6.62 -9.21 -2.70
N ILE B 378 -6.88 -8.42 -1.66
CA ILE B 378 -6.80 -6.97 -1.77
C ILE B 378 -5.35 -6.52 -1.89
N GLU B 379 -4.45 -7.11 -1.08
CA GLU B 379 -3.04 -6.81 -1.22
C GLU B 379 -2.55 -7.17 -2.61
N GLY B 380 -3.07 -8.26 -3.18
CA GLY B 380 -2.74 -8.62 -4.56
C GLY B 380 -3.29 -7.67 -5.61
N TRP B 381 -4.39 -6.99 -5.33
CA TRP B 381 -4.96 -6.04 -6.29
C TRP B 381 -4.33 -4.66 -6.18
N LEU B 382 -3.93 -4.26 -4.97
CA LEU B 382 -3.21 -3.00 -4.81
C LEU B 382 -1.86 -3.03 -5.51
N LYS B 383 -1.35 -4.23 -5.84
CA LYS B 383 -0.18 -4.35 -6.69
C LYS B 383 -0.57 -4.26 -8.16
N GLU B 384 -1.72 -4.84 -8.51
CA GLU B 384 -2.15 -4.92 -9.90
C GLU B 384 -2.68 -3.58 -10.40
N ILE B 385 -3.42 -2.85 -9.55
CA ILE B 385 -3.97 -1.57 -9.95
C ILE B 385 -2.85 -0.69 -10.47
N LYS B 386 -3.15 0.12 -11.49
CA LYS B 386 -2.20 1.08 -12.04
C LYS B 386 -2.89 2.44 -12.06
N ALA B 387 -2.34 3.38 -11.30
CA ALA B 387 -2.94 4.71 -11.20
C ALA B 387 -3.05 5.35 -12.57
N GLY B 388 -4.12 6.11 -12.77
CA GLY B 388 -4.31 6.91 -13.97
C GLY B 388 -4.92 6.19 -15.15
N GLU B 389 -4.86 4.86 -15.21
CA GLU B 389 -5.36 4.13 -16.37
C GLU B 389 -6.90 4.04 -16.31
N ASP B 390 -7.52 4.09 -17.48
CA ASP B 390 -8.96 4.31 -17.59
C ASP B 390 -9.77 3.14 -17.05
N THR B 391 -10.88 3.47 -16.35
CA THR B 391 -11.71 2.48 -15.70
C THR B 391 -13.09 2.29 -16.32
N VAL B 392 -13.62 3.26 -17.08
CA VAL B 392 -14.99 3.15 -17.57
C VAL B 392 -15.06 3.35 -19.08
N VAL B 393 -16.06 2.71 -19.68
CA VAL B 393 -16.51 2.97 -21.04
C VAL B 393 -17.98 3.38 -20.95
N MET B 394 -18.44 4.16 -21.93
CA MET B 394 -19.75 4.79 -21.88
C MET B 394 -20.68 4.19 -22.93
N PRO B 395 -21.27 3.02 -22.66
CA PRO B 395 -22.02 2.30 -23.69
C PRO B 395 -23.37 2.93 -24.02
N ALA B 396 -24.02 2.35 -25.02
CA ALA B 396 -25.33 2.77 -25.50
C ALA B 396 -26.39 1.79 -24.99
N VAL B 397 -27.53 2.34 -24.57
CA VAL B 397 -28.63 1.54 -24.02
C VAL B 397 -29.23 0.66 -25.10
N PRO B 398 -29.20 -0.67 -24.96
CA PRO B 398 -29.92 -1.54 -25.91
C PRO B 398 -31.43 -1.34 -25.82
N ALA B 399 -32.07 -1.18 -26.98
CA ALA B 399 -33.53 -1.25 -27.06
C ALA B 399 -34.05 -2.56 -26.49
N SER B 400 -33.41 -3.66 -26.83
CA SER B 400 -33.86 -4.98 -26.40
C SER B 400 -32.63 -5.83 -26.18
N ALA B 401 -32.48 -6.32 -24.95
CA ALA B 401 -31.29 -7.04 -24.55
C ALA B 401 -31.61 -7.82 -23.28
N GLU B 402 -30.69 -8.69 -22.90
CA GLU B 402 -30.82 -9.42 -21.65
C GLU B 402 -29.42 -9.72 -21.15
N GLY B 403 -29.28 -9.74 -19.83
CA GLY B 403 -27.99 -9.96 -19.22
C GLY B 403 -28.18 -10.64 -17.88
N THR B 404 -27.07 -11.13 -17.33
CA THR B 404 -27.10 -11.81 -16.05
C THR B 404 -25.77 -11.60 -15.35
N GLY B 405 -25.85 -11.19 -14.09
CA GLY B 405 -24.65 -10.96 -13.30
C GLY B 405 -24.60 -11.90 -12.13
N PHE B 406 -23.51 -12.66 -12.02
CA PHE B 406 -23.29 -13.59 -10.93
C PHE B 406 -22.12 -13.08 -10.09
N THR B 407 -22.24 -13.19 -8.78
CA THR B 407 -21.15 -12.87 -7.87
C THR B 407 -21.47 -13.48 -6.51
N GLU B 408 -20.58 -13.27 -5.53
CA GLU B 408 -20.78 -13.75 -4.17
C GLU B 408 -20.80 -12.54 -3.23
N ALA B 409 -21.99 -12.19 -2.77
CA ALA B 409 -22.12 -11.24 -1.68
C ALA B 409 -21.42 -11.79 -0.43
N PRO B 410 -21.13 -10.93 0.55
CA PRO B 410 -20.52 -11.41 1.80
C PRO B 410 -21.25 -12.59 2.41
N ARG B 411 -22.56 -12.70 2.19
CA ARG B 411 -23.36 -13.76 2.80
C ARG B 411 -23.65 -14.91 1.85
N GLY B 412 -23.21 -14.85 0.60
CA GLY B 412 -23.30 -15.98 -0.29
C GLY B 412 -23.79 -15.59 -1.67
N SER B 413 -24.19 -16.61 -2.42
CA SER B 413 -24.44 -16.46 -3.85
C SER B 413 -25.54 -15.44 -4.11
N LEU B 414 -25.26 -14.54 -5.05
CA LEU B 414 -26.16 -13.49 -5.49
C LEU B 414 -26.14 -13.43 -7.01
N LEU B 415 -27.31 -13.23 -7.62
CA LEU B 415 -27.37 -13.01 -9.05
C LEU B 415 -28.53 -12.07 -9.38
N HIS B 416 -28.32 -11.19 -10.35
CA HIS B 416 -29.36 -10.37 -10.94
C HIS B 416 -29.53 -10.78 -12.40
N TYR B 417 -30.76 -10.94 -12.84
CA TYR B 417 -31.08 -11.14 -14.24
C TYR B 417 -31.92 -9.96 -14.74
N VAL B 418 -31.66 -9.50 -15.96
CA VAL B 418 -32.31 -8.33 -16.52
C VAL B 418 -32.76 -8.62 -17.94
N LYS B 419 -33.97 -8.19 -18.27
CA LYS B 419 -34.53 -8.27 -19.62
C LYS B 419 -34.95 -6.86 -20.04
N VAL B 420 -34.43 -6.39 -21.17
CA VAL B 420 -34.73 -5.05 -21.67
C VAL B 420 -35.70 -5.16 -22.83
N LYS B 421 -36.56 -4.14 -22.96
CA LYS B 421 -37.47 -4.02 -24.10
C LYS B 421 -37.75 -2.57 -24.36
N ASP B 422 -37.75 -2.18 -25.63
CA ASP B 422 -37.95 -0.80 -26.02
C ASP B 422 -37.05 0.10 -25.15
N SER B 423 -35.84 -0.38 -24.89
CA SER B 423 -34.80 0.29 -24.11
C SER B 423 -35.17 0.55 -22.66
N LYS B 424 -36.22 -0.10 -22.13
CA LYS B 424 -36.59 0.06 -20.73
C LYS B 424 -36.68 -1.31 -20.07
N ILE B 425 -36.53 -1.32 -18.75
CA ILE B 425 -36.53 -2.60 -18.02
C ILE B 425 -37.90 -3.24 -18.17
N ASP B 426 -37.91 -4.46 -18.71
CA ASP B 426 -39.12 -5.26 -18.79
C ASP B 426 -39.17 -6.35 -17.73
N ASN B 427 -38.01 -6.81 -17.24
CA ASN B 427 -37.98 -7.78 -16.16
C ASN B 427 -36.61 -7.75 -15.49
N TYR B 428 -36.62 -7.88 -14.16
CA TYR B 428 -35.42 -7.93 -13.33
C TYR B 428 -35.67 -8.95 -12.24
N GLN B 429 -34.68 -9.79 -11.94
CA GLN B 429 -34.89 -10.82 -10.94
C GLN B 429 -33.62 -11.05 -10.14
N ILE B 430 -33.81 -11.33 -8.86
CA ILE B 430 -32.74 -11.34 -7.87
C ILE B 430 -32.83 -12.63 -7.08
N VAL B 431 -31.72 -13.37 -7.04
CA VAL B 431 -31.57 -14.56 -6.22
C VAL B 431 -30.37 -14.29 -5.34
N SER B 432 -30.62 -14.00 -4.07
CA SER B 432 -29.63 -13.37 -3.22
C SER B 432 -29.22 -14.32 -2.10
N ALA B 433 -28.15 -13.96 -1.41
CA ALA B 433 -27.51 -14.90 -0.50
C ALA B 433 -28.47 -15.39 0.57
N SER B 434 -28.97 -14.47 1.41
CA SER B 434 -29.93 -14.81 2.46
C SER B 434 -31.19 -15.47 1.93
N LEU B 435 -31.40 -15.50 0.62
CA LEU B 435 -32.53 -16.23 0.06
C LEU B 435 -32.24 -17.72 0.03
N TRP B 436 -30.97 -18.10 -0.03
CA TRP B 436 -30.57 -19.50 -0.01
C TRP B 436 -30.55 -20.09 1.39
N ASN B 437 -30.36 -19.27 2.42
CA ASN B 437 -30.26 -19.75 3.79
C ASN B 437 -31.59 -19.70 4.52
N CYS B 438 -32.29 -18.58 4.40
CA CYS B 438 -33.41 -18.24 5.26
C CYS B 438 -34.76 -18.51 4.60
N ASN B 439 -34.80 -19.38 3.59
CA ASN B 439 -36.04 -19.58 2.88
C ASN B 439 -36.94 -20.58 3.60
N PRO B 440 -38.26 -20.49 3.40
CA PRO B 440 -39.15 -21.50 3.98
C PRO B 440 -39.07 -22.78 3.18
N ARG B 441 -39.94 -23.74 3.49
CA ARG B 441 -39.98 -24.99 2.73
C ARG B 441 -40.34 -24.74 1.27
N ASP B 442 -39.86 -25.63 0.40
CA ASP B 442 -40.26 -25.63 -1.00
C ASP B 442 -41.62 -26.31 -1.11
N ASP B 443 -42.05 -26.62 -2.34
CA ASP B 443 -43.34 -27.26 -2.53
C ASP B 443 -43.35 -28.71 -2.06
N MET B 444 -42.23 -29.43 -2.19
CA MET B 444 -42.14 -30.80 -1.65
C MET B 444 -42.13 -30.84 -0.13
N GLY B 445 -42.30 -29.74 0.59
CA GLY B 445 -42.12 -29.73 2.02
C GLY B 445 -40.68 -29.76 2.48
N GLN B 446 -39.72 -29.74 1.55
CA GLN B 446 -38.31 -29.75 1.92
C GLN B 446 -37.94 -28.43 2.58
N ARG B 447 -37.31 -28.50 3.75
CA ARG B 447 -37.01 -27.30 4.53
C ARG B 447 -35.89 -26.49 3.91
N GLY B 448 -35.91 -25.18 4.13
CA GLY B 448 -34.78 -24.35 3.79
C GLY B 448 -33.55 -24.75 4.58
N ALA B 449 -32.38 -24.35 4.07
CA ALA B 449 -31.13 -24.84 4.62
C ALA B 449 -31.02 -24.53 6.11
N VAL B 450 -31.46 -23.35 6.53
CA VAL B 450 -31.37 -22.97 7.93
C VAL B 450 -32.45 -23.65 8.76
N GLU B 451 -33.70 -23.57 8.30
CA GLU B 451 -34.78 -24.34 8.91
C GLU B 451 -34.27 -25.73 9.27
N GLU B 452 -33.51 -26.32 8.34
CA GLU B 452 -32.88 -27.62 8.59
C GLU B 452 -31.81 -27.51 9.67
N ALA B 453 -30.88 -26.57 9.51
CA ALA B 453 -29.78 -26.43 10.47
C ALA B 453 -30.27 -26.32 11.90
N LEU B 454 -31.49 -25.85 12.11
CA LEU B 454 -32.00 -25.65 13.47
C LEU B 454 -32.33 -26.95 14.17
N ILE B 455 -32.61 -28.02 13.42
CA ILE B 455 -33.01 -29.29 14.02
C ILE B 455 -31.92 -29.80 14.94
N GLY B 456 -32.31 -30.18 16.16
CA GLY B 456 -31.37 -30.74 17.11
C GLY B 456 -30.60 -29.73 17.92
N ILE B 457 -31.00 -28.47 17.87
CA ILE B 457 -30.27 -27.42 18.60
C ILE B 457 -30.66 -27.49 20.07
N PRO B 458 -29.70 -27.51 20.99
CA PRO B 458 -30.04 -27.58 22.43
C PRO B 458 -30.83 -26.37 22.90
N VAL B 459 -32.04 -26.64 23.38
CA VAL B 459 -32.83 -25.66 24.12
C VAL B 459 -33.06 -26.23 25.52
N ASP B 460 -31.96 -26.51 26.25
CA ASP B 460 -32.10 -26.93 27.63
C ASP B 460 -33.07 -26.04 28.38
N ASP B 461 -33.07 -24.75 28.07
CA ASP B 461 -33.76 -23.72 28.83
C ASP B 461 -34.75 -23.04 27.89
N ILE B 462 -36.00 -23.52 27.93
CA ILE B 462 -37.05 -22.95 27.08
C ILE B 462 -37.22 -21.46 27.36
N GLN B 463 -36.97 -21.05 28.61
CA GLN B 463 -37.05 -19.64 28.94
C GLN B 463 -35.93 -18.87 28.25
N ASN B 464 -34.71 -19.44 28.24
CA ASN B 464 -33.54 -18.83 27.63
C ASN B 464 -33.09 -19.62 26.40
N PRO B 465 -33.86 -19.61 25.29
CA PRO B 465 -33.44 -20.38 24.11
C PRO B 465 -32.34 -19.64 23.33
N VAL B 466 -31.25 -19.34 24.01
CA VAL B 466 -30.21 -18.50 23.43
C VAL B 466 -29.54 -19.18 22.24
N ASN B 467 -29.60 -20.51 22.15
CA ASN B 467 -28.93 -21.20 21.06
C ASN B 467 -29.73 -21.15 19.77
N VAL B 468 -31.06 -21.16 19.86
CA VAL B 468 -31.88 -20.94 18.67
C VAL B 468 -31.32 -19.74 17.90
N ALA B 469 -31.12 -18.63 18.61
CA ALA B 469 -30.63 -17.40 18.01
C ALA B 469 -29.13 -17.40 17.74
N ARG B 470 -28.36 -18.26 18.43
CA ARG B 470 -26.94 -18.35 18.13
C ARG B 470 -26.70 -19.04 16.79
N LEU B 471 -27.47 -20.08 16.51
CA LEU B 471 -27.37 -20.75 15.22
C LEU B 471 -27.71 -19.80 14.09
N ILE B 472 -28.88 -19.17 14.19
CA ILE B 472 -29.33 -18.24 13.16
C ILE B 472 -28.26 -17.19 12.88
N ARG B 473 -27.76 -16.54 13.93
CA ARG B 473 -26.77 -15.47 13.72
C ARG B 473 -25.51 -15.97 13.02
N ALA B 474 -25.10 -17.22 13.26
CA ALA B 474 -23.90 -17.74 12.60
C ALA B 474 -24.01 -17.69 11.09
N PHE B 475 -25.22 -17.67 10.55
CA PHE B 475 -25.41 -17.61 9.10
C PHE B 475 -25.36 -16.19 8.56
N ASP B 476 -25.34 -15.16 9.43
CA ASP B 476 -25.20 -13.78 8.99
C ASP B 476 -26.41 -13.34 8.19
N PRO B 477 -27.63 -13.50 8.72
CA PRO B 477 -28.78 -13.23 7.87
C PRO B 477 -29.12 -11.77 7.59
N SEC B 478 -29.53 -11.47 6.36
N SEC B 478 -29.63 -11.57 6.38
N SEC B 478 -29.69 -11.55 6.41
CA SEC B 478 -30.20 -10.19 6.14
CA SEC B 478 -30.13 -10.32 5.86
CA SEC B 478 -30.14 -10.21 6.00
C SEC B 478 -31.43 -10.49 5.34
C SEC B 478 -31.48 -10.59 5.28
C SEC B 478 -31.45 -10.35 5.27
N LEU B 479 -32.55 -10.28 6.01
CA LEU B 479 -33.88 -10.60 5.48
C LEU B 479 -34.34 -9.58 4.45
N ALA B 480 -33.65 -8.44 4.40
CA ALA B 480 -33.86 -7.51 3.29
C ALA B 480 -33.35 -8.10 1.98
N CYS B 481 -32.17 -8.71 2.01
CA CYS B 481 -31.64 -9.36 0.81
C CYS B 481 -32.49 -10.56 0.42
N ALA B 482 -33.01 -11.29 1.40
CA ALA B 482 -33.87 -12.43 1.11
C ALA B 482 -35.13 -12.00 0.38
N VAL B 483 -35.86 -11.03 0.92
CA VAL B 483 -37.17 -10.68 0.38
C VAL B 483 -37.04 -9.73 -0.81
N HIS B 484 -36.27 -8.66 -0.66
CA HIS B 484 -36.31 -7.51 -1.56
C HIS B 484 -37.74 -7.20 -2.04
N GLU C 6 29.10 -12.28 -32.80
CA GLU C 6 29.08 -10.84 -32.69
C GLU C 6 28.28 -10.40 -31.47
N ARG C 7 28.99 -10.14 -30.37
CA ARG C 7 28.42 -9.60 -29.14
C ARG C 7 27.33 -8.57 -29.42
N PRO C 8 26.12 -8.75 -28.89
CA PRO C 8 25.05 -7.79 -29.18
C PRO C 8 25.24 -6.52 -28.37
N PRO C 9 24.76 -5.39 -28.88
CA PRO C 9 25.06 -4.10 -28.24
C PRO C 9 24.10 -3.80 -27.11
N VAL C 10 24.64 -3.27 -26.01
CA VAL C 10 23.85 -2.94 -24.83
C VAL C 10 24.06 -1.48 -24.46
N PHE C 11 22.95 -0.77 -24.26
CA PHE C 11 22.94 0.56 -23.67
C PHE C 11 22.42 0.46 -22.25
N TRP C 12 23.08 1.12 -21.31
CA TRP C 12 22.72 1.10 -19.90
C TRP C 12 22.39 2.52 -19.47
N LEU C 13 21.10 2.78 -19.24
CA LEU C 13 20.62 4.12 -18.93
C LEU C 13 20.14 4.16 -17.50
N GLN C 14 20.75 5.00 -16.69
CA GLN C 14 20.30 5.19 -15.33
C GLN C 14 19.24 6.29 -15.30
N GLY C 15 18.26 6.09 -14.45
CA GLY C 15 17.29 7.13 -14.15
C GLY C 15 17.42 7.46 -12.68
N GLN C 16 16.35 7.29 -11.93
CA GLN C 16 16.39 7.58 -10.50
C GLN C 16 16.99 6.40 -9.75
N GLY C 17 18.17 5.97 -10.15
CA GLY C 17 18.82 4.84 -9.54
C GLY C 17 19.80 5.29 -8.48
N CYS C 18 20.19 4.35 -7.62
CA CYS C 18 21.23 4.59 -6.64
C CYS C 18 22.57 3.99 -7.07
N THR C 19 22.71 3.68 -8.36
CA THR C 19 23.87 2.97 -8.91
C THR C 19 24.09 1.62 -8.24
N GLY C 20 23.08 1.09 -7.53
CA GLY C 20 23.24 -0.21 -6.90
C GLY C 20 23.23 -1.34 -7.91
N CYS C 21 22.34 -1.26 -8.90
N CYS C 21 22.29 -1.30 -8.86
CA CYS C 21 22.18 -2.32 -9.89
CA CYS C 21 22.22 -2.34 -9.88
C CYS C 21 23.34 -2.37 -10.88
C CYS C 21 23.56 -2.51 -10.59
N SER C 22 24.25 -1.40 -10.84
CA SER C 22 25.55 -1.50 -11.51
C SER C 22 26.56 -2.22 -10.64
N VAL C 23 26.59 -1.89 -9.35
CA VAL C 23 27.64 -2.40 -8.46
C VAL C 23 27.45 -3.88 -8.19
N THR C 24 26.24 -4.28 -7.83
CA THR C 24 25.98 -5.69 -7.58
C THR C 24 26.36 -6.52 -8.82
N LEU C 25 26.28 -5.89 -10.00
CA LEU C 25 26.68 -6.57 -11.22
C LEU C 25 28.18 -6.78 -11.28
N LEU C 26 28.95 -5.86 -10.68
CA LEU C 26 30.39 -6.06 -10.58
C LEU C 26 30.72 -7.21 -9.67
N ASN C 27 29.75 -7.68 -8.88
CA ASN C 27 29.94 -8.81 -7.98
C ASN C 27 29.60 -10.15 -8.62
N SER C 28 29.20 -10.16 -9.90
CA SER C 28 28.97 -11.45 -10.56
C SER C 28 30.25 -12.27 -10.49
N VAL C 29 30.12 -13.47 -9.94
CA VAL C 29 31.27 -14.33 -9.70
C VAL C 29 31.50 -15.23 -10.91
N HIS C 30 30.47 -15.97 -11.29
CA HIS C 30 30.49 -16.89 -12.43
C HIS C 30 29.32 -16.55 -13.34
N PRO C 31 29.55 -15.88 -14.48
CA PRO C 31 30.76 -15.25 -15.05
C PRO C 31 31.14 -13.94 -14.39
N SER C 32 32.43 -13.69 -14.18
CA SER C 32 32.86 -12.42 -13.63
C SER C 32 32.45 -11.29 -14.58
N ILE C 33 32.48 -10.06 -14.05
CA ILE C 33 32.07 -8.91 -14.84
C ILE C 33 32.97 -8.74 -16.05
N ALA C 34 34.27 -9.00 -15.88
CA ALA C 34 35.21 -8.84 -16.99
C ALA C 34 34.80 -9.70 -18.18
N ASP C 35 34.41 -10.95 -17.91
CA ASP C 35 34.02 -11.86 -19.00
C ASP C 35 32.73 -11.39 -19.67
N VAL C 36 31.73 -10.99 -18.88
CA VAL C 36 30.49 -10.45 -19.43
C VAL C 36 30.80 -9.33 -20.43
N LEU C 37 31.68 -8.40 -20.05
CA LEU C 37 31.88 -7.22 -20.89
C LEU C 37 32.59 -7.57 -22.19
N LEU C 38 33.51 -8.53 -22.15
CA LEU C 38 34.35 -8.82 -23.30
C LEU C 38 33.82 -9.93 -24.17
N LYS C 39 32.98 -10.83 -23.64
CA LYS C 39 32.58 -12.03 -24.35
C LYS C 39 31.07 -12.23 -24.51
N VAL C 40 30.24 -11.61 -23.67
CA VAL C 40 28.79 -11.84 -23.72
C VAL C 40 28.08 -10.72 -24.45
N ILE C 41 28.31 -9.48 -24.02
CA ILE C 41 27.66 -8.30 -24.58
C ILE C 41 28.73 -7.32 -25.01
N SER C 42 28.35 -6.44 -25.91
CA SER C 42 29.10 -5.23 -26.19
C SER C 42 28.44 -4.10 -25.41
N LEU C 43 29.10 -3.65 -24.34
CA LEU C 43 28.56 -2.53 -23.57
C LEU C 43 28.97 -1.26 -24.29
N GLU C 44 27.99 -0.60 -24.90
CA GLU C 44 28.26 0.54 -25.77
C GLU C 44 28.07 1.88 -25.11
N PHE C 45 27.25 1.94 -24.06
CA PHE C 45 27.05 3.18 -23.33
C PHE C 45 26.78 2.82 -21.87
N HIS C 46 27.54 3.41 -20.97
CA HIS C 46 27.27 3.25 -19.55
C HIS C 46 27.89 4.44 -18.83
N PRO C 47 27.07 5.37 -18.33
CA PRO C 47 27.63 6.64 -17.83
C PRO C 47 28.66 6.47 -16.73
N THR C 48 28.69 5.33 -16.03
CA THR C 48 29.58 5.18 -14.89
C THR C 48 30.91 4.52 -15.23
N VAL C 49 30.96 3.63 -16.20
CA VAL C 49 32.17 2.84 -16.47
C VAL C 49 32.82 3.17 -17.81
N MET C 50 32.17 3.94 -18.67
CA MET C 50 32.61 4.11 -20.05
C MET C 50 33.72 5.17 -20.16
N ALA C 51 34.50 5.06 -21.23
CA ALA C 51 35.67 5.92 -21.42
C ALA C 51 35.25 7.36 -21.75
N TRP C 52 34.49 7.54 -22.82
CA TRP C 52 34.15 8.87 -23.30
C TRP C 52 33.05 9.51 -22.46
N GLU C 53 32.74 10.76 -22.77
CA GLU C 53 31.84 11.58 -21.97
C GLU C 53 31.02 12.48 -22.89
N GLY C 54 30.09 13.22 -22.30
CA GLY C 54 29.49 14.38 -22.92
C GLY C 54 28.73 14.09 -24.21
N GLU C 55 28.66 15.12 -25.04
CA GLU C 55 27.97 15.02 -26.33
C GLU C 55 28.55 13.89 -27.18
N HIS C 56 29.84 13.59 -27.00
CA HIS C 56 30.45 12.47 -27.70
C HIS C 56 29.82 11.15 -27.27
N ALA C 57 29.63 10.98 -25.95
CA ALA C 57 29.19 9.70 -25.41
C ALA C 57 27.77 9.38 -25.86
N ILE C 58 26.91 10.40 -25.98
CA ILE C 58 25.56 10.18 -26.48
C ILE C 58 25.59 9.90 -27.97
N GLU C 59 26.31 10.72 -28.73
CA GLU C 59 26.30 10.55 -30.17
C GLU C 59 26.75 9.14 -30.54
N HIS C 60 27.80 8.64 -29.89
CA HIS C 60 28.19 7.26 -30.13
C HIS C 60 27.06 6.30 -29.81
N MET C 61 26.15 6.67 -28.91
CA MET C 61 25.00 5.80 -28.64
C MET C 61 23.98 5.88 -29.75
N ARG C 62 23.60 7.10 -30.14
CA ARG C 62 22.63 7.27 -31.22
C ARG C 62 23.11 6.58 -32.50
N LYS C 63 24.42 6.67 -32.77
CA LYS C 63 24.98 5.97 -33.92
C LYS C 63 24.69 4.48 -33.83
N VAL C 64 25.14 3.82 -32.75
CA VAL C 64 24.87 2.40 -32.59
C VAL C 64 23.36 2.14 -32.60
N ALA C 65 22.58 3.04 -32.00
CA ALA C 65 21.13 2.88 -32.03
C ALA C 65 20.61 2.87 -33.46
N GLU C 66 21.15 3.76 -34.29
CA GLU C 66 20.76 3.80 -35.70
C GLU C 66 21.35 2.63 -36.49
N LYS C 67 22.51 2.14 -36.07
CA LYS C 67 23.13 0.98 -36.72
C LYS C 67 22.29 -0.27 -36.52
N PHE C 68 21.89 -0.54 -35.27
CA PHE C 68 21.30 -1.82 -34.87
C PHE C 68 19.81 -1.71 -34.55
N LYS C 69 19.09 -0.82 -35.22
CA LYS C 69 17.64 -0.68 -35.04
C LYS C 69 16.95 -2.04 -34.93
N GLY C 70 16.28 -2.25 -33.80
CA GLY C 70 15.62 -3.52 -33.56
C GLY C 70 16.53 -4.62 -33.07
N LYS C 71 17.82 -4.35 -32.88
CA LYS C 71 18.77 -5.40 -32.54
C LYS C 71 19.62 -5.07 -31.31
N PHE C 72 19.43 -3.92 -30.67
CA PHE C 72 20.14 -3.57 -29.45
C PHE C 72 19.26 -3.76 -28.22
N PHE C 73 19.92 -4.01 -27.08
CA PHE C 73 19.23 -4.24 -25.82
C PHE C 73 19.44 -3.06 -24.87
N LEU C 74 18.36 -2.65 -24.21
CA LEU C 74 18.29 -1.39 -23.49
C LEU C 74 18.08 -1.67 -22.01
N VAL C 75 19.06 -1.34 -21.18
CA VAL C 75 19.01 -1.59 -19.75
C VAL C 75 18.64 -0.29 -19.05
N ILE C 76 17.62 -0.36 -18.18
CA ILE C 76 17.15 0.79 -17.44
C ILE C 76 17.26 0.48 -15.96
N GLU C 77 18.06 1.28 -15.26
CA GLU C 77 18.17 1.26 -13.82
C GLU C 77 17.54 2.53 -13.28
N GLY C 78 16.69 2.40 -12.26
CA GLY C 78 16.05 3.54 -11.65
C GLY C 78 14.75 3.96 -12.34
N SER C 79 13.93 4.68 -11.59
CA SER C 79 12.59 5.05 -12.04
C SER C 79 12.63 6.30 -12.93
N VAL C 80 11.50 6.58 -13.56
CA VAL C 80 11.37 7.59 -14.60
C VAL C 80 10.48 8.71 -14.06
N PRO C 81 11.05 9.89 -13.70
CA PRO C 81 10.23 10.95 -13.09
C PRO C 81 9.53 11.80 -14.14
N VAL C 82 8.22 11.66 -14.23
CA VAL C 82 7.46 12.33 -15.29
C VAL C 82 7.18 13.79 -14.95
N GLU C 83 7.07 14.13 -13.67
CA GLU C 83 6.75 15.50 -13.27
C GLU C 83 7.68 16.53 -13.89
N ALA C 84 7.26 17.80 -13.84
CA ALA C 84 8.10 18.93 -14.25
C ALA C 84 8.78 18.69 -15.58
N ASP C 85 8.10 18.02 -16.51
CA ASP C 85 8.61 17.82 -17.86
C ASP C 85 9.83 16.91 -17.89
N GLY C 86 10.03 16.11 -16.84
CA GLY C 86 11.20 15.26 -16.75
C GLY C 86 12.39 15.91 -16.09
N LYS C 87 12.24 17.11 -15.54
CA LYS C 87 13.39 17.86 -15.04
C LYS C 87 14.06 17.15 -13.86
N TYR C 88 13.34 16.26 -13.18
CA TYR C 88 13.91 15.55 -12.04
C TYR C 88 14.93 14.51 -12.45
N CYS C 89 15.26 14.40 -13.73
CA CYS C 89 16.28 13.46 -14.13
C CYS C 89 16.77 13.80 -15.53
N ILE C 90 17.70 14.74 -15.62
CA ILE C 90 18.39 15.02 -16.87
C ILE C 90 19.61 14.11 -16.93
N ILE C 91 19.80 13.44 -18.06
CA ILE C 91 20.86 12.46 -18.19
C ILE C 91 21.95 12.90 -19.16
N GLY C 92 21.71 13.88 -20.02
CA GLY C 92 22.71 14.23 -21.01
C GLY C 92 22.37 15.52 -21.72
N GLU C 93 23.26 15.91 -22.62
CA GLU C 93 23.08 17.08 -23.47
C GLU C 93 23.76 16.87 -24.81
N ALA C 94 23.05 17.18 -25.90
CA ALA C 94 23.62 17.11 -27.24
C ALA C 94 22.91 18.12 -28.13
N ASN C 95 23.68 18.88 -28.90
CA ASN C 95 23.15 19.98 -29.73
C ASN C 95 22.54 21.07 -28.84
N HIS C 96 23.22 21.36 -27.72
CA HIS C 96 22.79 22.40 -26.77
C HIS C 96 21.34 22.24 -26.33
N HIS C 97 20.73 21.07 -26.49
CA HIS C 97 19.41 20.80 -25.92
C HIS C 97 19.52 19.62 -24.96
N GLU C 98 19.02 19.80 -23.74
CA GLU C 98 19.20 18.82 -22.68
C GLU C 98 18.13 17.74 -22.73
N ILE C 99 18.53 16.52 -22.34
CA ILE C 99 17.75 15.31 -22.56
C ILE C 99 17.33 14.75 -21.21
N SER C 100 16.02 14.66 -20.99
CA SER C 100 15.46 14.03 -19.80
C SER C 100 15.48 12.50 -19.95
N MET C 101 15.21 11.82 -18.84
CA MET C 101 15.00 10.37 -18.91
C MET C 101 13.73 10.05 -19.69
N VAL C 102 12.70 10.88 -19.53
CA VAL C 102 11.52 10.81 -20.38
C VAL C 102 11.94 10.93 -21.84
N ASP C 103 12.63 12.01 -22.17
CA ASP C 103 13.10 12.22 -23.53
C ASP C 103 13.89 11.00 -24.03
N ALA C 104 14.75 10.43 -23.17
CA ALA C 104 15.59 9.32 -23.61
C ALA C 104 14.76 8.06 -23.85
N LEU C 105 13.92 7.68 -22.88
CA LEU C 105 13.13 6.47 -23.02
C LEU C 105 12.22 6.52 -24.24
N LYS C 106 11.72 7.72 -24.59
CA LYS C 106 10.93 7.85 -25.81
C LYS C 106 11.79 7.60 -27.04
N GLU C 107 12.93 8.30 -27.13
CA GLU C 107 13.80 8.19 -28.29
C GLU C 107 14.16 6.73 -28.60
N PHE C 108 14.59 5.98 -27.58
CA PHE C 108 15.20 4.68 -27.79
C PHE C 108 14.26 3.51 -27.57
N GLY C 109 13.28 3.64 -26.67
CA GLY C 109 12.41 2.54 -26.32
C GLY C 109 11.90 1.78 -27.51
N PRO C 110 11.33 2.48 -28.50
CA PRO C 110 10.74 1.77 -29.65
C PRO C 110 11.73 0.91 -30.43
N ASN C 111 12.95 1.41 -30.62
CA ASN C 111 13.88 0.84 -31.57
C ASN C 111 14.80 -0.20 -30.95
N ALA C 112 14.44 -0.74 -29.78
CA ALA C 112 15.25 -1.72 -29.07
C ALA C 112 14.65 -3.10 -29.27
N ALA C 113 15.51 -4.12 -29.27
CA ALA C 113 15.01 -5.49 -29.27
C ALA C 113 14.05 -5.70 -28.12
N ALA C 114 14.51 -5.40 -26.91
CA ALA C 114 13.73 -5.53 -25.69
C ALA C 114 14.32 -4.55 -24.68
N VAL C 115 13.64 -4.42 -23.55
CA VAL C 115 14.04 -3.49 -22.49
C VAL C 115 14.11 -4.24 -21.18
N LEU C 116 15.25 -4.15 -20.50
CA LEU C 116 15.41 -4.76 -19.19
C LEU C 116 15.26 -3.69 -18.12
N ALA C 117 14.19 -3.79 -17.34
CA ALA C 117 14.04 -2.98 -16.14
C ALA C 117 14.79 -3.69 -15.03
N VAL C 118 15.89 -3.10 -14.60
CA VAL C 118 16.77 -3.70 -13.61
C VAL C 118 16.65 -2.90 -12.32
N GLY C 119 16.63 -3.61 -11.19
CA GLY C 119 16.26 -3.02 -9.93
C GLY C 119 14.74 -2.88 -9.80
N THR C 120 14.30 -2.73 -8.55
CA THR C 120 12.88 -2.51 -8.30
C THR C 120 12.44 -1.10 -8.66
N CYS C 121 13.36 -0.14 -8.65
CA CYS C 121 13.04 1.22 -9.06
C CYS C 121 12.49 1.24 -10.48
N ALA C 122 13.28 0.72 -11.43
CA ALA C 122 12.83 0.65 -12.81
C ALA C 122 11.58 -0.21 -12.95
N ALA C 123 11.58 -1.40 -12.36
CA ALA C 123 10.50 -2.34 -12.55
C ALA C 123 9.16 -1.79 -12.06
N TYR C 124 9.07 -1.50 -10.77
CA TYR C 124 7.81 -1.17 -10.12
C TYR C 124 7.73 0.25 -9.58
N GLY C 125 8.83 1.00 -9.59
CA GLY C 125 8.85 2.37 -9.09
C GLY C 125 9.56 2.51 -7.76
N GLY C 126 9.23 1.66 -6.80
CA GLY C 126 10.03 1.53 -5.58
C GLY C 126 10.25 2.85 -4.85
N ILE C 127 11.49 3.01 -4.34
CA ILE C 127 11.73 4.03 -3.31
C ILE C 127 11.44 5.43 -3.82
N PRO C 128 11.84 5.82 -5.03
CA PRO C 128 11.47 7.17 -5.51
C PRO C 128 10.00 7.33 -5.84
N ALA C 129 9.22 6.26 -5.95
CA ALA C 129 7.78 6.35 -6.10
C ALA C 129 7.06 6.23 -4.76
N ALA C 130 7.81 6.16 -3.67
CA ALA C 130 7.24 5.81 -2.39
C ALA C 130 6.55 7.01 -1.75
N GLU C 131 5.87 6.75 -0.64
CA GLU C 131 5.06 7.76 0.02
C GLU C 131 5.91 8.90 0.55
N GLY C 132 5.69 10.10 0.01
CA GLY C 132 6.45 11.29 0.38
C GLY C 132 7.22 11.87 -0.78
N SER C 133 7.02 11.30 -1.97
CA SER C 133 7.75 11.68 -3.17
C SER C 133 6.90 12.59 -4.06
N GLU C 134 7.56 13.55 -4.72
CA GLU C 134 6.87 14.47 -5.63
C GLU C 134 7.63 14.63 -6.94
N THR C 135 8.17 13.53 -7.48
CA THR C 135 8.87 13.56 -8.76
C THR C 135 8.08 12.89 -9.89
N GLY C 136 6.95 12.26 -9.59
CA GLY C 136 6.27 11.48 -10.61
C GLY C 136 7.00 10.22 -10.99
N ALA C 137 7.78 9.65 -10.06
CA ALA C 137 8.54 8.45 -10.35
C ALA C 137 7.64 7.36 -10.91
N THR C 138 7.98 6.88 -12.09
CA THR C 138 7.18 5.92 -12.82
C THR C 138 8.07 4.73 -13.18
N ALA C 139 7.50 3.53 -13.09
CA ALA C 139 8.21 2.35 -13.56
C ALA C 139 8.39 2.39 -15.07
N VAL C 140 9.42 1.70 -15.55
CA VAL C 140 9.69 1.67 -16.99
C VAL C 140 8.48 1.14 -17.73
N SER C 141 8.07 -0.10 -17.42
CA SER C 141 7.01 -0.76 -18.15
C SER C 141 5.78 0.13 -18.30
N LYS C 142 5.38 0.81 -17.22
CA LYS C 142 4.21 1.67 -17.30
C LYS C 142 4.47 2.87 -18.19
N PHE C 143 5.61 3.52 -18.02
CA PHE C 143 5.95 4.68 -18.84
C PHE C 143 5.77 4.35 -20.32
N LEU C 144 6.27 3.18 -20.73
CA LEU C 144 6.23 2.81 -22.13
C LEU C 144 4.80 2.63 -22.62
N GLY C 145 4.01 1.80 -21.91
CA GLY C 145 2.61 1.65 -22.27
C GLY C 145 1.91 2.98 -22.43
N ASP C 146 2.11 3.88 -21.46
CA ASP C 146 1.47 5.19 -21.45
C ASP C 146 1.95 6.13 -22.55
N ASN C 147 2.96 5.73 -23.33
CA ASN C 147 3.38 6.49 -24.50
C ASN C 147 3.31 5.64 -25.77
N GLY C 148 2.50 4.57 -25.75
CA GLY C 148 2.25 3.79 -26.93
C GLY C 148 3.33 2.79 -27.28
N ILE C 149 4.54 2.95 -26.76
CA ILE C 149 5.62 2.04 -27.13
C ILE C 149 5.25 0.64 -26.68
N LYS C 150 5.43 -0.33 -27.57
CA LYS C 150 5.08 -1.72 -27.28
C LYS C 150 6.30 -2.63 -27.16
N THR C 151 7.50 -2.05 -27.08
CA THR C 151 8.70 -2.87 -26.97
C THR C 151 8.54 -3.85 -25.82
N PRO C 152 8.90 -5.12 -26.00
CA PRO C 152 8.88 -6.06 -24.88
C PRO C 152 9.77 -5.57 -23.75
N VAL C 153 9.30 -5.75 -22.52
CA VAL C 153 10.01 -5.30 -21.32
C VAL C 153 10.09 -6.45 -20.32
N VAL C 154 11.27 -6.63 -19.74
CA VAL C 154 11.52 -7.65 -18.73
C VAL C 154 11.91 -6.97 -17.43
N ASN C 155 11.22 -7.33 -16.35
CA ASN C 155 11.52 -6.82 -15.01
C ASN C 155 12.42 -7.81 -14.29
N ILE C 156 13.56 -7.31 -13.80
CA ILE C 156 14.48 -8.12 -13.00
C ILE C 156 14.64 -7.41 -11.66
N PRO C 157 13.65 -7.48 -10.77
CA PRO C 157 13.64 -6.62 -9.59
C PRO C 157 14.61 -7.09 -8.51
N GLY C 158 14.61 -6.34 -7.41
CA GLY C 158 15.64 -6.40 -6.40
C GLY C 158 16.03 -4.99 -6.01
N CYS C 159 16.57 -4.85 -4.80
CA CYS C 159 17.12 -3.57 -4.33
C CYS C 159 18.38 -3.84 -3.52
N PRO C 160 19.48 -4.21 -4.19
CA PRO C 160 19.57 -4.43 -5.63
C PRO C 160 19.27 -5.89 -5.95
N PRO C 161 19.11 -6.24 -7.23
CA PRO C 161 19.01 -7.65 -7.57
C PRO C 161 20.35 -8.34 -7.37
N HIS C 162 20.27 -9.65 -7.15
CA HIS C 162 21.47 -10.47 -7.09
C HIS C 162 22.16 -10.45 -8.45
N PRO C 163 23.49 -10.37 -8.49
CA PRO C 163 24.17 -10.37 -9.81
C PRO C 163 23.65 -11.44 -10.76
N ASP C 164 23.37 -12.64 -10.23
CA ASP C 164 22.96 -13.74 -11.10
C ASP C 164 21.61 -13.46 -11.75
N TRP C 165 20.66 -12.85 -11.03
CA TRP C 165 19.35 -12.61 -11.62
C TRP C 165 19.44 -11.75 -12.86
N ILE C 166 20.46 -10.90 -12.94
CA ILE C 166 20.63 -10.05 -14.11
C ILE C 166 21.32 -10.91 -15.18
N VAL C 167 22.59 -11.23 -14.96
CA VAL C 167 23.36 -12.11 -15.83
C VAL C 167 22.49 -13.26 -16.29
N GLY C 168 21.99 -14.04 -15.33
CA GLY C 168 21.06 -15.12 -15.61
C GLY C 168 20.05 -14.73 -16.67
N THR C 169 19.44 -13.56 -16.52
CA THR C 169 18.39 -13.16 -17.46
C THR C 169 18.95 -12.79 -18.82
N VAL C 170 20.13 -12.16 -18.86
CA VAL C 170 20.73 -11.80 -20.15
C VAL C 170 20.99 -13.06 -20.98
N VAL C 171 21.72 -14.02 -20.41
CA VAL C 171 22.02 -15.28 -21.08
C VAL C 171 20.77 -15.92 -21.67
N LEU C 172 19.86 -16.37 -20.81
CA LEU C 172 18.69 -17.14 -21.26
C LEU C 172 17.84 -16.45 -22.31
N ALA C 173 18.13 -15.18 -22.60
CA ALA C 173 17.46 -14.49 -23.70
C ALA C 173 18.28 -14.53 -24.98
N LEU C 174 19.61 -14.38 -24.87
CA LEU C 174 20.46 -14.61 -26.02
C LEU C 174 20.37 -16.06 -26.47
N ASP C 175 20.39 -16.99 -25.52
CA ASP C 175 20.16 -18.39 -25.83
C ASP C 175 18.74 -18.63 -26.34
N ALA C 176 17.78 -17.79 -25.95
CA ALA C 176 16.46 -17.87 -26.56
C ALA C 176 16.45 -17.34 -27.99
N ILE C 177 17.34 -16.42 -28.33
CA ILE C 177 17.37 -15.86 -29.67
C ILE C 177 18.26 -16.67 -30.60
N LYS C 178 19.41 -17.13 -30.12
CA LYS C 178 20.19 -18.10 -30.87
C LYS C 178 19.29 -19.24 -31.33
N LYS C 179 18.55 -19.82 -30.39
CA LYS C 179 17.67 -20.95 -30.68
C LYS C 179 16.61 -20.57 -31.72
N ASN C 180 15.93 -19.44 -31.51
CA ASN C 180 14.72 -19.10 -32.25
C ASN C 180 14.84 -17.81 -33.05
N GLY C 181 16.03 -17.24 -33.19
CA GLY C 181 16.13 -15.92 -33.79
C GLY C 181 15.52 -14.88 -32.86
N LEU C 182 15.50 -13.64 -33.34
CA LEU C 182 15.15 -12.52 -32.48
C LEU C 182 13.70 -12.60 -32.03
N GLU C 183 12.79 -12.30 -32.95
CA GLU C 183 11.36 -12.27 -32.63
C GLU C 183 10.93 -13.54 -31.92
N GLY C 184 11.64 -14.64 -32.16
CA GLY C 184 11.37 -15.91 -31.51
C GLY C 184 11.86 -16.06 -30.09
N GLY C 185 13.14 -15.77 -29.86
CA GLY C 185 13.66 -15.81 -28.50
C GLY C 185 12.90 -14.90 -27.56
N LEU C 186 12.54 -13.71 -28.03
CA LEU C 186 11.82 -12.78 -27.17
C LEU C 186 10.49 -13.37 -26.72
N ALA C 187 9.81 -14.10 -27.60
CA ALA C 187 8.54 -14.72 -27.23
C ALA C 187 8.72 -15.83 -26.21
N GLU C 188 9.70 -16.71 -26.42
CA GLU C 188 9.97 -17.74 -25.41
C GLU C 188 10.34 -17.09 -24.09
N VAL C 189 11.08 -15.98 -24.16
CA VAL C 189 11.42 -15.21 -22.96
C VAL C 189 10.15 -14.71 -22.28
N VAL C 190 9.21 -14.19 -23.07
CA VAL C 190 7.95 -13.71 -22.51
C VAL C 190 7.17 -14.83 -21.86
N LYS C 191 7.38 -16.08 -22.28
CA LYS C 191 6.62 -17.19 -21.72
C LYS C 191 7.09 -17.53 -20.31
N VAL C 192 8.35 -17.24 -19.99
CA VAL C 192 8.92 -17.59 -18.70
C VAL C 192 8.76 -16.46 -17.69
N LEU C 193 7.86 -15.52 -17.96
CA LEU C 193 7.65 -14.40 -17.04
C LEU C 193 6.36 -14.63 -16.28
N ASP C 194 6.40 -14.42 -14.97
CA ASP C 194 5.21 -14.47 -14.14
C ASP C 194 4.43 -13.17 -14.30
N SER C 195 3.45 -12.94 -13.42
CA SER C 195 2.53 -11.84 -13.62
C SER C 195 3.20 -10.48 -13.55
N ASP C 196 4.35 -10.36 -12.88
CA ASP C 196 5.04 -9.10 -12.70
C ASP C 196 6.22 -8.92 -13.65
N GLY C 197 6.21 -9.58 -14.80
CA GLY C 197 7.32 -9.44 -15.71
C GLY C 197 8.63 -9.98 -15.18
N ARG C 198 8.58 -10.80 -14.13
CA ARG C 198 9.77 -11.37 -13.52
C ARG C 198 10.04 -12.77 -14.06
N PRO C 199 11.30 -13.15 -14.29
CA PRO C 199 11.58 -14.54 -14.69
C PRO C 199 11.42 -15.51 -13.53
N THR C 200 10.60 -16.54 -13.75
CA THR C 200 10.33 -17.57 -12.73
C THR C 200 11.52 -18.46 -12.42
N PRO C 201 12.54 -18.58 -13.29
CA PRO C 201 13.76 -19.24 -12.83
C PRO C 201 14.24 -18.67 -11.52
N PHE C 202 14.04 -17.37 -11.32
CA PHE C 202 14.55 -16.63 -10.18
C PHE C 202 13.45 -16.21 -9.21
N PHE C 203 12.31 -15.75 -9.71
CA PHE C 203 11.23 -15.21 -8.89
C PHE C 203 9.99 -16.08 -8.90
N GLY C 204 10.11 -17.32 -9.35
CA GLY C 204 8.98 -18.23 -9.38
C GLY C 204 8.74 -18.96 -8.08
N ARG C 205 9.66 -18.83 -7.13
CA ARG C 205 9.55 -19.46 -5.83
C ARG C 205 9.51 -18.43 -4.70
N ASN C 206 8.81 -18.79 -3.64
CA ASN C 206 8.62 -17.96 -2.45
C ASN C 206 9.74 -18.24 -1.45
N ILE C 207 10.10 -17.22 -0.68
CA ILE C 207 11.15 -17.38 0.32
C ILE C 207 10.70 -18.33 1.42
N HIS C 208 9.57 -18.01 2.03
CA HIS C 208 9.04 -18.73 3.18
C HIS C 208 8.98 -20.24 2.94
N GLU C 209 8.27 -20.68 1.90
CA GLU C 209 8.10 -22.11 1.66
C GLU C 209 9.43 -22.87 1.58
N ASN C 210 10.55 -22.19 1.36
CA ASN C 210 11.85 -22.84 1.26
C ASN C 210 12.88 -22.36 2.30
N CYS C 211 12.47 -21.58 3.29
CA CYS C 211 13.42 -21.10 4.28
C CYS C 211 13.92 -22.27 5.15
N PRO C 212 15.18 -22.26 5.57
CA PRO C 212 15.65 -23.29 6.51
C PRO C 212 15.20 -23.09 7.95
N TYR C 213 14.62 -21.95 8.30
CA TYR C 213 14.08 -21.72 9.63
C TYR C 213 12.59 -22.02 9.75
N LEU C 214 12.01 -22.66 8.72
CA LEU C 214 10.57 -22.89 8.70
C LEU C 214 10.11 -23.77 9.86
N ASP C 215 10.90 -24.79 10.23
CA ASP C 215 10.54 -25.59 11.39
C ASP C 215 10.29 -24.71 12.60
N LYS C 216 11.18 -23.74 12.82
CA LYS C 216 11.02 -22.81 13.92
C LYS C 216 9.72 -22.01 13.80
N TYR C 217 9.31 -21.68 12.57
CA TYR C 217 8.04 -21.00 12.35
C TYR C 217 6.88 -21.84 12.88
N ASP C 218 6.79 -23.09 12.42
CA ASP C 218 5.64 -23.93 12.76
C ASP C 218 5.60 -24.23 14.26
N GLU C 219 6.77 -24.38 14.89
CA GLU C 219 6.82 -24.58 16.33
C GLU C 219 6.40 -23.33 17.12
N GLY C 220 6.46 -22.16 16.51
CA GLY C 220 6.30 -20.93 17.27
C GLY C 220 7.53 -20.55 18.05
N VAL C 221 8.71 -20.98 17.60
CA VAL C 221 9.98 -20.53 18.16
C VAL C 221 10.44 -19.33 17.36
N MET C 222 10.52 -18.18 18.01
CA MET C 222 10.89 -16.93 17.36
C MET C 222 12.10 -16.33 18.06
N SER C 223 12.88 -15.55 17.32
CA SER C 223 13.98 -14.80 17.89
C SER C 223 13.45 -13.46 18.41
N ALA C 224 13.97 -13.05 19.57
CA ALA C 224 13.60 -11.78 20.18
C ALA C 224 14.62 -10.69 19.93
N THR C 225 15.89 -11.08 19.77
CA THR C 225 16.96 -10.19 19.34
C THR C 225 17.51 -10.72 18.03
N PHE C 226 18.10 -9.82 17.24
CA PHE C 226 18.59 -10.20 15.92
C PHE C 226 19.64 -11.31 16.04
N THR C 227 20.57 -11.18 16.99
CA THR C 227 21.68 -12.11 17.12
C THR C 227 21.28 -13.51 17.57
N ASP C 228 20.05 -13.71 18.05
CA ASP C 228 19.55 -15.03 18.40
C ASP C 228 19.17 -15.71 17.08
N LYS C 229 20.08 -16.52 16.55
CA LYS C 229 19.94 -17.07 15.20
C LYS C 229 19.25 -18.42 15.12
N VAL C 230 18.74 -18.97 16.22
CA VAL C 230 18.19 -20.32 16.14
C VAL C 230 16.79 -20.31 15.57
N GLY C 231 15.96 -19.35 16.00
CA GLY C 231 14.55 -19.37 15.68
C GLY C 231 14.26 -18.68 14.35
N CYS C 232 12.96 -18.60 14.05
CA CYS C 232 12.50 -17.82 12.92
C CYS C 232 12.50 -16.34 13.28
N ARG C 233 12.61 -15.49 12.26
CA ARG C 233 12.73 -14.06 12.42
C ARG C 233 11.40 -13.33 12.27
N TYR C 234 10.30 -14.06 12.07
CA TYR C 234 9.03 -13.44 11.71
C TYR C 234 8.71 -12.26 12.62
N ASP C 235 8.96 -12.41 13.93
CA ASP C 235 8.63 -11.36 14.88
C ASP C 235 9.57 -10.18 14.76
N LEU C 236 10.81 -10.40 14.31
CA LEU C 236 11.71 -9.29 14.02
C LEU C 236 11.31 -8.53 12.76
N GLY C 237 10.44 -9.09 11.93
CA GLY C 237 9.92 -8.38 10.78
C GLY C 237 10.27 -9.00 9.44
N CYS C 238 10.70 -10.26 9.44
CA CYS C 238 10.97 -10.93 8.18
C CYS C 238 9.74 -10.90 7.29
N LYS C 239 9.96 -10.71 5.99
CA LYS C 239 8.88 -10.64 5.01
C LYS C 239 8.90 -11.82 4.04
N GLY C 240 9.59 -12.92 4.39
CA GLY C 240 9.61 -14.09 3.55
C GLY C 240 8.25 -14.62 3.11
N PRO C 241 7.24 -14.62 4.00
CA PRO C 241 5.93 -15.14 3.61
C PRO C 241 5.32 -14.49 2.37
N MET C 242 5.78 -13.29 2.00
CA MET C 242 5.17 -12.57 0.89
CA MET C 242 5.19 -12.50 0.93
C MET C 242 6.21 -12.13 -0.14
N THR C 243 7.34 -12.85 -0.22
CA THR C 243 8.42 -12.48 -1.12
C THR C 243 8.79 -13.67 -2.01
N MET C 244 8.98 -13.40 -3.31
CA MET C 244 9.26 -14.42 -4.33
C MET C 244 10.64 -14.20 -4.91
N ALA C 245 11.63 -14.94 -4.41
CA ALA C 245 13.00 -14.85 -4.91
C ALA C 245 13.79 -16.02 -4.35
N ASP C 246 14.82 -16.44 -5.09
CA ASP C 246 15.63 -17.60 -4.72
C ASP C 246 16.82 -17.26 -3.83
N CYS C 247 16.65 -16.33 -2.88
CA CYS C 247 17.78 -15.93 -2.04
C CYS C 247 18.15 -17.01 -1.02
N PHE C 248 17.17 -17.78 -0.52
CA PHE C 248 17.48 -18.85 0.42
C PHE C 248 18.50 -19.81 -0.17
N GLU C 249 18.46 -20.00 -1.49
CA GLU C 249 19.33 -20.95 -2.17
C GLU C 249 20.70 -20.36 -2.45
N ARG C 250 20.76 -19.38 -3.35
CA ARG C 250 22.04 -18.89 -3.85
C ARG C 250 22.72 -17.91 -2.90
N LYS C 251 21.98 -17.30 -1.97
CA LYS C 251 22.60 -16.45 -0.98
C LYS C 251 23.36 -15.31 -1.65
N TRP C 252 24.15 -14.55 -0.89
CA TRP C 252 24.66 -13.27 -1.36
C TRP C 252 26.18 -13.21 -1.31
N ASN C 253 26.73 -12.44 -2.24
CA ASN C 253 28.14 -12.09 -2.27
C ASN C 253 29.00 -13.36 -2.17
N GLY C 254 28.93 -14.15 -3.24
CA GLY C 254 29.62 -15.42 -3.30
C GLY C 254 29.11 -16.47 -2.34
N GLY C 255 27.92 -16.29 -1.77
CA GLY C 255 27.34 -17.27 -0.87
C GLY C 255 27.68 -17.11 0.60
N VAL C 256 28.30 -16.01 1.00
CA VAL C 256 28.84 -15.88 2.37
C VAL C 256 27.81 -15.51 3.42
N ASN C 257 26.56 -15.21 3.04
CA ASN C 257 25.52 -14.81 3.98
C ASN C 257 24.22 -14.52 3.23
N TRP C 258 23.16 -14.16 3.94
CA TRP C 258 22.02 -13.52 3.29
C TRP C 258 21.12 -12.89 4.34
N CYS C 259 20.06 -12.24 3.83
CA CYS C 259 19.32 -11.27 4.62
C CYS C 259 18.61 -11.93 5.81
N VAL C 260 18.03 -13.11 5.61
CA VAL C 260 17.35 -13.77 6.71
C VAL C 260 18.35 -14.23 7.77
N GLN C 261 19.47 -14.83 7.33
CA GLN C 261 20.50 -15.25 8.28
C GLN C 261 21.01 -14.07 9.08
N ASN C 262 21.36 -12.98 8.39
CA ASN C 262 21.99 -11.86 9.06
C ASN C 262 20.99 -11.05 9.88
N ALA C 263 19.78 -10.89 9.37
CA ALA C 263 18.79 -10.08 10.07
C ALA C 263 17.38 -10.44 9.63
N VAL C 264 16.87 -9.80 8.57
CA VAL C 264 15.53 -10.11 8.05
C VAL C 264 15.48 -9.92 6.54
N CYS C 265 14.37 -10.36 5.96
CA CYS C 265 14.01 -10.09 4.58
C CYS C 265 13.04 -8.91 4.57
N ILE C 266 13.25 -7.98 3.64
CA ILE C 266 12.44 -6.78 3.53
C ILE C 266 11.60 -6.77 2.25
N GLY C 267 11.51 -7.90 1.56
CA GLY C 267 10.68 -7.97 0.36
C GLY C 267 11.12 -7.03 -0.74
N CYS C 268 12.44 -6.86 -0.92
CA CYS C 268 12.93 -5.84 -1.84
C CYS C 268 12.56 -6.13 -3.29
N VAL C 269 12.26 -7.39 -3.62
CA VAL C 269 11.95 -7.77 -5.00
C VAL C 269 10.51 -7.54 -5.40
N GLU C 270 9.66 -7.13 -4.47
CA GLU C 270 8.23 -7.18 -4.74
C GLU C 270 7.73 -5.83 -5.28
N PRO C 271 6.64 -5.84 -6.02
CA PRO C 271 6.14 -4.57 -6.58
C PRO C 271 5.79 -3.55 -5.52
N ASP C 272 5.30 -3.98 -4.37
CA ASP C 272 4.88 -3.03 -3.33
C ASP C 272 6.05 -2.52 -2.49
N PHE C 273 7.24 -3.07 -2.67
CA PHE C 273 8.38 -2.58 -1.92
C PHE C 273 8.61 -1.09 -2.24
N PRO C 274 8.90 -0.25 -1.23
CA PRO C 274 9.07 -0.55 0.19
C PRO C 274 7.80 -0.42 1.05
N ASP C 275 6.82 0.36 0.59
CA ASP C 275 5.72 0.74 1.46
C ASP C 275 4.89 -0.46 1.91
N GLY C 276 4.57 -1.37 0.98
CA GLY C 276 3.80 -2.54 1.38
C GLY C 276 4.56 -3.43 2.35
N LYS C 277 5.88 -3.30 2.39
CA LYS C 277 6.72 -4.11 3.25
C LYS C 277 7.17 -3.38 4.51
N SER C 278 6.79 -2.06 4.66
CA SER C 278 7.12 -1.31 5.86
C SER C 278 5.99 -1.39 6.88
N PRO C 279 6.31 -1.38 8.19
CA PRO C 279 7.66 -1.25 8.75
C PRO C 279 8.50 -2.50 8.51
N PHE C 280 9.80 -2.30 8.35
CA PHE C 280 10.69 -3.41 8.03
C PHE C 280 10.96 -4.28 9.23
N TYR C 281 10.78 -3.76 10.44
CA TYR C 281 11.19 -4.45 11.65
C TYR C 281 10.00 -4.78 12.54
N GLN C 282 8.82 -4.95 11.95
CA GLN C 282 7.70 -5.57 12.64
C GLN C 282 6.93 -6.44 11.65
N ALA C 283 6.42 -7.56 12.16
CA ALA C 283 6.02 -8.75 11.39
C ALA C 283 5.52 -8.54 9.96
N GLY D 4 40.00 34.11 -27.30
CA GLY D 4 38.57 34.29 -27.15
C GLY D 4 37.96 33.52 -25.98
N ARG D 5 36.64 33.53 -25.90
CA ARG D 5 35.88 32.93 -24.80
C ARG D 5 35.15 31.71 -25.34
N THR D 6 35.65 30.51 -25.07
CA THR D 6 34.99 29.29 -25.53
C THR D 6 34.42 28.53 -24.34
N THR D 7 33.14 28.19 -24.44
CA THR D 7 32.40 27.50 -23.39
C THR D 7 32.16 26.06 -23.82
N ILE D 8 32.63 25.11 -23.00
CA ILE D 8 32.44 23.69 -23.20
C ILE D 8 31.42 23.18 -22.19
N ALA D 9 30.58 22.22 -22.60
CA ALA D 9 29.63 21.60 -21.69
C ALA D 9 29.78 20.08 -21.74
N ILE D 10 29.91 19.47 -20.57
CA ILE D 10 29.99 18.02 -20.43
C ILE D 10 28.79 17.56 -19.61
N ASP D 11 27.83 16.91 -20.27
CA ASP D 11 26.67 16.30 -19.66
C ASP D 11 26.38 15.00 -20.41
N PRO D 12 26.61 13.82 -19.78
CA PRO D 12 27.03 13.48 -18.43
C PRO D 12 28.54 13.36 -18.29
N VAL D 13 29.09 13.79 -17.17
CA VAL D 13 30.46 13.42 -16.80
C VAL D 13 30.47 11.94 -16.46
N THR D 14 31.23 11.16 -17.21
CA THR D 14 31.24 9.72 -16.98
C THR D 14 32.35 9.35 -15.99
N ARG D 15 32.41 8.08 -15.64
CA ARG D 15 33.35 7.57 -14.65
C ARG D 15 33.34 8.45 -13.40
N ILE D 16 32.12 8.71 -12.94
CA ILE D 16 31.76 9.22 -11.63
C ILE D 16 30.57 8.38 -11.20
N GLU D 17 29.93 8.75 -10.10
CA GLU D 17 28.62 8.20 -9.77
C GLU D 17 27.57 9.29 -9.93
N GLY D 18 26.66 9.10 -10.88
CA GLY D 18 25.43 9.85 -10.92
C GLY D 18 25.39 10.84 -12.06
N HIS D 19 24.34 11.66 -12.03
CA HIS D 19 24.02 12.61 -13.09
C HIS D 19 24.65 13.95 -12.76
N LEU D 20 25.67 14.34 -13.55
CA LEU D 20 26.38 15.59 -13.37
C LEU D 20 26.61 16.26 -14.71
N LYS D 21 26.21 17.53 -14.83
CA LYS D 21 26.66 18.37 -15.93
C LYS D 21 27.71 19.35 -15.42
N ALA D 22 28.79 19.49 -16.19
CA ALA D 22 29.82 20.48 -15.92
C ALA D 22 29.89 21.44 -17.10
N GLU D 23 29.97 22.73 -16.79
CA GLU D 23 30.06 23.79 -17.78
C GLU D 23 31.32 24.60 -17.46
N VAL D 24 32.28 24.63 -18.39
CA VAL D 24 33.48 25.44 -18.22
C VAL D 24 33.56 26.47 -19.32
N VAL D 25 34.10 27.64 -18.97
CA VAL D 25 34.43 28.70 -19.91
C VAL D 25 35.94 28.74 -20.02
N VAL D 26 36.45 28.79 -21.24
CA VAL D 26 37.88 28.68 -21.49
C VAL D 26 38.34 29.92 -22.25
N GLU D 27 39.35 30.59 -21.69
CA GLU D 27 40.13 31.61 -22.40
C GLU D 27 41.60 31.35 -22.14
N ASN D 28 42.42 31.60 -23.16
CA ASN D 28 43.88 31.52 -23.03
C ASN D 28 44.34 30.10 -22.67
N GLY D 29 43.56 29.09 -23.05
CA GLY D 29 43.93 27.72 -22.79
C GLY D 29 43.83 27.30 -21.33
N LYS D 30 42.98 27.95 -20.56
CA LYS D 30 42.76 27.58 -19.16
C LYS D 30 41.31 27.84 -18.80
N VAL D 31 40.80 27.08 -17.82
CA VAL D 31 39.47 27.32 -17.30
C VAL D 31 39.45 28.65 -16.56
N VAL D 32 38.36 29.39 -16.70
CA VAL D 32 38.23 30.67 -16.01
C VAL D 32 36.91 30.82 -15.26
N ASP D 33 35.87 30.06 -15.58
CA ASP D 33 34.70 29.98 -14.72
C ASP D 33 34.07 28.60 -14.92
N ALA D 34 33.46 28.09 -13.86
CA ALA D 34 32.89 26.75 -13.86
C ALA D 34 31.48 26.77 -13.27
N ARG D 35 30.70 25.76 -13.67
CA ARG D 35 29.36 25.55 -13.14
C ARG D 35 29.05 24.06 -13.19
N LEU D 36 28.69 23.49 -12.04
CA LEU D 36 28.37 22.07 -11.93
C LEU D 36 26.89 21.91 -11.60
N SER D 37 26.19 21.09 -12.40
CA SER D 37 24.77 20.84 -12.23
CA SER D 37 24.77 20.84 -12.22
C SER D 37 24.53 19.41 -11.80
N GLY D 38 23.64 19.23 -10.82
CA GLY D 38 23.19 17.92 -10.40
C GLY D 38 21.80 17.67 -10.94
N GLY D 39 21.65 16.70 -11.84
CA GLY D 39 20.50 16.61 -12.71
C GLY D 39 19.41 15.61 -12.38
N MET D 40 19.48 14.93 -11.23
CA MET D 40 18.47 13.93 -10.90
C MET D 40 18.12 14.04 -9.43
N TYR D 41 16.83 13.98 -9.12
CA TYR D 41 16.34 14.26 -7.78
C TYR D 41 15.31 13.22 -7.37
N ARG D 42 15.43 12.76 -6.13
CA ARG D 42 14.49 11.85 -5.52
C ARG D 42 13.90 12.39 -4.23
N GLY D 43 14.71 13.02 -3.39
CA GLY D 43 14.20 13.59 -2.17
C GLY D 43 13.94 12.55 -1.09
N PHE D 44 14.95 11.79 -0.68
CA PHE D 44 14.78 10.93 0.48
C PHE D 44 14.35 11.73 1.70
N GLU D 45 14.58 13.04 1.69
CA GLU D 45 14.34 13.85 2.88
C GLU D 45 12.85 14.01 3.18
N THR D 46 11.98 13.92 2.17
CA THR D 46 10.53 13.87 2.40
C THR D 46 9.99 12.45 2.41
N ILE D 47 10.50 11.60 1.52
CA ILE D 47 10.06 10.21 1.46
C ILE D 47 10.02 9.61 2.85
N LEU D 48 11.00 9.99 3.70
CA LEU D 48 11.12 9.41 5.02
C LEU D 48 10.11 9.92 6.04
N ARG D 49 9.41 11.03 5.77
CA ARG D 49 8.51 11.59 6.76
C ARG D 49 7.36 10.61 7.01
N GLY D 50 7.05 10.38 8.28
CA GLY D 50 5.93 9.56 8.68
C GLY D 50 6.26 8.13 9.03
N ARG D 51 7.50 7.69 8.82
CA ARG D 51 7.84 6.28 8.96
C ARG D 51 8.38 5.95 10.35
N ASP D 52 8.14 4.70 10.74
CA ASP D 52 8.86 4.08 11.85
C ASP D 52 10.33 4.45 11.73
N PRO D 53 10.94 5.01 12.78
CA PRO D 53 12.34 5.45 12.66
C PRO D 53 13.32 4.37 12.23
N ARG D 54 13.10 3.12 12.66
CA ARG D 54 14.06 2.06 12.37
C ARG D 54 14.05 1.66 10.91
N ASP D 55 13.08 2.13 10.12
CA ASP D 55 13.13 1.92 8.69
C ASP D 55 14.26 2.74 8.07
N ALA D 56 14.56 3.91 8.64
CA ALA D 56 15.58 4.78 8.07
C ALA D 56 16.88 4.05 7.79
N SER D 57 17.31 3.17 8.71
CA SER D 57 18.61 2.54 8.52
C SER D 57 18.64 1.69 7.26
N GLN D 58 17.49 1.41 6.66
CA GLN D 58 17.39 0.78 5.36
C GLN D 58 17.10 1.78 4.24
N ILE D 59 16.06 2.61 4.35
CA ILE D 59 15.73 3.52 3.25
C ILE D 59 16.95 4.31 2.80
N VAL D 60 17.74 4.83 3.75
CA VAL D 60 18.74 5.84 3.38
C VAL D 60 19.94 5.26 2.67
N GLN D 61 20.12 3.94 2.70
CA GLN D 61 21.17 3.33 1.88
C GLN D 61 20.87 3.45 0.40
N ARG D 62 19.60 3.43 0.01
CA ARG D 62 19.24 3.52 -1.40
C ARG D 62 19.50 4.90 -1.97
N ILE D 63 19.95 5.84 -1.15
CA ILE D 63 20.51 7.10 -1.63
C ILE D 63 21.60 6.81 -2.66
N CYS D 64 22.59 6.01 -2.25
CA CYS D 64 23.74 5.68 -3.08
C CYS D 64 24.10 4.20 -2.98
N GLY D 65 24.20 3.55 -4.14
CA GLY D 65 24.49 2.12 -4.17
C GLY D 65 25.95 1.81 -3.89
N VAL D 66 26.78 2.84 -3.95
CA VAL D 66 28.22 2.66 -3.78
C VAL D 66 28.64 2.87 -2.32
N CYS D 67 28.08 3.87 -1.66
CA CYS D 67 28.44 4.16 -0.27
C CYS D 67 27.22 4.05 0.63
N PRO D 68 26.45 2.96 0.54
CA PRO D 68 25.27 2.84 1.41
C PRO D 68 25.65 2.65 2.87
N THR D 69 26.80 2.04 3.15
CA THR D 69 27.18 1.79 4.54
C THR D 69 27.60 3.07 5.26
N ALA D 70 28.10 4.08 4.54
CA ALA D 70 28.30 5.38 5.16
C ALA D 70 26.97 5.98 5.59
N HIS D 71 25.92 5.75 4.79
CA HIS D 71 24.59 6.22 5.13
C HIS D 71 23.99 5.37 6.25
N SER D 72 24.08 4.05 6.09
CA SER D 72 23.67 3.15 7.18
C SER D 72 24.30 3.57 8.49
N THR D 73 25.59 3.90 8.47
CA THR D 73 26.29 4.25 9.71
C THR D 73 25.84 5.62 10.21
N ALA D 74 25.85 6.64 9.35
CA ALA D 74 25.34 7.94 9.75
C ALA D 74 23.97 7.80 10.39
N SER D 75 23.12 6.98 9.77
CA SER D 75 21.72 6.87 10.21
C SER D 75 21.63 6.25 11.60
N VAL D 76 22.19 5.05 11.78
CA VAL D 76 22.07 4.37 13.07
C VAL D 76 22.64 5.23 14.18
N LEU D 77 23.71 5.97 13.91
CA LEU D 77 24.24 6.88 14.93
C LEU D 77 23.18 7.85 15.42
N ALA D 78 22.50 8.53 14.50
CA ALA D 78 21.42 9.42 14.90
C ALA D 78 20.36 8.65 15.68
N LEU D 79 19.88 7.53 15.11
CA LEU D 79 18.92 6.70 15.82
C LEU D 79 19.43 6.35 17.22
N ASP D 80 20.69 5.91 17.32
CA ASP D 80 21.30 5.63 18.61
C ASP D 80 21.07 6.78 19.59
N GLU D 81 21.43 8.01 19.19
CA GLU D 81 21.22 9.16 20.07
C GLU D 81 19.75 9.29 20.45
N ALA D 82 18.85 9.24 19.47
CA ALA D 82 17.44 9.54 19.71
C ALA D 82 16.76 8.48 20.57
N PHE D 83 17.12 7.20 20.44
CA PHE D 83 16.48 6.16 21.23
C PHE D 83 17.09 6.02 22.62
N GLY D 84 18.22 6.66 22.87
CA GLY D 84 18.97 6.41 24.08
C GLY D 84 19.59 5.04 24.14
N ALA D 85 19.97 4.48 23.00
CA ALA D 85 20.51 3.13 22.99
C ALA D 85 21.98 3.13 23.36
N LYS D 86 22.40 2.04 23.99
CA LYS D 86 23.80 1.80 24.33
C LYS D 86 24.27 0.67 23.44
N VAL D 87 25.20 0.96 22.54
CA VAL D 87 25.68 -0.05 21.59
C VAL D 87 26.77 -0.85 22.28
N PRO D 88 26.60 -2.16 22.46
CA PRO D 88 27.68 -3.00 22.99
C PRO D 88 29.00 -2.69 22.33
N ASN D 89 30.07 -2.72 23.13
CA ASN D 89 31.41 -2.52 22.57
C ASN D 89 31.64 -3.44 21.38
N ASN D 90 31.19 -4.69 21.48
CA ASN D 90 31.45 -5.66 20.42
C ASN D 90 30.59 -5.42 19.18
N GLY D 91 29.47 -4.71 19.31
CA GLY D 91 28.77 -4.24 18.13
C GLY D 91 29.53 -3.10 17.47
N ARG D 92 29.97 -2.13 18.27
CA ARG D 92 30.79 -1.04 17.76
C ARG D 92 31.91 -1.60 16.87
N ILE D 93 32.59 -2.64 17.36
CA ILE D 93 33.65 -3.27 16.58
C ILE D 93 33.07 -3.91 15.32
N THR D 94 32.06 -4.78 15.50
CA THR D 94 31.42 -5.42 14.37
C THR D 94 31.02 -4.40 13.31
N ARG D 95 30.53 -3.24 13.74
CA ARG D 95 30.12 -2.21 12.78
C ARG D 95 31.30 -1.72 11.95
N ASN D 96 32.44 -1.48 12.60
CA ASN D 96 33.61 -0.99 11.86
C ASN D 96 34.09 -2.03 10.86
N LEU D 97 33.92 -3.32 11.15
CA LEU D 97 34.32 -4.34 10.17
C LEU D 97 33.39 -4.35 8.97
N ILE D 98 32.09 -4.08 9.16
CA ILE D 98 31.21 -3.95 8.02
C ILE D 98 31.52 -2.68 7.24
N PHE D 99 31.75 -1.57 7.95
CA PHE D 99 31.96 -0.29 7.27
C PHE D 99 33.37 -0.21 6.68
N GLY D 100 34.39 -0.53 7.46
CA GLY D 100 35.75 -0.43 6.97
C GLY D 100 35.97 -1.14 5.64
N ALA D 101 35.35 -2.29 5.46
CA ALA D 101 35.61 -3.11 4.28
C ALA D 101 35.20 -2.42 2.99
N ASN D 102 34.31 -1.44 3.05
CA ASN D 102 33.83 -0.77 1.84
C ASN D 102 34.65 0.47 1.49
N TYR D 103 35.33 1.09 2.47
CA TYR D 103 36.42 1.99 2.13
C TYR D 103 37.37 1.31 1.15
N LEU D 104 37.86 0.12 1.53
CA LEU D 104 38.73 -0.63 0.65
C LEU D 104 38.08 -0.82 -0.72
N GLN D 105 36.81 -1.21 -0.72
CA GLN D 105 36.10 -1.45 -1.98
C GLN D 105 35.88 -0.15 -2.75
N SER D 106 35.46 0.92 -2.07
CA SER D 106 35.20 2.17 -2.76
C SER D 106 36.47 2.74 -3.38
N HIS D 107 37.54 2.80 -2.60
CA HIS D 107 38.78 3.43 -3.08
C HIS D 107 39.42 2.60 -4.18
N ILE D 108 39.38 1.27 -4.06
CA ILE D 108 39.82 0.42 -5.16
C ILE D 108 39.01 0.72 -6.41
N LEU D 109 37.68 0.74 -6.28
CA LEU D 109 36.83 1.03 -7.41
C LEU D 109 37.16 2.39 -8.02
N HIS D 110 37.28 3.42 -7.19
CA HIS D 110 37.49 4.76 -7.72
C HIS D 110 38.72 4.82 -8.63
N PHE D 111 39.89 4.49 -8.09
CA PHE D 111 41.09 4.70 -8.89
C PHE D 111 41.07 3.83 -10.14
N TYR D 112 40.96 2.52 -9.97
CA TYR D 112 41.16 1.61 -11.10
C TYR D 112 40.06 1.75 -12.14
N HIS D 113 38.81 1.70 -11.71
CA HIS D 113 37.70 1.54 -12.63
C HIS D 113 37.02 2.85 -13.02
N LEU D 114 37.17 3.90 -12.22
CA LEU D 114 36.68 5.23 -12.59
C LEU D 114 37.81 6.13 -13.08
N SER D 115 38.83 6.33 -12.25
CA SER D 115 39.87 7.31 -12.53
C SER D 115 40.86 6.82 -13.58
N ALA D 116 41.36 5.60 -13.42
CA ALA D 116 42.57 5.17 -14.12
C ALA D 116 42.53 5.47 -15.61
N GLN D 117 41.36 5.33 -16.24
CA GLN D 117 41.26 5.54 -17.68
C GLN D 117 41.60 6.98 -18.09
N ASP D 118 41.59 7.92 -17.15
CA ASP D 118 42.16 9.23 -17.42
C ASP D 118 43.61 9.16 -17.88
N PHE D 119 44.31 8.08 -17.54
CA PHE D 119 45.75 7.98 -17.72
C PHE D 119 46.17 6.67 -18.39
N VAL D 120 45.22 5.80 -18.74
CA VAL D 120 45.51 4.44 -19.20
C VAL D 120 44.52 4.07 -20.30
N GLN D 121 45.03 3.46 -21.37
CA GLN D 121 44.19 2.95 -22.45
C GLN D 121 43.77 1.52 -22.15
N GLY D 122 42.49 1.33 -21.85
CA GLY D 122 41.92 0.01 -21.76
C GLY D 122 42.04 -0.76 -23.06
N PRO D 123 41.22 -1.79 -23.23
CA PRO D 123 41.27 -2.62 -24.43
C PRO D 123 40.55 -1.99 -25.64
N ASP D 124 40.53 -2.76 -26.73
CA ASP D 124 39.87 -2.39 -27.98
C ASP D 124 38.45 -2.96 -28.01
N THR D 125 37.67 -2.60 -27.00
CA THR D 125 36.29 -3.08 -26.89
C THR D 125 35.46 -2.09 -26.11
N ALA D 126 34.23 -1.89 -26.55
CA ALA D 126 33.33 -1.02 -25.80
C ALA D 126 33.06 -1.63 -24.42
N PRO D 127 32.99 -0.81 -23.36
CA PRO D 127 32.80 0.65 -23.41
C PRO D 127 34.10 1.44 -23.30
N PHE D 128 35.24 0.79 -23.50
CA PHE D 128 36.53 1.45 -23.37
C PHE D 128 37.00 2.10 -24.66
N VAL D 129 36.20 1.96 -25.72
CA VAL D 129 36.22 2.87 -26.85
C VAL D 129 34.80 3.05 -27.35
N PRO D 130 34.52 4.19 -27.99
CA PRO D 130 35.34 5.31 -28.48
C PRO D 130 35.77 6.34 -27.43
N ARG D 131 37.02 6.83 -27.49
CA ARG D 131 37.49 7.87 -26.58
C ARG D 131 38.27 8.94 -27.35
N PHE D 132 38.35 10.14 -26.73
CA PHE D 132 38.97 11.34 -27.28
C PHE D 132 40.16 11.02 -28.18
N PRO D 133 40.27 11.67 -29.36
CA PRO D 133 41.48 11.46 -30.17
C PRO D 133 42.77 11.88 -29.46
N LYS D 134 42.84 13.09 -28.93
CA LYS D 134 44.03 13.55 -28.20
C LYS D 134 43.75 13.41 -26.71
N SER D 135 43.84 12.16 -26.24
CA SER D 135 43.42 11.83 -24.88
C SER D 135 44.50 12.15 -23.84
N ASP D 136 45.77 12.16 -24.25
CA ASP D 136 46.89 12.51 -23.38
C ASP D 136 47.26 11.36 -22.43
N LEU D 137 47.43 10.17 -22.98
CA LEU D 137 47.79 8.97 -22.23
C LEU D 137 49.26 8.67 -22.51
N ARG D 138 50.13 9.05 -21.57
CA ARG D 138 51.57 9.15 -21.79
C ARG D 138 52.35 7.90 -21.38
N LEU D 139 51.69 6.84 -20.93
CA LEU D 139 52.40 5.70 -20.36
C LEU D 139 53.02 4.82 -21.44
N SER D 140 54.13 4.18 -21.06
CA SER D 140 54.75 3.18 -21.93
C SER D 140 53.80 2.00 -22.13
N LYS D 141 54.00 1.27 -23.23
CA LYS D 141 53.23 0.05 -23.46
C LYS D 141 53.39 -0.94 -22.31
N GLU D 142 54.56 -0.97 -21.67
CA GLU D 142 54.76 -1.86 -20.53
C GLU D 142 53.96 -1.40 -19.33
N LEU D 143 54.15 -0.14 -18.93
CA LEU D 143 53.43 0.40 -17.79
C LEU D 143 51.92 0.41 -18.01
N ASN D 144 51.49 0.70 -19.24
CA ASN D 144 50.07 0.77 -19.53
C ASN D 144 49.44 -0.62 -19.57
N LYS D 145 50.12 -1.60 -20.16
CA LYS D 145 49.64 -2.97 -20.05
C LYS D 145 49.70 -3.45 -18.61
N ALA D 146 50.52 -2.81 -17.77
CA ALA D 146 50.45 -3.04 -16.34
C ALA D 146 49.20 -2.39 -15.74
N GLY D 147 48.85 -1.20 -16.23
CA GLY D 147 47.62 -0.57 -15.78
C GLY D 147 46.39 -1.42 -16.01
N VAL D 148 46.27 -2.00 -17.20
CA VAL D 148 45.07 -2.78 -17.52
C VAL D 148 45.05 -4.06 -16.70
N ASP D 149 46.17 -4.78 -16.66
CA ASP D 149 46.24 -6.02 -15.90
C ASP D 149 45.74 -5.81 -14.47
N GLN D 150 46.03 -4.64 -13.90
CA GLN D 150 45.65 -4.36 -12.51
C GLN D 150 44.18 -3.94 -12.42
N TYR D 151 43.72 -3.06 -13.31
CA TYR D 151 42.29 -2.78 -13.45
C TYR D 151 41.48 -4.07 -13.38
N ILE D 152 41.78 -5.01 -14.27
CA ILE D 152 41.07 -6.29 -14.29
C ILE D 152 41.24 -7.04 -12.97
N GLU D 153 42.37 -6.85 -12.29
CA GLU D 153 42.55 -7.55 -11.01
C GLU D 153 41.75 -6.89 -9.91
N ALA D 154 41.71 -5.56 -9.90
CA ALA D 154 40.85 -4.85 -8.95
C ALA D 154 39.41 -5.32 -9.03
N LEU D 155 38.99 -5.86 -10.18
CA LEU D 155 37.62 -6.35 -10.32
C LEU D 155 37.32 -7.49 -9.35
N GLU D 156 38.27 -8.42 -9.17
CA GLU D 156 38.05 -9.48 -8.20
C GLU D 156 38.38 -9.01 -6.79
N VAL D 157 39.26 -8.02 -6.66
CA VAL D 157 39.61 -7.49 -5.34
C VAL D 157 38.43 -6.79 -4.72
N ARG D 158 37.83 -5.85 -5.44
CA ARG D 158 36.69 -5.13 -4.89
C ARG D 158 35.48 -6.06 -4.72
N ARG D 159 35.32 -7.04 -5.61
CA ARG D 159 34.24 -8.02 -5.42
C ARG D 159 34.40 -8.76 -4.10
N ILE D 160 35.64 -8.92 -3.63
CA ILE D 160 35.90 -9.59 -2.37
C ILE D 160 35.55 -8.70 -1.19
N CYS D 161 35.95 -7.43 -1.24
CA CYS D 161 35.56 -6.48 -0.20
C CYS D 161 34.06 -6.51 0.06
N HIS D 162 33.26 -6.64 -1.01
CA HIS D 162 31.82 -6.75 -0.82
C HIS D 162 31.40 -8.10 -0.25
N GLU D 163 32.32 -9.06 -0.20
CA GLU D 163 32.10 -10.25 0.60
C GLU D 163 32.60 -10.07 2.03
N MET D 164 33.62 -9.24 2.24
CA MET D 164 33.98 -8.84 3.59
C MET D 164 32.82 -8.12 4.28
N VAL D 165 32.28 -7.09 3.62
CA VAL D 165 31.08 -6.41 4.11
C VAL D 165 29.97 -7.41 4.40
N ALA D 166 29.63 -8.23 3.40
CA ALA D 166 28.43 -9.06 3.49
C ALA D 166 28.50 -10.12 4.56
N LEU D 167 29.70 -10.43 5.07
CA LEU D 167 29.81 -11.49 6.07
C LEU D 167 28.98 -11.16 7.30
N PHE D 168 29.17 -9.95 7.84
CA PHE D 168 28.47 -9.50 9.03
C PHE D 168 27.36 -8.50 8.72
N GLY D 169 27.32 -7.96 7.50
CA GLY D 169 26.25 -7.07 7.10
C GLY D 169 25.10 -7.80 6.41
N GLY D 170 25.37 -8.96 5.82
CA GLY D 170 24.33 -9.77 5.21
C GLY D 170 24.37 -9.81 3.70
N ARG D 171 24.34 -8.65 3.05
CA ARG D 171 24.58 -8.55 1.62
C ARG D 171 25.18 -7.18 1.34
N MET D 172 25.59 -6.98 0.08
CA MET D 172 26.08 -5.70 -0.38
C MET D 172 25.87 -5.67 -1.89
N PRO D 173 25.30 -4.58 -2.44
CA PRO D 173 24.96 -3.32 -1.76
C PRO D 173 23.71 -3.40 -0.89
N HIS D 174 23.64 -2.51 0.10
CA HIS D 174 22.49 -2.32 0.98
C HIS D 174 22.49 -3.36 2.10
N VAL D 175 23.32 -3.11 3.11
CA VAL D 175 23.49 -4.05 4.20
C VAL D 175 22.21 -4.19 5.01
N GLN D 176 22.03 -5.37 5.58
CA GLN D 176 20.98 -5.66 6.53
C GLN D 176 21.48 -5.63 7.96
N GLY D 177 22.79 -5.53 8.15
CA GLY D 177 23.41 -5.85 9.41
C GLY D 177 23.49 -4.72 10.41
N GLN D 178 23.38 -3.47 9.96
CA GLN D 178 23.47 -2.33 10.85
C GLN D 178 22.07 -1.79 11.11
N VAL D 179 21.71 -1.73 12.38
CA VAL D 179 20.41 -1.30 12.84
C VAL D 179 20.65 -0.45 14.08
N VAL D 180 19.56 0.14 14.59
CA VAL D 180 19.68 0.84 15.85
C VAL D 180 19.85 -0.20 16.95
N GLY D 181 20.86 0.00 17.79
CA GLY D 181 21.25 -0.98 18.78
C GLY D 181 22.52 -1.74 18.44
N GLY D 182 22.91 -1.81 17.17
CA GLY D 182 24.21 -2.37 16.83
C GLY D 182 24.34 -3.08 15.50
N ALA D 183 24.72 -4.36 15.57
CA ALA D 183 24.90 -5.20 14.41
C ALA D 183 24.08 -6.46 14.61
N THR D 184 23.45 -6.94 13.53
CA THR D 184 22.44 -7.98 13.67
C THR D 184 23.03 -9.39 13.65
N GLU D 185 24.33 -9.53 13.38
CA GLU D 185 24.96 -10.85 13.36
C GLU D 185 26.24 -10.78 14.17
N ILE D 186 26.37 -11.67 15.15
CA ILE D 186 27.58 -11.73 15.96
C ILE D 186 28.64 -12.51 15.19
N PRO D 187 29.85 -11.97 15.03
CA PRO D 187 30.90 -12.75 14.35
C PRO D 187 31.20 -14.04 15.08
N THR D 188 31.12 -15.14 14.34
CA THR D 188 31.64 -16.40 14.84
C THR D 188 33.15 -16.43 14.61
N LYS D 189 33.85 -17.23 15.41
CA LYS D 189 35.24 -17.51 15.07
C LYS D 189 35.35 -17.87 13.60
N GLU D 190 34.44 -18.72 13.14
CA GLU D 190 34.47 -19.23 11.77
C GLU D 190 34.50 -18.10 10.74
N LYS D 191 33.57 -17.14 10.82
CA LYS D 191 33.52 -16.11 9.80
C LYS D 191 34.57 -15.03 10.03
N LEU D 192 34.95 -14.80 11.29
CA LEU D 192 36.10 -13.93 11.56
C LEU D 192 37.35 -14.45 10.86
N VAL D 193 37.42 -15.76 10.61
CA VAL D 193 38.47 -16.29 9.74
C VAL D 193 38.17 -15.93 8.29
N GLU D 194 36.99 -16.31 7.81
CA GLU D 194 36.57 -15.93 6.46
C GLU D 194 36.86 -14.45 6.20
N TYR D 195 36.46 -13.58 7.14
CA TYR D 195 36.71 -12.16 6.95
C TYR D 195 38.20 -11.87 6.95
N ALA D 196 38.92 -12.40 7.95
CA ALA D 196 40.35 -12.15 8.02
C ALA D 196 41.08 -12.72 6.81
N ALA D 197 40.61 -13.85 6.29
CA ALA D 197 41.22 -14.44 5.10
C ALA D 197 41.14 -13.50 3.92
N ARG D 198 39.91 -13.14 3.52
CA ARG D 198 39.72 -12.19 2.44
C ARG D 198 40.48 -10.90 2.70
N PHE D 199 40.52 -10.47 3.96
CA PHE D 199 41.26 -9.26 4.27
C PHE D 199 42.71 -9.37 3.80
N LYS D 200 43.29 -10.57 3.88
CA LYS D 200 44.70 -10.74 3.55
C LYS D 200 44.96 -10.56 2.05
N LYS D 201 44.13 -11.21 1.21
CA LYS D 201 44.27 -10.99 -0.23
C LYS D 201 44.14 -9.50 -0.57
N VAL D 202 43.28 -8.78 0.15
CA VAL D 202 43.11 -7.35 -0.10
C VAL D 202 44.28 -6.56 0.47
N ARG D 203 44.68 -6.88 1.71
CA ARG D 203 45.93 -6.34 2.26
C ARG D 203 47.04 -6.41 1.23
N ASP D 204 47.17 -7.55 0.56
CA ASP D 204 48.28 -7.73 -0.38
C ASP D 204 48.14 -6.83 -1.59
N PHE D 205 46.97 -6.84 -2.23
CA PHE D 205 46.78 -6.06 -3.44
C PHE D 205 46.95 -4.56 -3.16
N VAL D 206 46.36 -4.08 -2.07
CA VAL D 206 46.52 -2.67 -1.73
C VAL D 206 47.98 -2.34 -1.51
N GLU D 207 48.68 -3.19 -0.76
CA GLU D 207 50.07 -2.96 -0.44
C GLU D 207 50.98 -3.16 -1.64
N GLN D 208 50.77 -4.26 -2.39
CA GLN D 208 51.72 -4.59 -3.45
C GLN D 208 51.44 -3.83 -4.75
N LYS D 209 50.18 -3.65 -5.11
CA LYS D 209 49.85 -3.13 -6.44
C LYS D 209 49.29 -1.72 -6.44
N TYR D 210 48.35 -1.41 -5.54
CA TYR D 210 47.56 -0.18 -5.73
C TYR D 210 48.32 1.07 -5.32
N VAL D 211 48.77 1.16 -4.05
CA VAL D 211 49.52 2.35 -3.63
C VAL D 211 50.72 2.58 -4.54
N PRO D 212 51.57 1.59 -4.80
CA PRO D 212 52.67 1.78 -5.76
C PRO D 212 52.25 2.45 -7.06
N VAL D 213 51.25 1.90 -7.74
CA VAL D 213 50.90 2.37 -9.08
C VAL D 213 50.33 3.78 -9.04
N VAL D 214 49.81 4.24 -7.90
CA VAL D 214 49.36 5.62 -7.80
C VAL D 214 50.55 6.57 -7.79
N TYR D 215 51.60 6.22 -7.05
CA TYR D 215 52.84 6.97 -7.11
C TYR D 215 53.49 6.86 -8.48
N THR D 216 53.60 5.64 -9.01
CA THR D 216 54.14 5.44 -10.34
C THR D 216 53.48 6.39 -11.35
N ILE D 217 52.16 6.32 -11.46
CA ILE D 217 51.44 7.21 -12.37
C ILE D 217 51.58 8.65 -11.90
N GLY D 218 51.55 8.87 -10.58
CA GLY D 218 51.80 10.20 -10.07
C GLY D 218 53.04 10.81 -10.66
N SER D 219 54.13 10.03 -10.71
CA SER D 219 55.41 10.55 -11.20
C SER D 219 55.46 10.70 -12.71
N LYS D 220 54.63 9.95 -13.46
CA LYS D 220 54.54 10.23 -14.89
C LYS D 220 53.71 11.48 -15.18
N TYR D 221 52.81 11.85 -14.27
CA TYR D 221 51.97 13.03 -14.45
C TYR D 221 52.26 14.09 -13.38
N LYS D 222 53.49 14.60 -13.34
CA LYS D 222 53.85 15.54 -12.27
C LYS D 222 53.26 16.93 -12.46
N ASP D 223 52.88 17.33 -13.68
CA ASP D 223 52.21 18.62 -13.80
C ASP D 223 50.86 18.61 -13.11
N MET D 224 50.30 17.44 -12.84
CA MET D 224 48.99 17.31 -12.20
C MET D 224 49.01 17.67 -10.72
N PHE D 225 50.19 17.74 -10.09
CA PHE D 225 50.26 18.23 -8.72
C PHE D 225 50.25 19.74 -8.66
N LYS D 226 50.21 20.40 -9.81
CA LYS D 226 50.34 21.84 -9.93
C LYS D 226 49.02 22.51 -10.29
N VAL D 227 47.92 21.76 -10.35
CA VAL D 227 46.61 22.26 -10.70
C VAL D 227 45.58 21.71 -9.73
N GLY D 228 44.44 22.42 -9.62
CA GLY D 228 43.34 21.99 -8.79
C GLY D 228 43.35 22.45 -7.34
N GLN D 229 44.19 23.42 -6.97
CA GLN D 229 44.33 23.76 -5.55
C GLN D 229 43.03 24.28 -4.96
N GLY D 230 42.26 25.06 -5.73
CA GLY D 230 41.06 25.62 -5.16
C GLY D 230 41.33 26.28 -3.81
N PHE D 231 40.28 26.34 -2.99
CA PHE D 231 40.37 27.04 -1.71
C PHE D 231 41.37 26.42 -0.73
N LYS D 232 41.94 25.26 -1.05
CA LYS D 232 42.81 24.51 -0.14
C LYS D 232 42.27 24.51 1.30
N ALA D 233 41.01 24.11 1.44
CA ALA D 233 40.38 23.95 2.74
C ALA D 233 39.71 22.60 2.84
N ALA D 234 39.70 22.04 4.06
CA ALA D 234 39.28 20.66 4.26
C ALA D 234 38.38 20.55 5.48
N LEU D 235 37.49 19.56 5.46
CA LEU D 235 36.62 19.22 6.57
C LEU D 235 36.71 17.74 6.87
N CYS D 236 36.71 17.42 8.17
CA CYS D 236 36.58 16.06 8.67
C CYS D 236 35.69 16.15 9.90
N VAL D 237 34.81 15.16 10.08
CA VAL D 237 33.85 15.19 11.17
C VAL D 237 33.96 13.96 12.06
N GLY D 238 34.97 13.12 11.82
CA GLY D 238 35.20 12.00 12.70
C GLY D 238 34.47 10.76 12.23
N ALA D 239 35.08 9.60 12.42
CA ALA D 239 34.52 8.38 11.87
C ALA D 239 35.17 7.19 12.56
N PHE D 240 34.41 6.11 12.65
CA PHE D 240 34.92 4.86 13.19
C PHE D 240 35.34 5.04 14.64
N PRO D 241 34.40 5.10 15.57
CA PRO D 241 34.78 5.26 16.99
C PRO D 241 35.59 4.08 17.49
N LEU D 242 36.61 4.40 18.28
CA LEU D 242 37.53 3.42 18.83
C LEU D 242 37.19 3.06 20.27
N ASP D 243 36.45 3.93 20.95
CA ASP D 243 35.96 3.73 22.30
C ASP D 243 34.44 3.79 22.30
N ASN D 244 33.85 3.38 23.43
CA ASN D 244 32.41 3.45 23.62
C ASN D 244 31.93 4.79 24.16
N SER D 245 32.83 5.76 24.30
CA SER D 245 32.48 7.05 24.88
C SER D 245 32.18 8.13 23.86
N GLY D 246 32.72 8.02 22.65
CA GLY D 246 32.55 9.07 21.66
C GLY D 246 33.60 10.15 21.82
N LYS D 247 34.85 9.72 21.97
CA LYS D 247 35.97 10.64 22.14
C LYS D 247 37.08 10.39 21.11
N LYS D 248 37.57 9.16 21.06
CA LYS D 248 38.63 8.76 20.15
C LYS D 248 38.02 8.08 18.92
N HIS D 249 38.45 8.49 17.73
CA HIS D 249 37.96 7.95 16.47
C HIS D 249 39.13 7.77 15.51
N LEU D 250 38.95 6.87 14.54
CA LEU D 250 40.02 6.61 13.57
C LEU D 250 40.39 7.88 12.83
N PHE D 251 39.40 8.56 12.26
CA PHE D 251 39.56 9.92 11.75
C PHE D 251 38.99 10.86 12.80
N MET D 252 39.79 11.81 13.21
CA MET D 252 39.32 12.78 14.18
C MET D 252 38.87 14.06 13.48
N PRO D 253 37.88 14.75 14.04
CA PRO D 253 37.28 15.90 13.34
C PRO D 253 38.24 17.09 13.29
N GLY D 254 37.85 18.10 12.53
CA GLY D 254 38.66 19.29 12.38
C GLY D 254 38.46 19.99 11.04
N VAL D 255 38.71 21.31 11.05
CA VAL D 255 38.62 22.15 9.86
C VAL D 255 39.96 22.84 9.64
N TYR D 256 40.27 23.14 8.38
CA TYR D 256 41.52 23.79 7.99
C TYR D 256 41.21 24.80 6.91
N ALA D 257 41.45 26.09 7.19
CA ALA D 257 41.15 27.15 6.23
C ALA D 257 42.12 28.30 6.43
N LYS D 258 42.77 28.72 5.34
CA LYS D 258 43.77 29.79 5.38
C LYS D 258 44.95 29.36 6.25
N GLY D 259 45.62 28.28 5.81
CA GLY D 259 46.74 27.72 6.53
C GLY D 259 46.46 27.43 7.99
N LYS D 260 45.20 27.56 8.42
CA LYS D 260 44.84 27.68 9.82
C LYS D 260 43.93 26.54 10.22
N ASP D 261 44.41 25.68 11.12
CA ASP D 261 43.56 24.66 11.70
C ASP D 261 42.61 25.25 12.74
N MET D 262 41.44 24.62 12.84
CA MET D 262 40.45 25.00 13.82
CA MET D 262 40.39 25.03 13.77
C MET D 262 39.58 23.79 14.10
N PRO D 263 38.89 23.77 15.24
CA PRO D 263 38.02 22.63 15.53
C PRO D 263 36.73 22.74 14.75
N PHE D 264 36.01 21.63 14.69
CA PHE D 264 34.79 21.56 13.90
C PHE D 264 33.57 21.74 14.81
N ASP D 265 32.70 22.68 14.44
CA ASP D 265 31.54 23.07 15.24
C ASP D 265 30.27 22.88 14.42
N PRO D 266 29.53 21.78 14.59
CA PRO D 266 28.41 21.50 13.68
C PRO D 266 27.35 22.60 13.61
N SER D 267 27.22 23.46 14.61
CA SER D 267 26.21 24.51 14.51
C SER D 267 26.59 25.58 13.49
N LYS D 268 27.85 25.63 13.08
CA LYS D 268 28.31 26.58 12.08
C LYS D 268 28.06 26.07 10.67
N ILE D 269 27.01 25.26 10.48
CA ILE D 269 26.65 24.66 9.19
C ILE D 269 25.34 25.25 8.71
N LYS D 270 25.30 25.68 7.45
CA LYS D 270 24.08 26.20 6.84
C LYS D 270 24.03 25.78 5.37
N GLU D 271 22.84 25.44 4.90
CA GLU D 271 22.62 24.93 3.55
C GLU D 271 21.92 26.01 2.74
N TYR D 272 22.65 26.59 1.78
CA TYR D 272 22.15 27.67 0.94
C TYR D 272 21.58 27.07 -0.35
N VAL D 273 20.53 27.71 -0.89
CA VAL D 273 19.89 27.18 -2.09
C VAL D 273 19.59 28.28 -3.12
N LYS D 274 20.26 29.42 -3.03
CA LYS D 274 20.01 30.47 -4.02
C LYS D 274 20.17 29.91 -5.44
N TYR D 275 21.23 29.14 -5.66
CA TYR D 275 21.55 28.60 -6.98
C TYR D 275 21.17 27.12 -7.11
N SER D 276 20.39 26.58 -6.17
CA SER D 276 19.88 25.21 -6.26
C SER D 276 18.37 25.25 -6.47
N TRP D 277 17.83 24.21 -7.09
CA TRP D 277 16.40 24.17 -7.43
C TRP D 277 15.56 23.80 -6.21
N PHE D 278 15.67 24.64 -5.17
CA PHE D 278 14.84 24.50 -3.97
C PHE D 278 14.27 25.87 -3.63
N ALA D 279 12.97 25.90 -3.32
CA ALA D 279 12.27 27.09 -2.87
C ALA D 279 13.17 28.05 -2.12
N GLU D 280 13.30 29.26 -2.66
CA GLU D 280 14.14 30.31 -2.08
C GLU D 280 13.88 30.48 -0.58
N GLU D 281 12.64 30.28 -0.12
CA GLU D 281 12.30 30.58 1.26
C GLU D 281 12.89 29.58 2.26
N THR D 282 13.68 28.61 1.83
CA THR D 282 14.25 27.62 2.74
C THR D 282 15.75 27.76 2.91
N THR D 283 16.38 28.67 2.16
CA THR D 283 17.83 28.76 2.16
C THR D 283 18.35 29.11 3.54
N GLY D 284 19.62 28.76 3.78
CA GLY D 284 20.34 29.22 4.94
C GLY D 284 20.08 28.47 6.24
N LEU D 285 19.13 27.54 6.28
CA LEU D 285 18.83 26.87 7.52
C LEU D 285 19.99 25.97 7.94
N ASN D 286 20.00 25.59 9.21
CA ASN D 286 20.91 24.56 9.70
C ASN D 286 20.17 23.23 9.72
N TYR D 287 20.94 22.14 9.75
CA TYR D 287 20.31 20.83 9.59
C TYR D 287 19.19 20.60 10.59
N LYS D 288 19.34 21.05 11.83
CA LYS D 288 18.30 20.78 12.81
C LYS D 288 16.99 21.50 12.46
N GLU D 289 17.06 22.56 11.66
CA GLU D 289 15.90 23.27 11.16
C GLU D 289 15.67 23.02 9.68
N GLY D 290 16.25 21.95 9.14
CA GLY D 290 16.27 21.76 7.70
C GLY D 290 14.89 21.52 7.13
N LYS D 291 14.73 21.92 5.87
CA LYS D 291 13.53 21.64 5.08
C LYS D 291 13.95 21.42 3.63
N THR D 292 13.14 20.65 2.90
CA THR D 292 13.43 20.33 1.50
C THR D 292 12.15 20.48 0.69
N ILE D 293 12.08 21.51 -0.14
CA ILE D 293 10.92 21.81 -0.96
C ILE D 293 11.36 21.89 -2.41
N PRO D 294 11.15 20.85 -3.20
CA PRO D 294 11.66 20.86 -4.58
C PRO D 294 11.09 22.02 -5.37
N ALA D 295 11.98 22.76 -6.02
CA ALA D 295 11.63 23.92 -6.85
C ALA D 295 12.38 23.82 -8.17
N PRO D 296 11.93 22.93 -9.06
CA PRO D 296 12.71 22.66 -10.29
C PRO D 296 12.71 23.78 -11.31
N ASP D 297 11.84 24.78 -11.18
CA ASP D 297 11.74 25.86 -12.15
C ASP D 297 12.31 27.18 -11.63
N LYS D 298 12.99 27.16 -10.49
CA LYS D 298 13.53 28.39 -9.93
C LYS D 298 14.52 29.03 -10.90
N ALA D 299 14.34 30.32 -11.14
CA ALA D 299 15.26 31.06 -12.01
C ALA D 299 16.65 31.07 -11.42
N GLY D 300 17.64 30.88 -12.29
CA GLY D 300 19.03 31.06 -11.94
C GLY D 300 19.70 29.87 -11.29
N ALA D 301 18.95 29.06 -10.55
CA ALA D 301 19.52 27.85 -9.99
C ALA D 301 19.93 26.91 -11.12
N TYR D 302 20.97 26.12 -10.87
CA TYR D 302 21.51 25.25 -11.92
C TYR D 302 21.93 23.89 -11.38
N SER D 303 21.38 23.46 -10.24
CA SER D 303 21.74 22.19 -9.64
C SER D 303 20.65 21.78 -8.65
N PHE D 304 20.48 20.47 -8.48
CA PHE D 304 19.64 19.97 -7.40
C PHE D 304 20.40 19.87 -6.09
N VAL D 305 21.71 20.11 -6.12
CA VAL D 305 22.57 20.03 -4.94
C VAL D 305 22.48 21.34 -4.16
N LYS D 306 22.20 21.24 -2.87
CA LYS D 306 22.25 22.42 -2.01
C LYS D 306 23.69 22.93 -1.92
N ALA D 307 23.83 24.16 -1.41
CA ALA D 307 25.14 24.80 -1.27
C ALA D 307 25.49 24.92 0.21
N PRO D 308 26.19 23.95 0.79
CA PRO D 308 26.56 24.04 2.20
C PRO D 308 27.78 24.91 2.42
N ARG D 309 27.78 25.61 3.57
CA ARG D 309 28.94 26.36 4.01
C ARG D 309 29.10 26.19 5.51
N TYR D 310 30.37 26.21 5.95
CA TYR D 310 30.73 26.07 7.36
C TYR D 310 31.34 27.40 7.80
N ASP D 311 30.54 28.23 8.47
CA ASP D 311 30.99 29.56 8.87
C ASP D 311 31.34 30.39 7.64
N GLY D 312 30.49 30.31 6.61
CA GLY D 312 30.66 31.04 5.37
C GLY D 312 31.71 30.49 4.42
N LEU D 313 32.58 29.61 4.88
CA LEU D 313 33.63 29.05 4.05
C LEU D 313 33.09 27.94 3.15
N SER D 314 33.68 27.81 1.96
CA SER D 314 33.44 26.66 1.09
C SER D 314 34.60 25.68 1.27
N LEU D 315 34.33 24.54 1.91
CA LEU D 315 35.33 23.54 2.23
C LEU D 315 35.29 22.39 1.23
N GLU D 316 36.21 21.45 1.41
CA GLU D 316 36.20 20.20 0.66
C GLU D 316 36.39 19.06 1.63
N VAL D 317 36.02 17.87 1.17
CA VAL D 317 35.90 16.68 2.02
C VAL D 317 36.48 15.49 1.28
N GLY D 318 36.76 14.43 2.05
CA GLY D 318 37.16 13.17 1.47
C GLY D 318 38.49 12.68 2.00
N PRO D 319 39.14 11.80 1.23
CA PRO D 319 40.45 11.29 1.65
C PRO D 319 41.45 12.40 1.96
N LEU D 320 41.76 13.22 0.95
CA LEU D 320 42.65 14.36 1.15
C LEU D 320 42.27 15.16 2.38
N ALA D 321 41.02 15.64 2.41
CA ALA D 321 40.60 16.49 3.52
C ALA D 321 40.83 15.79 4.87
N ARG D 322 40.59 14.48 4.92
CA ARG D 322 40.81 13.74 6.17
C ARG D 322 42.29 13.61 6.48
N MET D 323 43.08 13.09 5.51
CA MET D 323 44.49 12.85 5.75
C MET D 323 45.23 14.14 6.10
N TRP D 324 44.75 15.27 5.62
CA TRP D 324 45.38 16.55 5.96
C TRP D 324 45.10 16.91 7.42
N VAL D 325 43.84 16.87 7.82
CA VAL D 325 43.45 17.23 9.19
C VAL D 325 44.21 16.37 10.21
N ASN D 326 44.36 15.08 9.92
CA ASN D 326 44.93 14.15 10.88
C ASN D 326 46.45 14.04 10.83
N ASN D 327 47.06 14.36 9.68
CA ASN D 327 48.50 14.30 9.50
C ASN D 327 49.13 13.00 10.02
N PRO D 328 48.63 11.85 9.61
CA PRO D 328 49.24 10.58 10.03
C PRO D 328 50.50 10.25 9.25
N GLU D 329 51.19 9.21 9.70
CA GLU D 329 52.48 8.83 9.12
C GLU D 329 52.28 8.14 7.78
N LEU D 330 53.06 8.55 6.77
CA LEU D 330 52.91 7.95 5.45
C LEU D 330 53.23 6.46 5.50
N SER D 331 52.62 5.72 4.58
CA SER D 331 52.89 4.30 4.45
C SER D 331 54.35 4.12 4.06
N PRO D 332 54.89 2.91 4.20
CA PRO D 332 56.24 2.65 3.67
C PRO D 332 56.29 2.91 2.18
N VAL D 333 55.41 2.24 1.44
CA VAL D 333 55.42 2.30 -0.02
C VAL D 333 55.38 3.74 -0.52
N GLY D 334 54.80 4.65 0.25
CA GLY D 334 54.73 6.03 -0.16
C GLY D 334 56.01 6.78 0.13
N LYS D 335 56.62 6.49 1.27
CA LYS D 335 57.89 7.12 1.62
C LYS D 335 58.99 6.71 0.66
N LYS D 336 59.00 5.44 0.24
CA LYS D 336 60.00 4.96 -0.71
C LYS D 336 59.84 5.67 -2.06
N LEU D 337 58.68 5.49 -2.70
CA LEU D 337 58.49 6.01 -4.05
C LEU D 337 58.43 7.53 -4.08
N LEU D 338 58.15 8.19 -2.96
CA LEU D 338 58.36 9.63 -2.89
C LEU D 338 59.83 9.95 -3.08
N LYS D 339 60.70 9.19 -2.40
CA LYS D 339 62.15 9.32 -2.59
C LYS D 339 62.57 8.89 -3.99
N ASP D 340 62.27 7.65 -4.38
CA ASP D 340 62.88 7.07 -5.59
C ASP D 340 62.45 7.79 -6.86
N LEU D 341 61.18 8.15 -6.97
CA LEU D 341 60.63 8.65 -8.23
C LEU D 341 60.36 10.15 -8.22
N PHE D 342 60.02 10.71 -7.08
CA PHE D 342 59.80 12.14 -6.96
C PHE D 342 61.01 12.88 -6.38
N GLY D 343 61.97 12.15 -5.83
CA GLY D 343 63.10 12.77 -5.16
C GLY D 343 62.64 13.54 -3.95
N ILE D 344 61.84 12.88 -3.11
CA ILE D 344 61.14 13.55 -2.02
C ILE D 344 61.26 12.71 -0.76
N SER D 345 61.38 13.39 0.37
CA SER D 345 61.50 12.78 1.69
C SER D 345 60.34 13.26 2.52
N ALA D 346 59.52 12.30 3.00
CA ALA D 346 58.35 12.64 3.78
C ALA D 346 58.12 11.51 4.77
N LYS D 347 57.76 11.87 5.98
CA LYS D 347 57.53 10.91 7.05
C LYS D 347 56.09 10.91 7.51
N LYS D 348 55.43 12.07 7.52
CA LYS D 348 53.99 12.17 7.69
C LYS D 348 53.37 12.71 6.41
N PHE D 349 52.04 12.81 6.42
CA PHE D 349 51.33 13.24 5.21
C PHE D 349 51.58 14.72 4.95
N ARG D 350 51.39 15.57 5.96
CA ARG D 350 51.52 17.02 5.75
C ARG D 350 52.92 17.43 5.32
N ASP D 351 53.89 16.53 5.38
CA ASP D 351 55.18 16.81 4.76
C ASP D 351 55.06 16.95 3.25
N LEU D 352 53.90 16.62 2.67
CA LEU D 352 53.65 16.84 1.25
C LEU D 352 53.31 18.28 0.90
N GLY D 353 53.04 19.15 1.88
CA GLY D 353 52.80 20.56 1.62
C GLY D 353 51.47 20.90 0.98
N GLU D 354 51.04 22.16 1.14
CA GLU D 354 49.66 22.53 0.82
C GLU D 354 49.37 22.48 -0.68
N GLU D 355 50.29 22.96 -1.52
CA GLU D 355 49.96 23.10 -2.94
C GLU D 355 49.79 21.73 -3.61
N ALA D 356 50.71 20.80 -3.34
CA ALA D 356 50.65 19.51 -4.02
C ALA D 356 49.52 18.64 -3.49
N ALA D 357 49.40 18.52 -2.16
CA ALA D 357 48.31 17.76 -1.57
C ALA D 357 46.97 18.17 -2.15
N PHE D 358 46.65 19.46 -2.04
CA PHE D 358 45.42 20.01 -2.61
C PHE D 358 45.61 20.23 -4.11
N SER D 359 45.84 19.13 -4.82
CA SER D 359 45.97 19.16 -6.27
C SER D 359 45.22 17.98 -6.86
N LEU D 360 44.90 18.10 -8.15
CA LEU D 360 44.25 17.02 -8.88
C LEU D 360 44.80 15.65 -8.50
N MET D 361 46.12 15.48 -8.54
CA MET D 361 46.75 14.19 -8.25
C MET D 361 47.04 13.99 -6.77
N GLY D 362 46.87 15.02 -5.94
CA GLY D 362 47.05 14.83 -4.51
C GLY D 362 45.89 14.13 -3.84
N ARG D 363 44.70 14.20 -4.45
CA ARG D 363 43.55 13.48 -3.91
C ARG D 363 43.62 12.01 -4.26
N HIS D 364 43.99 11.68 -5.51
CA HIS D 364 44.29 10.29 -5.85
C HIS D 364 45.21 9.64 -4.83
N VAL D 365 46.19 10.39 -4.33
CA VAL D 365 47.19 9.85 -3.41
C VAL D 365 46.70 9.93 -1.98
N ALA D 366 46.13 11.07 -1.59
CA ALA D 366 45.29 11.10 -0.40
C ALA D 366 44.51 9.82 -0.28
N ARG D 367 43.85 9.42 -1.38
CA ARG D 367 42.99 8.25 -1.39
C ARG D 367 43.78 6.95 -1.37
N ALA D 368 44.98 6.94 -1.98
CA ALA D 368 45.81 5.72 -1.92
C ALA D 368 46.53 5.60 -0.59
N GLU D 369 46.88 6.72 0.04
CA GLU D 369 47.45 6.66 1.39
C GLU D 369 46.40 6.26 2.41
N GLU D 370 45.22 6.87 2.32
CA GLU D 370 44.16 6.56 3.28
C GLU D 370 43.80 5.08 3.26
N THR D 371 43.89 4.42 2.10
CA THR D 371 43.53 3.01 2.02
C THR D 371 44.49 2.16 2.86
N TYR D 372 45.80 2.36 2.70
CA TYR D 372 46.76 1.67 3.54
C TYR D 372 46.43 1.93 5.01
N TYR D 373 46.20 3.22 5.33
CA TYR D 373 45.81 3.62 6.67
C TYR D 373 44.69 2.76 7.25
N MET D 374 43.75 2.31 6.41
CA MET D 374 42.60 1.56 6.92
CA MET D 374 42.60 1.57 6.93
C MET D 374 42.92 0.09 7.15
N LEU D 375 43.73 -0.51 6.26
CA LEU D 375 44.16 -1.89 6.51
C LEU D 375 44.65 -2.07 7.95
N GLY D 376 45.29 -1.04 8.50
CA GLY D 376 45.77 -1.14 9.87
C GLY D 376 44.64 -1.04 10.88
N ALA D 377 43.66 -0.17 10.62
CA ALA D 377 42.49 -0.11 11.49
C ALA D 377 41.75 -1.45 11.49
N ILE D 378 41.69 -2.11 10.34
CA ILE D 378 40.95 -3.36 10.25
C ILE D 378 41.66 -4.47 11.01
N GLU D 379 42.99 -4.57 10.86
CA GLU D 379 43.73 -5.59 11.59
C GLU D 379 43.66 -5.35 13.09
N GLY D 380 43.67 -4.08 13.51
CA GLY D 380 43.49 -3.79 14.92
C GLY D 380 42.12 -4.18 15.43
N TRP D 381 41.13 -4.23 14.53
CA TRP D 381 39.78 -4.63 14.93
C TRP D 381 39.56 -6.14 14.83
N LEU D 382 40.17 -6.82 13.86
CA LEU D 382 40.08 -8.28 13.81
C LEU D 382 40.79 -8.94 14.99
N LYS D 383 41.70 -8.22 15.65
CA LYS D 383 42.26 -8.67 16.92
C LYS D 383 41.33 -8.31 18.07
N GLU D 384 40.68 -7.15 17.99
CA GLU D 384 39.87 -6.62 19.09
C GLU D 384 38.53 -7.35 19.22
N ILE D 385 37.90 -7.68 18.09
CA ILE D 385 36.62 -8.38 18.07
C ILE D 385 36.74 -9.67 18.88
N LYS D 386 35.66 -10.06 19.55
CA LYS D 386 35.61 -11.32 20.29
C LYS D 386 34.38 -12.10 19.86
N ALA D 387 34.60 -13.26 19.27
CA ALA D 387 33.51 -14.08 18.75
C ALA D 387 32.53 -14.44 19.87
N GLY D 388 31.25 -14.50 19.52
CA GLY D 388 30.22 -14.93 20.42
C GLY D 388 29.62 -13.84 21.30
N GLU D 389 30.32 -12.72 21.48
CA GLU D 389 29.80 -11.68 22.37
C GLU D 389 28.66 -10.90 21.72
N ASP D 390 27.70 -10.51 22.56
CA ASP D 390 26.48 -9.90 22.06
C ASP D 390 26.79 -8.54 21.44
N THR D 391 26.19 -8.29 20.27
CA THR D 391 26.47 -7.08 19.50
C THR D 391 25.33 -6.09 19.45
N VAL D 392 24.09 -6.51 19.77
CA VAL D 392 22.93 -5.67 19.59
C VAL D 392 22.15 -5.51 20.89
N VAL D 393 21.52 -4.36 21.02
CA VAL D 393 20.48 -4.10 22.02
C VAL D 393 19.22 -3.71 21.26
N MET D 394 18.07 -3.97 21.86
CA MET D 394 16.82 -3.80 21.11
C MET D 394 16.01 -2.65 21.72
N PRO D 395 16.38 -1.40 21.46
CA PRO D 395 15.73 -0.28 22.17
C PRO D 395 14.31 -0.06 21.65
N ALA D 396 13.60 0.83 22.35
CA ALA D 396 12.20 1.15 22.06
C ALA D 396 12.09 2.49 21.38
N VAL D 397 11.16 2.59 20.42
CA VAL D 397 10.98 3.82 19.65
C VAL D 397 10.46 4.93 20.57
N PRO D 398 11.20 6.04 20.75
CA PRO D 398 10.63 7.19 21.46
C PRO D 398 9.43 7.73 20.72
N ALA D 399 8.37 7.99 21.47
CA ALA D 399 7.30 8.80 20.92
C ALA D 399 7.87 10.07 20.32
N SER D 400 8.83 10.70 21.01
CA SER D 400 9.39 11.96 20.55
C SER D 400 10.85 12.06 20.98
N ALA D 401 11.74 12.25 20.01
CA ALA D 401 13.17 12.30 20.26
C ALA D 401 13.85 12.93 19.06
N GLU D 402 15.14 13.22 19.21
CA GLU D 402 15.94 13.77 18.11
C GLU D 402 17.37 13.28 18.26
N GLY D 403 18.03 13.09 17.12
CA GLY D 403 19.38 12.58 17.10
C GLY D 403 20.16 13.12 15.91
N THR D 404 21.47 12.91 15.96
CA THR D 404 22.36 13.38 14.90
C THR D 404 23.53 12.40 14.81
N GLY D 405 23.81 11.94 13.60
CA GLY D 405 24.88 10.99 13.37
C GLY D 405 25.94 11.55 12.47
N PHE D 406 27.20 11.53 12.91
CA PHE D 406 28.32 11.99 12.11
C PHE D 406 29.23 10.83 11.77
N THR D 407 29.75 10.82 10.56
CA THR D 407 30.76 9.86 10.16
C THR D 407 31.40 10.40 8.89
N GLU D 408 32.36 9.63 8.36
CA GLU D 408 33.07 10.00 7.15
C GLU D 408 32.85 8.90 6.12
N ALA D 409 31.99 9.17 5.14
CA ALA D 409 31.92 8.31 3.97
C ALA D 409 33.26 8.33 3.24
N PRO D 410 33.52 7.34 2.39
CA PRO D 410 34.76 7.32 1.62
C PRO D 410 35.06 8.64 0.93
N ARG D 411 34.03 9.42 0.61
CA ARG D 411 34.21 10.67 -0.12
C ARG D 411 34.17 11.88 0.79
N GLY D 412 33.93 11.70 2.09
CA GLY D 412 34.06 12.80 3.01
C GLY D 412 32.90 12.89 3.98
N SER D 413 32.79 14.08 4.57
CA SER D 413 31.90 14.32 5.70
C SER D 413 30.44 14.03 5.35
N LEU D 414 29.77 13.30 6.24
CA LEU D 414 28.36 12.94 6.11
C LEU D 414 27.69 13.13 7.45
N LEU D 415 26.46 13.64 7.46
CA LEU D 415 25.68 13.70 8.69
C LEU D 415 24.20 13.49 8.39
N HIS D 416 23.53 12.76 9.26
CA HIS D 416 22.08 12.60 9.27
C HIS D 416 21.52 13.20 10.56
N TYR D 417 20.46 13.99 10.44
CA TYR D 417 19.70 14.47 11.59
C TYR D 417 18.27 13.94 11.50
N VAL D 418 17.71 13.56 12.64
CA VAL D 418 16.38 12.97 12.71
C VAL D 418 15.59 13.63 13.83
N LYS D 419 14.32 13.94 13.55
CA LYS D 419 13.37 14.43 14.55
C LYS D 419 12.20 13.47 14.56
N VAL D 420 11.90 12.91 15.74
CA VAL D 420 10.81 11.97 15.89
C VAL D 420 9.66 12.69 16.56
N LYS D 421 8.44 12.31 16.18
CA LYS D 421 7.24 12.84 16.80
C LYS D 421 6.16 11.78 16.64
N ASP D 422 5.41 11.55 17.72
CA ASP D 422 4.45 10.44 17.75
C ASP D 422 5.11 9.13 17.31
N SER D 423 6.36 8.92 17.73
CA SER D 423 7.11 7.71 17.41
C SER D 423 7.34 7.55 15.91
N LYS D 424 7.18 8.63 15.15
CA LYS D 424 7.34 8.60 13.70
C LYS D 424 8.33 9.68 13.28
N ILE D 425 8.95 9.49 12.12
CA ILE D 425 9.89 10.48 11.62
C ILE D 425 9.11 11.74 11.26
N ASP D 426 9.46 12.85 11.90
CA ASP D 426 8.91 14.15 11.57
C ASP D 426 9.85 14.96 10.69
N ASN D 427 11.15 14.67 10.77
CA ASN D 427 12.13 15.36 9.95
C ASN D 427 13.40 14.54 9.91
N TYR D 428 14.02 14.48 8.74
CA TYR D 428 15.29 13.81 8.51
C TYR D 428 16.06 14.68 7.54
N GLN D 429 17.35 14.88 7.79
CA GLN D 429 18.12 15.75 6.91
C GLN D 429 19.54 15.22 6.78
N ILE D 430 20.09 15.39 5.59
CA ILE D 430 21.34 14.75 5.18
C ILE D 430 22.26 15.80 4.58
N VAL D 431 23.47 15.87 5.09
CA VAL D 431 24.55 16.68 4.53
C VAL D 431 25.69 15.71 4.28
N SER D 432 25.96 15.43 3.01
CA SER D 432 26.74 14.28 2.59
C SER D 432 28.03 14.74 1.92
N ALA D 433 28.93 13.80 1.69
CA ALA D 433 30.29 14.14 1.26
C ALA D 433 30.31 14.88 -0.07
N SER D 434 29.90 14.20 -1.14
CA SER D 434 29.84 14.81 -2.47
C SER D 434 28.96 16.04 -2.50
N LEU D 435 28.23 16.32 -1.42
CA LEU D 435 27.48 17.56 -1.31
C LEU D 435 28.39 18.73 -0.92
N TRP D 436 29.51 18.42 -0.27
CA TRP D 436 30.47 19.44 0.11
C TRP D 436 31.33 19.88 -1.08
N ASN D 437 31.47 19.03 -2.09
CA ASN D 437 32.33 19.25 -3.23
C ASN D 437 31.60 19.79 -4.44
N CYS D 438 30.47 19.17 -4.79
CA CYS D 438 29.84 19.36 -6.09
C CYS D 438 28.66 20.32 -6.04
N ASN D 439 28.61 21.16 -5.01
CA ASN D 439 27.48 22.07 -4.85
C ASN D 439 27.68 23.32 -5.70
N PRO D 440 26.59 24.00 -6.07
CA PRO D 440 26.72 25.24 -6.83
C PRO D 440 27.16 26.41 -5.96
N ARG D 441 27.13 27.61 -6.53
CA ARG D 441 27.41 28.80 -5.73
C ARG D 441 26.40 28.89 -4.59
N ASP D 442 26.83 29.49 -3.49
CA ASP D 442 25.90 29.79 -2.39
C ASP D 442 25.18 31.09 -2.74
N ASP D 443 24.46 31.65 -1.78
CA ASP D 443 23.71 32.88 -2.06
C ASP D 443 24.66 34.04 -2.32
N MET D 444 25.83 34.04 -1.67
CA MET D 444 26.88 35.02 -1.89
C MET D 444 27.60 34.85 -3.22
N GLY D 445 27.20 33.91 -4.07
CA GLY D 445 27.96 33.63 -5.27
C GLY D 445 29.27 32.90 -5.06
N GLN D 446 29.60 32.52 -3.83
CA GLN D 446 30.83 31.79 -3.57
C GLN D 446 30.75 30.41 -4.21
N ARG D 447 31.77 30.05 -4.98
CA ARG D 447 31.73 28.81 -5.75
C ARG D 447 31.87 27.60 -4.84
N GLY D 448 31.27 26.49 -5.26
CA GLY D 448 31.52 25.22 -4.61
C GLY D 448 32.98 24.82 -4.73
N ALA D 449 33.40 23.92 -3.84
CA ALA D 449 34.82 23.61 -3.72
C ALA D 449 35.40 23.10 -5.03
N VAL D 450 34.65 22.28 -5.78
CA VAL D 450 35.18 21.78 -7.04
C VAL D 450 35.11 22.85 -8.11
N GLU D 451 33.95 23.50 -8.25
CA GLU D 451 33.83 24.65 -9.15
C GLU D 451 35.06 25.53 -9.08
N GLU D 452 35.52 25.81 -7.85
CA GLU D 452 36.73 26.60 -7.68
C GLU D 452 37.96 25.83 -8.16
N ALA D 453 38.12 24.58 -7.71
CA ALA D 453 39.29 23.78 -8.08
C ALA D 453 39.49 23.75 -9.59
N LEU D 454 38.41 23.90 -10.37
CA LEU D 454 38.53 23.83 -11.82
C LEU D 454 39.19 25.07 -12.41
N ILE D 455 39.17 26.19 -11.69
CA ILE D 455 39.77 27.42 -12.20
C ILE D 455 41.25 27.18 -12.45
N GLY D 456 41.70 27.53 -13.64
CA GLY D 456 43.09 27.37 -14.01
C GLY D 456 43.45 26.01 -14.56
N ILE D 457 42.47 25.18 -14.88
CA ILE D 457 42.76 23.85 -15.43
C ILE D 457 43.14 24.01 -16.90
N PRO D 458 44.27 23.45 -17.34
CA PRO D 458 44.63 23.56 -18.76
C PRO D 458 43.60 22.87 -19.65
N VAL D 459 42.98 23.65 -20.52
CA VAL D 459 42.19 23.11 -21.62
C VAL D 459 42.87 23.58 -22.90
N ASP D 460 44.15 23.24 -23.03
CA ASP D 460 44.88 23.45 -24.27
C ASP D 460 44.05 23.00 -25.47
N ASP D 461 43.25 21.95 -25.30
CA ASP D 461 42.53 21.31 -26.40
C ASP D 461 41.03 21.37 -26.12
N ILE D 462 40.38 22.39 -26.71
CA ILE D 462 38.93 22.56 -26.56
C ILE D 462 38.20 21.32 -27.03
N GLN D 463 38.76 20.61 -28.02
CA GLN D 463 38.13 19.40 -28.53
C GLN D 463 38.15 18.28 -27.50
N ASN D 464 39.29 18.07 -26.84
CA ASN D 464 39.47 16.99 -25.89
C ASN D 464 39.70 17.57 -24.49
N PRO D 465 38.66 18.08 -23.84
CA PRO D 465 38.85 18.67 -22.51
C PRO D 465 39.08 17.61 -21.46
N VAL D 466 40.13 16.80 -21.66
CA VAL D 466 40.39 15.65 -20.79
C VAL D 466 40.75 16.08 -19.37
N ASN D 467 41.25 17.31 -19.19
CA ASN D 467 41.67 17.73 -17.86
C ASN D 467 40.51 18.22 -17.03
N VAL D 468 39.53 18.86 -17.67
CA VAL D 468 38.28 19.23 -16.99
C VAL D 468 37.72 18.06 -16.22
N ALA D 469 37.52 16.93 -16.90
CA ALA D 469 36.95 15.75 -16.26
C ALA D 469 37.95 15.00 -15.41
N ARG D 470 39.25 15.17 -15.66
CA ARG D 470 40.24 14.54 -14.79
C ARG D 470 40.26 15.21 -13.42
N LEU D 471 40.14 16.54 -13.38
CA LEU D 471 40.09 17.20 -12.09
C LEU D 471 38.89 16.73 -11.30
N ILE D 472 37.71 16.80 -11.91
CA ILE D 472 36.48 16.38 -11.27
C ILE D 472 36.65 15.00 -10.66
N ARG D 473 37.14 14.04 -11.45
CA ARG D 473 37.28 12.67 -10.97
C ARG D 473 38.18 12.59 -9.74
N ALA D 474 39.13 13.51 -9.59
CA ALA D 474 39.99 13.49 -8.41
C ALA D 474 39.17 13.58 -7.12
N PHE D 475 37.97 14.14 -7.18
CA PHE D 475 37.14 14.34 -6.01
C PHE D 475 36.24 13.15 -5.69
N ASP D 476 36.11 12.19 -6.60
CA ASP D 476 35.32 11.00 -6.33
C ASP D 476 33.86 11.43 -6.18
N PRO D 477 33.31 12.16 -7.15
CA PRO D 477 31.95 12.68 -6.95
C PRO D 477 30.87 11.61 -7.06
N SEC D 478 29.89 11.61 -6.15
N SEC D 478 29.87 11.75 -6.20
N SEC D 478 29.86 11.72 -6.22
CA SEC D 478 28.72 10.77 -6.40
CA SEC D 478 28.71 10.89 -6.11
CA SEC D 478 28.72 10.81 -6.23
C SEC D 478 27.49 11.60 -6.15
C SEC D 478 27.48 11.73 -6.09
C SEC D 478 27.45 11.62 -6.11
N LEU D 479 26.94 12.09 -7.26
CA LEU D 479 25.85 13.06 -7.27
C LEU D 479 24.54 12.54 -6.69
N ALA D 480 24.44 11.23 -6.51
CA ALA D 480 23.34 10.70 -5.72
C ALA D 480 23.48 11.13 -4.26
N CYS D 481 24.69 11.04 -3.72
CA CYS D 481 24.94 11.51 -2.37
C CYS D 481 24.78 13.02 -2.27
N ALA D 482 25.16 13.75 -3.32
CA ALA D 482 24.97 15.19 -3.33
C ALA D 482 23.49 15.56 -3.21
N VAL D 483 22.66 15.00 -4.09
CA VAL D 483 21.27 15.41 -4.16
C VAL D 483 20.43 14.68 -3.13
N HIS D 484 20.57 13.35 -3.07
CA HIS D 484 19.59 12.48 -2.42
C HIS D 484 18.17 12.99 -2.61
#